data_7SR6
#
_entry.id   7SR6
#
_cell.length_a   177.697
_cell.length_b   177.697
_cell.length_c   117.414
_cell.angle_alpha   90.000
_cell.angle_beta   90.000
_cell.angle_gamma   120.000
#
_symmetry.space_group_name_H-M   'P 31'
#
loop_
_entity.id
_entity.type
_entity.pdbx_description
1 polymer Polymerase
2 polymer "DNA (5'-D(P*GP*GP*GP*AP*CP*CP*TP*GP*AP*AP*AP*GP*CP*GP*AP*AP*AP*GP*GP*GP*AP*AP*A)-3')"
3 polymer "DNA (5'-D(P*TP*TP*TP*CP*CP*CP*TP*TP*TP*CP*GP*CP*TP*TP*TP*CP*AP*GP*GP*T)-3')"
4 non-polymer 'MAGNESIUM ION'
5 non-polymer "2'-DEOXYCYTIDINE-5'-TRIPHOSPHATE"
6 non-polymer '1,4-DIETHYLENE DIOXIDE'
7 non-polymer 1,2-ETHANEDIOL
8 non-polymer 'POTASSIUM ION'
9 non-polymer 1-(2-METHOXY-ETHOXY)-2-{2-[2-(2-METHOXY-ETHOXY]-ETHOXY}-ETHANE
10 non-polymer "THYMIDINE-5'-TRIPHOSPHATE"
11 non-polymer 'CHLORIDE ION'
12 water water
#
loop_
_entity_poly.entity_id
_entity_poly.type
_entity_poly.pdbx_seq_one_letter_code
_entity_poly.pdbx_strand_id
1 'polypeptide(L)'
;MAHHHHHHDYDIPTTENLYFQGKSRKRRNRVSFLGAATVEPPKPIPLTWKTEKPVWVNQWPLPKQKLEALHLLANEQLEK
GHIEPSFSPWNSPVFVIQKKSGKWRMLTDLRAVNALIQPMGPLQPGLPSPAMIPKDWPLIIIDLKDCFFTIPLAEQDCEK
FAFTIPAINNKEPATRFQWKVLPQGMLNSPTICQTFVGRALQPVREKFSDCYIIHYIDDILCAAETKDKLIDCYTFLQAE
VANAGLAIASDKIQTSTPFHYLGMQIENRKIKPQKIEIRKDTLKTLNDFQKLLGDINWIRPTLGIPTYAMSNLFSILRGD
SDLNSKRILTPEATKEIKLVEEKIQSAQINRIGPLAPLQLLIFATAHSPTGIIIQNTDLVEWSFLPHSTVKTFTLYLDQI
ATLIGQTRLRITKLCGNDPDKIVVPLTKEQVRQAFINSGAWQIGLANFVGIIDNHYPKTKIFQFLKLTTWILPKITRCEP
LENALTVFTDGSSNGKAAYTGPKERVIKTPYQSAQRAELVAVITVLQDFDQPINIISDSAYVVQATRDVETALIKYSMDD
QLNQLFNLLQQTVRKRNFPFYITHIRAHTNLPGPLTKANEQADLLVSSALIKAQELHA
;
A,B,F,G
2 'polydeoxyribonucleotide'
;(DG)(DG)(DG)(DA)(DC)(DC)(DT)(DG)(DA)(DA)(DA)(DG)(DC)(DG)(DA)(DA)(DA)(DG)(DG)(DG)
(DA)(DA)(DA)(DC)
;
D,H
3 'polydeoxyribonucleotide'
;(DG)(DT)(DT)(DT)(DC)(DC)(DC)(DT)(DT)(DT)(DC)(DG)(DC)(DT)(DT)(DT)(DC)(DA)(DG)(DG)
(DT)
;
E,I
#
loop_
_chem_comp.id
_chem_comp.type
_chem_comp.name
_chem_comp.formula
CL non-polymer 'CHLORIDE ION' 'Cl -1'
DA DNA linking 2'-DEOXYADENOSINE-5'-MONOPHOSPHATE 'C10 H14 N5 O6 P'
DC DNA linking 2'-DEOXYCYTIDINE-5'-MONOPHOSPHATE 'C9 H14 N3 O7 P'
DCP non-polymer 2'-DEOXYCYTIDINE-5'-TRIPHOSPHATE 'C9 H16 N3 O13 P3'
DG DNA linking 2'-DEOXYGUANOSINE-5'-MONOPHOSPHATE 'C10 H14 N5 O7 P'
DIO non-polymer '1,4-DIETHYLENE DIOXIDE' 'C4 H8 O2'
DT DNA linking THYMIDINE-5'-MONOPHOSPHATE 'C10 H15 N2 O8 P'
EDO non-polymer 1,2-ETHANEDIOL 'C2 H6 O2'
K non-polymer 'POTASSIUM ION' 'K 1'
MG non-polymer 'MAGNESIUM ION' 'Mg 2'
PG6 non-polymer 1-(2-METHOXY-ETHOXY)-2-{2-[2-(2-METHOXY-ETHOXY]-ETHOXY}-ETHANE 'C12 H26 O6'
TTP non-polymer THYMIDINE-5'-TRIPHOSPHATE 'C10 H17 N2 O14 P3'
#
# COMPACT_ATOMS: atom_id res chain seq x y z
N LYS A 43 -26.76 9.47 -60.00
CA LYS A 43 -25.57 8.60 -60.29
C LYS A 43 -25.49 7.52 -59.23
N PRO A 44 -25.18 6.25 -59.60
CA PRO A 44 -25.29 5.12 -58.68
C PRO A 44 -24.00 4.95 -57.87
N ILE A 45 -24.04 4.08 -56.85
CA ILE A 45 -23.02 3.99 -55.78
C ILE A 45 -21.87 3.09 -56.26
N PRO A 46 -20.63 3.61 -56.43
CA PRO A 46 -19.49 2.77 -56.83
C PRO A 46 -18.93 1.96 -55.65
N LEU A 47 -18.26 0.85 -55.94
CA LEU A 47 -17.61 0.00 -54.90
C LEU A 47 -16.22 0.58 -54.64
N THR A 48 -15.67 0.37 -53.44
CA THR A 48 -14.25 0.63 -53.11
C THR A 48 -13.51 -0.71 -53.11
N TRP A 49 -12.44 -0.84 -53.90
CA TRP A 49 -11.66 -2.10 -54.07
C TRP A 49 -10.36 -1.94 -53.28
N LYS A 50 -9.94 -2.98 -52.56
CA LYS A 50 -8.66 -2.97 -51.82
C LYS A 50 -7.50 -3.07 -52.82
N THR A 51 -7.64 -3.95 -53.81
CA THR A 51 -6.54 -4.45 -54.70
C THR A 51 -7.09 -4.61 -56.13
N GLU A 52 -6.25 -4.44 -57.16
CA GLU A 52 -6.74 -4.48 -58.55
C GLU A 52 -6.29 -5.78 -59.21
N LYS A 53 -5.52 -6.60 -58.48
CA LYS A 53 -5.05 -7.92 -58.99
C LYS A 53 -6.28 -8.80 -59.24
N PRO A 54 -6.59 -9.21 -60.49
CA PRO A 54 -7.82 -9.96 -60.73
C PRO A 54 -7.59 -11.38 -60.17
N VAL A 55 -8.70 -12.02 -59.80
CA VAL A 55 -8.72 -13.42 -59.30
C VAL A 55 -9.63 -14.25 -60.22
N TRP A 56 -9.18 -15.45 -60.58
CA TRP A 56 -9.89 -16.39 -61.47
C TRP A 56 -10.33 -17.61 -60.64
N VAL A 57 -11.61 -17.76 -60.36
CA VAL A 57 -12.12 -19.02 -59.75
C VAL A 57 -12.88 -19.81 -60.81
N ASN A 58 -12.41 -21.02 -61.11
CA ASN A 58 -12.91 -21.93 -62.17
C ASN A 58 -14.42 -22.13 -62.00
N GLN A 59 -15.15 -22.10 -63.10
CA GLN A 59 -16.58 -22.50 -63.11
C GLN A 59 -16.66 -24.00 -62.81
N TRP A 60 -17.66 -24.45 -62.06
CA TRP A 60 -17.81 -25.90 -61.75
C TRP A 60 -18.99 -26.48 -62.51
N PRO A 61 -19.05 -27.83 -62.64
CA PRO A 61 -20.13 -28.49 -63.37
C PRO A 61 -21.51 -28.32 -62.74
N LEU A 62 -22.55 -28.42 -63.56
CA LEU A 62 -23.97 -28.34 -63.11
C LEU A 62 -24.73 -29.53 -63.66
N PRO A 63 -25.78 -30.06 -62.98
CA PRO A 63 -26.61 -31.12 -63.54
C PRO A 63 -27.58 -30.57 -64.59
N LYS A 64 -27.96 -31.41 -65.55
CA LYS A 64 -28.74 -30.99 -66.75
C LYS A 64 -29.86 -30.04 -66.32
N GLN A 65 -30.71 -30.46 -65.38
CA GLN A 65 -31.91 -29.69 -65.01
C GLN A 65 -31.46 -28.30 -64.56
N LYS A 66 -30.44 -28.24 -63.70
CA LYS A 66 -29.98 -26.96 -63.11
C LYS A 66 -29.31 -26.15 -64.23
N LEU A 67 -28.53 -26.80 -65.08
CA LEU A 67 -27.83 -26.10 -66.19
C LEU A 67 -28.86 -25.44 -67.11
N GLU A 68 -29.96 -26.13 -67.42
CA GLU A 68 -31.02 -25.59 -68.32
C GLU A 68 -31.55 -24.32 -67.68
N ALA A 69 -31.86 -24.42 -66.39
CA ALA A 69 -32.42 -23.32 -65.56
C ALA A 69 -31.42 -22.16 -65.62
N LEU A 70 -30.13 -22.47 -65.42
CA LEU A 70 -29.07 -21.44 -65.48
C LEU A 70 -29.17 -20.78 -66.86
N HIS A 71 -29.17 -21.61 -67.92
CA HIS A 71 -29.23 -21.09 -69.31
C HIS A 71 -30.51 -20.26 -69.44
N LEU A 72 -31.63 -20.78 -68.96
CA LEU A 72 -32.94 -20.12 -69.13
C LEU A 72 -32.85 -18.70 -68.55
N LEU A 73 -32.40 -18.59 -67.30
CA LEU A 73 -32.32 -17.28 -66.58
C LEU A 73 -31.23 -16.42 -67.22
N ALA A 74 -30.06 -17.02 -67.51
CA ALA A 74 -28.89 -16.25 -67.98
C ALA A 74 -29.24 -15.54 -69.29
N ASN A 75 -29.95 -16.22 -70.19
CA ASN A 75 -30.25 -15.62 -71.52
C ASN A 75 -31.27 -14.49 -71.32
N GLU A 76 -32.24 -14.68 -70.44
CA GLU A 76 -33.32 -13.68 -70.19
C GLU A 76 -32.65 -12.40 -69.68
N GLN A 77 -31.64 -12.51 -68.81
CA GLN A 77 -30.98 -11.30 -68.25
C GLN A 77 -30.29 -10.59 -69.42
N LEU A 78 -29.65 -11.40 -70.29
CA LEU A 78 -29.00 -10.88 -71.53
C LEU A 78 -30.04 -10.03 -72.27
N GLU A 79 -31.19 -10.63 -72.58
CA GLU A 79 -32.32 -10.00 -73.31
C GLU A 79 -32.65 -8.65 -72.66
N LYS A 80 -32.58 -8.57 -71.33
CA LYS A 80 -33.01 -7.37 -70.59
C LYS A 80 -31.87 -6.36 -70.55
N GLY A 81 -30.65 -6.80 -70.91
CA GLY A 81 -29.45 -5.96 -70.92
C GLY A 81 -28.88 -5.79 -69.53
N HIS A 82 -29.21 -6.73 -68.66
CA HIS A 82 -28.73 -6.75 -67.25
C HIS A 82 -27.32 -7.36 -67.21
N ILE A 83 -27.02 -8.27 -68.13
CA ILE A 83 -25.65 -8.85 -68.29
C ILE A 83 -25.16 -8.58 -69.72
N GLU A 84 -23.83 -8.66 -69.90
CA GLU A 84 -23.17 -8.37 -71.20
C GLU A 84 -22.00 -9.34 -71.41
N PRO A 85 -21.66 -9.67 -72.68
CA PRO A 85 -20.50 -10.53 -72.99
C PRO A 85 -19.22 -10.02 -72.34
N SER A 86 -18.32 -10.90 -71.88
CA SER A 86 -17.15 -10.49 -71.05
C SER A 86 -15.84 -11.00 -71.64
N PHE A 87 -14.79 -10.19 -71.45
CA PHE A 87 -13.40 -10.40 -71.91
C PHE A 87 -12.49 -10.19 -70.71
N SER A 88 -13.07 -10.16 -69.50
CA SER A 88 -12.40 -9.83 -68.21
C SER A 88 -11.51 -10.98 -67.77
N PRO A 89 -10.31 -10.68 -67.25
CA PRO A 89 -9.45 -11.68 -66.59
C PRO A 89 -9.90 -12.07 -65.17
N TRP A 90 -11.01 -11.51 -64.68
CA TRP A 90 -11.76 -11.97 -63.48
C TRP A 90 -12.78 -13.03 -63.88
N ASN A 91 -12.94 -14.09 -63.09
CA ASN A 91 -14.09 -15.03 -63.24
C ASN A 91 -14.59 -15.49 -61.86
N SER A 92 -15.90 -15.41 -61.64
CA SER A 92 -16.57 -16.00 -60.46
C SER A 92 -17.54 -17.07 -60.92
N PRO A 93 -17.65 -18.19 -60.17
CA PRO A 93 -18.65 -19.21 -60.45
C PRO A 93 -20.07 -18.63 -60.40
N VAL A 94 -20.99 -19.25 -61.13
CA VAL A 94 -22.44 -18.94 -61.02
C VAL A 94 -23.20 -20.26 -60.95
N PHE A 95 -24.35 -20.24 -60.29
CA PHE A 95 -25.17 -21.45 -60.06
C PHE A 95 -26.59 -20.97 -59.79
N VAL A 96 -27.48 -21.91 -59.52
CA VAL A 96 -28.92 -21.62 -59.33
C VAL A 96 -29.34 -22.28 -58.03
N ILE A 97 -30.34 -21.71 -57.39
CA ILE A 97 -31.15 -22.42 -56.37
C ILE A 97 -32.62 -22.12 -56.63
N GLN A 98 -33.48 -22.97 -56.09
CA GLN A 98 -34.97 -22.86 -56.08
C GLN A 98 -35.39 -21.61 -55.30
N LYS A 99 -36.28 -20.78 -55.87
CA LYS A 99 -37.10 -19.80 -55.12
C LYS A 99 -38.29 -20.52 -54.47
N LYS A 100 -39.07 -19.80 -53.64
CA LYS A 100 -40.40 -20.26 -53.15
C LYS A 100 -41.42 -20.21 -54.28
N SER A 101 -41.26 -19.27 -55.23
CA SER A 101 -41.96 -19.23 -56.55
C SER A 101 -42.05 -20.64 -57.13
N GLY A 102 -40.98 -21.41 -57.05
CA GLY A 102 -40.74 -22.61 -57.88
C GLY A 102 -39.77 -22.33 -59.02
N LYS A 103 -39.67 -21.06 -59.43
CA LYS A 103 -38.63 -20.47 -60.31
C LYS A 103 -37.26 -20.65 -59.65
N TRP A 104 -36.20 -20.43 -60.44
CA TRP A 104 -34.81 -20.47 -59.96
C TRP A 104 -34.23 -19.05 -59.85
N ARG A 105 -33.14 -18.98 -59.11
CA ARG A 105 -32.41 -17.74 -58.74
C ARG A 105 -30.99 -17.87 -59.29
N MET A 106 -30.49 -16.88 -60.05
CA MET A 106 -29.10 -16.89 -60.57
C MET A 106 -28.20 -16.27 -59.50
N LEU A 107 -27.29 -17.07 -58.92
CA LEU A 107 -26.38 -16.59 -57.87
C LEU A 107 -24.97 -16.58 -58.45
N THR A 108 -24.13 -15.74 -57.89
CA THR A 108 -22.68 -15.63 -58.22
C THR A 108 -21.88 -15.92 -56.95
N ASP A 109 -21.04 -16.95 -56.93
CA ASP A 109 -20.24 -17.30 -55.72
C ASP A 109 -19.05 -16.34 -55.67
N LEU A 110 -19.18 -15.23 -54.96
CA LEU A 110 -18.29 -14.06 -55.08
C LEU A 110 -17.42 -13.95 -53.82
N ARG A 111 -17.19 -15.07 -53.13
CA ARG A 111 -16.39 -15.08 -51.87
C ARG A 111 -15.03 -14.39 -52.08
N ALA A 112 -14.26 -14.81 -53.09
CA ALA A 112 -12.89 -14.32 -53.29
C ALA A 112 -12.94 -12.85 -53.72
N VAL A 113 -13.92 -12.49 -54.55
CA VAL A 113 -14.09 -11.08 -55.01
C VAL A 113 -14.58 -10.20 -53.86
N ASN A 114 -15.51 -10.68 -53.03
CA ASN A 114 -16.07 -9.90 -51.90
C ASN A 114 -14.95 -9.55 -50.90
N ALA A 115 -13.97 -10.45 -50.72
CA ALA A 115 -12.84 -10.30 -49.79
C ALA A 115 -11.96 -9.10 -50.19
N LEU A 116 -12.19 -8.50 -51.36
CA LEU A 116 -11.35 -7.41 -51.92
C LEU A 116 -12.17 -6.12 -51.96
N ILE A 117 -13.44 -6.20 -51.55
CA ILE A 117 -14.38 -5.03 -51.55
C ILE A 117 -14.53 -4.53 -50.11
N GLN A 118 -14.34 -3.23 -49.88
CA GLN A 118 -14.62 -2.58 -48.57
C GLN A 118 -16.10 -2.77 -48.24
N PRO A 119 -16.43 -3.38 -47.08
CA PRO A 119 -17.81 -3.43 -46.61
C PRO A 119 -18.39 -2.02 -46.52
N MET A 120 -19.68 -1.91 -46.83
CA MET A 120 -20.54 -0.76 -46.46
C MET A 120 -21.24 -1.06 -45.14
N GLY A 121 -21.73 -0.03 -44.46
CA GLY A 121 -22.51 -0.20 -43.21
C GLY A 121 -23.92 -0.75 -43.45
N PRO A 122 -24.40 -1.72 -42.62
CA PRO A 122 -25.79 -2.16 -42.64
C PRO A 122 -26.80 -1.06 -42.29
N LEU A 123 -28.05 -1.23 -42.70
CA LEU A 123 -29.09 -0.19 -42.65
C LEU A 123 -30.38 -0.67 -41.97
N GLN A 124 -30.55 -1.96 -41.69
CA GLN A 124 -31.86 -2.41 -41.14
C GLN A 124 -31.62 -3.56 -40.18
N PRO A 125 -31.35 -3.27 -38.90
CA PRO A 125 -31.06 -4.30 -37.90
C PRO A 125 -32.31 -4.95 -37.31
N GLY A 126 -32.83 -5.97 -38.02
CA GLY A 126 -34.03 -6.72 -37.64
C GLY A 126 -35.27 -6.31 -38.43
N LEU A 127 -36.30 -7.15 -38.33
CA LEU A 127 -37.60 -7.04 -39.03
C LEU A 127 -38.46 -5.94 -38.42
N PRO A 128 -39.21 -5.20 -39.27
CA PRO A 128 -40.31 -4.36 -38.83
C PRO A 128 -41.33 -5.30 -38.20
N SER A 129 -42.11 -4.80 -37.23
CA SER A 129 -43.26 -5.52 -36.65
C SER A 129 -44.58 -5.07 -37.30
N PRO A 130 -45.40 -6.03 -37.78
CA PRO A 130 -46.66 -5.73 -38.44
C PRO A 130 -47.65 -5.13 -37.45
N ALA A 131 -47.56 -5.50 -36.17
CA ALA A 131 -48.43 -5.01 -35.08
C ALA A 131 -48.50 -3.47 -35.13
N MET A 132 -47.51 -2.77 -35.65
CA MET A 132 -47.55 -1.29 -35.63
C MET A 132 -48.31 -0.77 -36.85
N ILE A 133 -48.74 -1.64 -37.75
CA ILE A 133 -49.65 -1.23 -38.87
C ILE A 133 -51.02 -0.99 -38.25
N PRO A 134 -51.52 0.27 -38.31
CA PRO A 134 -52.73 0.66 -37.60
C PRO A 134 -53.92 -0.22 -37.97
N LYS A 135 -54.56 -0.79 -36.96
CA LYS A 135 -55.60 -1.83 -37.10
C LYS A 135 -56.75 -1.31 -37.98
N ASP A 136 -57.34 -2.21 -38.78
CA ASP A 136 -58.56 -1.97 -39.59
C ASP A 136 -58.23 -0.99 -40.71
N TRP A 137 -56.97 -0.94 -41.14
CA TRP A 137 -56.51 -0.01 -42.18
C TRP A 137 -56.35 -0.85 -43.44
N PRO A 138 -57.01 -0.51 -44.57
CA PRO A 138 -56.76 -1.24 -45.81
C PRO A 138 -55.29 -1.05 -46.21
N LEU A 139 -54.67 -2.11 -46.76
CA LEU A 139 -53.23 -2.15 -47.11
C LEU A 139 -53.01 -3.06 -48.33
N ILE A 140 -51.91 -2.79 -49.02
CA ILE A 140 -51.46 -3.50 -50.25
C ILE A 140 -50.03 -3.96 -49.99
N ILE A 141 -49.66 -5.16 -50.46
CA ILE A 141 -48.28 -5.71 -50.34
C ILE A 141 -47.67 -5.86 -51.74
N ILE A 142 -46.51 -5.25 -51.96
CA ILE A 142 -45.82 -5.17 -53.28
C ILE A 142 -44.50 -5.93 -53.13
N ASP A 143 -44.06 -6.66 -54.13
CA ASP A 143 -42.73 -7.32 -54.08
C ASP A 143 -42.11 -7.09 -55.45
N LEU A 144 -41.07 -6.27 -55.56
CA LEU A 144 -40.46 -5.91 -56.88
C LEU A 144 -39.90 -7.16 -57.57
N LYS A 145 -39.96 -7.17 -58.90
CA LYS A 145 -39.52 -8.31 -59.77
C LYS A 145 -38.04 -8.13 -60.12
N ASP A 146 -37.24 -9.19 -59.88
CA ASP A 146 -35.77 -9.32 -60.04
C ASP A 146 -35.12 -7.99 -59.66
N CYS A 147 -35.26 -7.65 -58.38
CA CYS A 147 -34.83 -6.39 -57.74
C CYS A 147 -33.36 -6.07 -58.05
N PHE A 148 -32.45 -6.95 -57.67
CA PHE A 148 -31.00 -6.65 -57.72
C PHE A 148 -30.61 -6.36 -59.17
N PHE A 149 -31.17 -7.09 -60.11
CA PHE A 149 -30.84 -7.05 -61.55
C PHE A 149 -31.38 -5.77 -62.21
N THR A 150 -32.35 -5.08 -61.59
CA THR A 150 -32.92 -3.82 -62.13
C THR A 150 -32.10 -2.62 -61.64
N ILE A 151 -31.16 -2.82 -60.74
CA ILE A 151 -30.38 -1.67 -60.17
C ILE A 151 -29.03 -1.67 -60.87
N PRO A 152 -28.66 -0.63 -61.64
CA PRO A 152 -27.35 -0.56 -62.29
C PRO A 152 -26.15 -0.47 -61.33
N LEU A 153 -25.09 -1.18 -61.74
CA LEU A 153 -23.70 -1.18 -61.24
C LEU A 153 -22.96 0.01 -61.89
N ALA A 154 -22.03 0.65 -61.17
CA ALA A 154 -21.12 1.67 -61.74
C ALA A 154 -20.23 1.03 -62.82
N GLU A 155 -20.07 1.70 -63.97
CA GLU A 155 -19.58 1.10 -65.25
C GLU A 155 -18.34 0.26 -64.97
N GLN A 156 -17.39 0.84 -64.22
CA GLN A 156 -16.03 0.32 -63.96
C GLN A 156 -16.08 -0.95 -63.11
N ASP A 157 -17.12 -1.20 -62.31
CA ASP A 157 -17.13 -2.40 -61.42
C ASP A 157 -17.57 -3.63 -62.22
N CYS A 158 -18.28 -3.47 -63.34
CA CYS A 158 -18.90 -4.62 -64.07
C CYS A 158 -17.86 -5.67 -64.47
N GLU A 159 -16.63 -5.26 -64.74
CA GLU A 159 -15.55 -6.16 -65.23
C GLU A 159 -15.24 -7.22 -64.16
N LYS A 160 -15.47 -6.90 -62.89
CA LYS A 160 -15.05 -7.73 -61.74
C LYS A 160 -16.08 -8.85 -61.51
N PHE A 161 -17.33 -8.67 -61.94
CA PHE A 161 -18.45 -9.64 -61.79
C PHE A 161 -18.71 -10.39 -63.10
N ALA A 162 -17.63 -11.01 -63.61
CA ALA A 162 -17.55 -11.80 -64.86
C ALA A 162 -17.67 -13.29 -64.54
N PHE A 163 -18.25 -14.07 -65.45
CA PHE A 163 -18.54 -15.49 -65.17
C PHE A 163 -18.58 -16.27 -66.48
N THR A 164 -18.60 -17.59 -66.34
CA THR A 164 -18.57 -18.59 -67.44
C THR A 164 -19.85 -19.41 -67.36
N ILE A 165 -20.65 -19.49 -68.43
CA ILE A 165 -21.83 -20.39 -68.48
C ILE A 165 -21.39 -21.63 -69.26
N PRO A 166 -21.31 -22.84 -68.65
CA PRO A 166 -21.10 -24.05 -69.43
C PRO A 166 -22.15 -24.29 -70.51
N ALA A 167 -21.76 -25.18 -71.41
CA ALA A 167 -22.54 -25.59 -72.59
C ALA A 167 -23.55 -26.65 -72.18
N ILE A 168 -24.75 -26.59 -72.75
CA ILE A 168 -25.71 -27.69 -72.47
C ILE A 168 -24.97 -29.00 -72.75
N ASN A 169 -24.01 -28.99 -73.69
CA ASN A 169 -23.27 -30.18 -74.16
C ASN A 169 -21.84 -30.15 -73.60
N ASN A 170 -21.42 -31.29 -73.06
CA ASN A 170 -20.11 -31.51 -72.41
C ASN A 170 -19.02 -31.59 -73.48
N LYS A 171 -19.43 -31.57 -74.75
CA LYS A 171 -18.56 -31.66 -75.95
C LYS A 171 -18.36 -30.27 -76.57
N GLU A 172 -19.07 -29.25 -76.10
CA GLU A 172 -19.18 -27.91 -76.76
C GLU A 172 -18.64 -26.85 -75.81
N PRO A 173 -18.14 -25.70 -76.29
CA PRO A 173 -17.49 -24.70 -75.44
C PRO A 173 -18.38 -23.70 -74.68
N ALA A 174 -17.84 -23.12 -73.60
CA ALA A 174 -18.57 -22.24 -72.65
C ALA A 174 -18.63 -20.79 -73.15
N THR A 175 -19.73 -20.09 -72.79
CA THR A 175 -19.99 -18.66 -73.19
C THR A 175 -19.86 -17.77 -71.95
N ARG A 176 -19.14 -16.64 -72.05
CA ARG A 176 -18.70 -15.81 -70.89
C ARG A 176 -19.38 -14.45 -70.90
N PHE A 177 -19.87 -13.99 -69.74
CA PHE A 177 -20.69 -12.76 -69.54
C PHE A 177 -20.23 -12.01 -68.29
N GLN A 178 -20.76 -10.82 -68.09
CA GLN A 178 -20.55 -10.07 -66.83
C GLN A 178 -21.85 -9.40 -66.46
N TRP A 179 -21.98 -9.10 -65.16
CA TRP A 179 -23.09 -8.34 -64.51
C TRP A 179 -22.92 -6.85 -64.79
N LYS A 180 -23.99 -6.19 -65.25
CA LYS A 180 -24.07 -4.70 -65.27
C LYS A 180 -24.97 -4.22 -64.11
N VAL A 181 -25.55 -5.16 -63.38
CA VAL A 181 -26.52 -4.92 -62.28
C VAL A 181 -26.05 -5.71 -61.06
N LEU A 182 -26.60 -5.33 -59.90
CA LEU A 182 -26.27 -5.87 -58.55
C LEU A 182 -26.25 -7.40 -58.63
N PRO A 183 -25.10 -8.06 -58.46
CA PRO A 183 -25.08 -9.52 -58.42
C PRO A 183 -25.58 -10.09 -57.08
N GLN A 184 -26.47 -11.08 -57.12
CA GLN A 184 -26.99 -11.74 -55.90
C GLN A 184 -25.90 -12.68 -55.41
N GLY A 185 -25.19 -12.29 -54.35
CA GLY A 185 -23.90 -12.90 -53.94
C GLY A 185 -22.87 -11.84 -53.63
N MET A 186 -23.08 -10.58 -54.01
CA MET A 186 -22.13 -9.47 -53.75
C MET A 186 -22.42 -8.85 -52.36
N LEU A 187 -21.38 -8.57 -51.55
CA LEU A 187 -21.58 -8.31 -50.09
C LEU A 187 -22.26 -6.95 -49.90
N ASN A 188 -22.23 -6.06 -50.89
CA ASN A 188 -22.78 -4.70 -50.71
C ASN A 188 -24.10 -4.61 -51.46
N SER A 189 -24.57 -5.69 -52.10
CA SER A 189 -25.76 -5.56 -52.97
C SER A 189 -26.90 -5.04 -52.10
N PRO A 190 -27.08 -5.64 -50.90
CA PRO A 190 -28.15 -5.25 -49.96
C PRO A 190 -28.17 -3.77 -49.55
N THR A 191 -27.04 -3.21 -49.13
CA THR A 191 -26.97 -1.76 -48.82
C THR A 191 -27.37 -0.97 -50.07
N ILE A 192 -26.86 -1.37 -51.24
CA ILE A 192 -27.08 -0.61 -52.48
C ILE A 192 -28.56 -0.70 -52.84
N CYS A 193 -29.15 -1.89 -52.75
CA CYS A 193 -30.58 -2.10 -53.08
C CYS A 193 -31.47 -1.30 -52.11
N GLN A 194 -31.20 -1.37 -50.80
CA GLN A 194 -31.94 -0.59 -49.76
C GLN A 194 -31.83 0.89 -50.10
N THR A 195 -30.62 1.40 -50.31
CA THR A 195 -30.43 2.83 -50.63
C THR A 195 -31.26 3.20 -51.88
N PHE A 196 -31.16 2.41 -52.94
CA PHE A 196 -31.85 2.70 -54.21
C PHE A 196 -33.39 2.74 -54.07
N VAL A 197 -33.95 1.74 -53.42
CA VAL A 197 -35.43 1.63 -53.26
C VAL A 197 -35.86 2.72 -52.27
N GLY A 198 -35.07 2.95 -51.23
CA GLY A 198 -35.45 3.90 -50.18
C GLY A 198 -35.59 5.27 -50.79
N ARG A 199 -34.64 5.67 -51.65
CA ARG A 199 -34.68 6.98 -52.35
C ARG A 199 -35.98 7.04 -53.16
N ALA A 200 -36.31 5.94 -53.85
CA ALA A 200 -37.53 5.84 -54.69
C ALA A 200 -38.79 6.01 -53.83
N LEU A 201 -38.82 5.44 -52.62
CA LEU A 201 -39.99 5.54 -51.70
C LEU A 201 -40.02 6.86 -50.93
N GLN A 202 -38.91 7.61 -50.89
CA GLN A 202 -38.82 8.77 -49.95
C GLN A 202 -39.93 9.76 -50.29
N PRO A 203 -40.11 10.16 -51.58
CA PRO A 203 -41.16 11.08 -51.97
C PRO A 203 -42.57 10.59 -51.64
N VAL A 204 -42.79 9.27 -51.68
CA VAL A 204 -44.09 8.64 -51.29
C VAL A 204 -44.34 8.93 -49.82
N ARG A 205 -43.30 8.79 -49.00
CA ARG A 205 -43.33 9.03 -47.53
C ARG A 205 -43.72 10.49 -47.27
N GLU A 206 -43.07 11.42 -47.97
CA GLU A 206 -43.27 12.88 -47.85
C GLU A 206 -44.70 13.25 -48.29
N LYS A 207 -45.20 12.72 -49.42
CA LYS A 207 -46.52 13.16 -49.98
C LYS A 207 -47.67 12.53 -49.17
N PHE A 208 -47.43 11.36 -48.56
CA PHE A 208 -48.45 10.69 -47.72
C PHE A 208 -47.89 10.40 -46.31
N SER A 209 -47.80 11.44 -45.49
CA SER A 209 -47.23 11.39 -44.13
C SER A 209 -48.18 10.62 -43.21
N ASP A 210 -49.44 10.41 -43.60
CA ASP A 210 -50.42 9.69 -42.75
C ASP A 210 -50.53 8.25 -43.22
N CYS A 211 -49.70 7.82 -44.18
CA CYS A 211 -49.64 6.43 -44.70
C CYS A 211 -48.57 5.64 -43.92
N TYR A 212 -48.87 4.43 -43.47
CA TYR A 212 -47.85 3.53 -42.88
C TYR A 212 -47.24 2.70 -44.00
N ILE A 213 -45.94 2.91 -44.26
CA ILE A 213 -45.16 2.31 -45.36
C ILE A 213 -43.98 1.56 -44.76
N ILE A 214 -43.92 0.25 -44.92
CA ILE A 214 -42.80 -0.62 -44.45
C ILE A 214 -42.01 -1.02 -45.69
N HIS A 215 -40.70 -0.99 -45.66
CA HIS A 215 -39.92 -1.39 -46.84
C HIS A 215 -38.81 -2.31 -46.37
N TYR A 216 -38.80 -3.57 -46.77
CA TYR A 216 -37.70 -4.50 -46.38
C TYR A 216 -37.04 -5.04 -47.66
N ILE A 217 -35.94 -4.43 -48.15
CA ILE A 217 -35.11 -4.93 -49.29
C ILE A 217 -35.83 -4.72 -50.63
N ASP A 218 -36.93 -5.45 -50.88
CA ASP A 218 -37.88 -5.10 -51.98
C ASP A 218 -39.31 -5.39 -51.54
N ASP A 219 -39.50 -6.15 -50.45
CA ASP A 219 -40.86 -6.42 -49.94
C ASP A 219 -41.36 -5.10 -49.35
N ILE A 220 -42.53 -4.65 -49.77
CA ILE A 220 -43.05 -3.32 -49.39
C ILE A 220 -44.50 -3.44 -48.93
N LEU A 221 -44.82 -2.83 -47.80
CA LEU A 221 -46.22 -2.68 -47.34
C LEU A 221 -46.67 -1.21 -47.42
N CYS A 222 -47.93 -0.99 -47.78
N CYS A 222 -47.96 -0.99 -47.68
CA CYS A 222 -48.59 0.35 -47.73
CA CYS A 222 -48.58 0.35 -47.73
C CYS A 222 -49.97 0.20 -47.07
C CYS A 222 -49.99 0.28 -47.15
N ALA A 223 -50.29 1.11 -46.14
CA ALA A 223 -51.55 1.10 -45.37
C ALA A 223 -52.01 2.55 -45.19
N ALA A 224 -53.32 2.80 -45.36
CA ALA A 224 -53.90 4.13 -45.11
C ALA A 224 -55.26 3.98 -44.42
N GLU A 225 -55.74 5.05 -43.80
N GLU A 225 -55.69 5.05 -43.75
CA GLU A 225 -56.99 5.10 -43.00
CA GLU A 225 -56.99 5.19 -43.03
C GLU A 225 -58.18 4.68 -43.86
C GLU A 225 -58.14 4.63 -43.89
N THR A 226 -58.26 5.19 -45.10
CA THR A 226 -59.43 5.05 -46.01
C THR A 226 -58.95 4.36 -47.30
N LYS A 227 -59.85 3.65 -47.98
CA LYS A 227 -59.52 2.97 -49.27
C LYS A 227 -59.15 4.04 -50.31
N ASP A 228 -59.81 5.19 -50.27
CA ASP A 228 -59.50 6.30 -51.21
C ASP A 228 -58.07 6.78 -50.94
N LYS A 229 -57.72 6.95 -49.67
CA LYS A 229 -56.38 7.45 -49.26
C LYS A 229 -55.33 6.42 -49.69
N LEU A 230 -55.64 5.13 -49.56
CA LEU A 230 -54.70 4.08 -50.00
C LEU A 230 -54.51 4.22 -51.50
N ILE A 231 -55.59 4.46 -52.27
CA ILE A 231 -55.45 4.49 -53.76
C ILE A 231 -54.52 5.65 -54.15
N ASP A 232 -54.70 6.83 -53.55
CA ASP A 232 -53.87 8.01 -53.91
C ASP A 232 -52.41 7.68 -53.63
N CYS A 233 -52.16 7.09 -52.46
CA CYS A 233 -50.82 6.67 -51.94
C CYS A 233 -50.18 5.72 -52.97
N TYR A 234 -50.89 4.66 -53.32
CA TYR A 234 -50.40 3.59 -54.23
C TYR A 234 -50.13 4.18 -55.60
N THR A 235 -51.02 5.05 -56.11
CA THR A 235 -50.90 5.60 -57.50
C THR A 235 -49.54 6.32 -57.58
N PHE A 236 -49.27 7.15 -56.56
CA PHE A 236 -48.02 7.95 -56.46
C PHE A 236 -46.83 6.98 -56.47
N LEU A 237 -46.93 5.89 -55.70
CA LEU A 237 -45.85 4.88 -55.55
C LEU A 237 -45.51 4.28 -56.91
N GLN A 238 -46.53 3.84 -57.66
CA GLN A 238 -46.32 3.12 -58.95
C GLN A 238 -45.48 4.03 -59.83
N ALA A 239 -45.86 5.31 -59.91
CA ALA A 239 -45.13 6.31 -60.72
C ALA A 239 -43.65 6.31 -60.33
N GLU A 240 -43.39 6.45 -59.03
CA GLU A 240 -42.02 6.69 -58.47
C GLU A 240 -41.15 5.43 -58.64
N VAL A 241 -41.70 4.22 -58.51
CA VAL A 241 -40.89 2.98 -58.68
C VAL A 241 -40.53 2.84 -60.16
N ALA A 242 -41.50 3.09 -61.06
CA ALA A 242 -41.30 3.09 -62.52
C ALA A 242 -40.26 4.13 -62.91
N ASN A 243 -40.34 5.37 -62.39
CA ASN A 243 -39.34 6.44 -62.70
CA ASN A 243 -39.33 6.44 -62.72
C ASN A 243 -37.92 5.96 -62.36
N ALA A 244 -37.79 5.14 -61.33
CA ALA A 244 -36.46 4.65 -60.94
C ALA A 244 -36.09 3.41 -61.73
N GLY A 245 -36.97 2.91 -62.59
CA GLY A 245 -36.66 1.74 -63.44
C GLY A 245 -36.88 0.43 -62.69
N LEU A 246 -37.81 0.45 -61.75
CA LEU A 246 -38.15 -0.74 -60.94
C LEU A 246 -39.55 -1.22 -61.34
N ALA A 247 -39.74 -2.54 -61.38
CA ALA A 247 -41.00 -3.19 -61.80
C ALA A 247 -41.65 -3.89 -60.60
N ILE A 248 -42.92 -3.56 -60.37
CA ILE A 248 -43.84 -4.31 -59.46
C ILE A 248 -44.26 -5.63 -60.11
N ALA A 249 -43.98 -6.78 -59.50
CA ALA A 249 -44.52 -8.10 -59.88
C ALA A 249 -46.04 -8.04 -59.70
N SER A 250 -46.79 -8.00 -60.81
CA SER A 250 -48.27 -7.94 -60.85
C SER A 250 -48.85 -9.28 -60.39
N ASP A 251 -48.18 -10.41 -60.62
CA ASP A 251 -48.80 -11.74 -60.34
C ASP A 251 -48.89 -11.93 -58.82
N LYS A 252 -48.05 -11.23 -58.05
CA LYS A 252 -47.80 -11.51 -56.61
C LYS A 252 -48.30 -10.37 -55.70
N ILE A 253 -48.93 -9.33 -56.25
CA ILE A 253 -49.60 -8.23 -55.48
C ILE A 253 -50.66 -8.81 -54.55
N GLN A 254 -50.76 -8.31 -53.30
CA GLN A 254 -51.85 -8.63 -52.33
C GLN A 254 -52.70 -7.38 -52.07
N THR A 255 -54.02 -7.50 -52.07
CA THR A 255 -54.95 -6.36 -51.77
C THR A 255 -55.94 -6.78 -50.68
N SER A 256 -55.95 -8.06 -50.26
CA SER A 256 -57.10 -8.76 -49.60
C SER A 256 -56.61 -9.67 -48.46
N THR A 257 -57.32 -9.68 -47.33
CA THR A 257 -57.12 -10.61 -46.20
C THR A 257 -57.21 -12.02 -46.73
N PRO A 258 -56.55 -13.01 -46.10
CA PRO A 258 -55.41 -12.78 -45.21
C PRO A 258 -54.05 -12.58 -45.91
N PHE A 259 -53.32 -11.53 -45.49
CA PHE A 259 -51.99 -11.18 -46.05
C PHE A 259 -50.85 -11.98 -45.41
N HIS A 260 -49.73 -12.09 -46.14
CA HIS A 260 -48.47 -12.73 -45.66
C HIS A 260 -47.32 -11.74 -45.90
N TYR A 261 -46.64 -11.35 -44.82
CA TYR A 261 -45.58 -10.30 -44.82
C TYR A 261 -44.52 -10.68 -43.77
N LEU A 262 -43.29 -10.80 -44.26
CA LEU A 262 -42.06 -11.02 -43.45
C LEU A 262 -42.35 -12.11 -42.41
N GLY A 263 -43.02 -13.19 -42.82
CA GLY A 263 -43.17 -14.44 -42.09
C GLY A 263 -44.39 -14.39 -41.20
N MET A 264 -45.23 -13.35 -41.32
CA MET A 264 -46.44 -13.18 -40.48
C MET A 264 -47.72 -13.26 -41.33
N GLN A 265 -48.74 -13.96 -40.85
CA GLN A 265 -50.17 -13.89 -41.27
C GLN A 265 -50.81 -12.65 -40.68
N ILE A 266 -51.24 -11.69 -41.48
CA ILE A 266 -51.79 -10.40 -40.96
C ILE A 266 -53.24 -10.32 -41.40
N GLU A 267 -54.17 -10.17 -40.45
CA GLU A 267 -55.61 -9.89 -40.74
C GLU A 267 -55.87 -8.40 -40.49
N ASN A 268 -57.14 -8.03 -40.28
CA ASN A 268 -57.55 -6.65 -39.95
C ASN A 268 -56.96 -6.28 -38.58
N ARG A 269 -56.92 -7.25 -37.68
CA ARG A 269 -56.47 -7.07 -36.28
C ARG A 269 -55.55 -8.23 -35.89
N LYS A 270 -56.00 -9.47 -36.09
CA LYS A 270 -55.25 -10.67 -35.62
C LYS A 270 -53.95 -10.83 -36.44
N ILE A 271 -52.86 -11.17 -35.77
CA ILE A 271 -51.54 -11.53 -36.36
C ILE A 271 -51.05 -12.84 -35.74
N LYS A 272 -50.52 -13.77 -36.55
CA LYS A 272 -49.76 -14.95 -36.06
C LYS A 272 -48.63 -15.18 -37.04
N PRO A 273 -47.52 -15.79 -36.56
CA PRO A 273 -46.51 -16.36 -37.45
C PRO A 273 -47.15 -17.29 -38.48
N GLN A 274 -46.75 -17.18 -39.74
CA GLN A 274 -47.08 -18.18 -40.81
C GLN A 274 -46.70 -19.58 -40.34
N LYS A 275 -45.50 -19.71 -39.78
CA LYS A 275 -44.95 -21.04 -39.42
C LYS A 275 -45.65 -21.52 -38.14
N ILE A 276 -46.45 -22.57 -38.28
CA ILE A 276 -47.38 -23.03 -37.21
C ILE A 276 -46.92 -24.42 -36.76
N GLU A 277 -45.68 -24.81 -37.09
CA GLU A 277 -45.24 -26.21 -36.89
C GLU A 277 -43.81 -26.27 -36.36
N ILE A 278 -43.54 -27.11 -35.36
CA ILE A 278 -42.18 -27.31 -34.78
C ILE A 278 -41.78 -28.77 -34.98
N ARG A 279 -40.51 -29.07 -35.26
CA ARG A 279 -40.06 -30.49 -35.43
C ARG A 279 -40.00 -31.19 -34.08
N LYS A 280 -40.95 -32.10 -33.78
CA LYS A 280 -41.05 -32.76 -32.45
C LYS A 280 -41.03 -34.28 -32.62
N ASP A 281 -41.06 -34.78 -33.85
CA ASP A 281 -41.31 -36.21 -34.15
C ASP A 281 -40.09 -37.03 -33.75
N THR A 282 -38.98 -36.79 -34.45
CA THR A 282 -37.67 -37.44 -34.23
C THR A 282 -36.78 -36.52 -33.39
N LEU A 283 -36.60 -36.88 -32.12
CA LEU A 283 -35.77 -36.13 -31.16
C LEU A 283 -34.80 -37.12 -30.53
N LYS A 284 -33.76 -37.49 -31.27
CA LYS A 284 -32.75 -38.50 -30.84
C LYS A 284 -31.38 -37.84 -30.64
N THR A 285 -30.99 -36.87 -31.48
CA THR A 285 -29.65 -36.21 -31.40
C THR A 285 -29.73 -34.82 -30.75
N LEU A 286 -28.56 -34.31 -30.35
CA LEU A 286 -28.31 -32.87 -30.06
C LEU A 286 -28.91 -32.04 -31.19
N ASN A 287 -28.55 -32.37 -32.43
CA ASN A 287 -28.92 -31.56 -33.62
C ASN A 287 -30.45 -31.54 -33.71
N ASP A 288 -31.12 -32.64 -33.42
CA ASP A 288 -32.61 -32.73 -33.43
C ASP A 288 -33.17 -31.67 -32.48
N PHE A 289 -32.65 -31.56 -31.25
CA PHE A 289 -33.15 -30.60 -30.24
C PHE A 289 -32.77 -29.17 -30.66
N GLN A 290 -31.59 -28.98 -31.25
CA GLN A 290 -31.19 -27.63 -31.75
C GLN A 290 -32.26 -27.19 -32.76
N LYS A 291 -32.68 -28.08 -33.65
CA LYS A 291 -33.66 -27.74 -34.72
C LYS A 291 -35.00 -27.36 -34.08
N LEU A 292 -35.51 -28.16 -33.15
CA LEU A 292 -36.82 -27.95 -32.49
C LEU A 292 -36.77 -26.64 -31.71
N LEU A 293 -35.71 -26.41 -30.94
CA LEU A 293 -35.68 -25.19 -30.08
C LEU A 293 -35.53 -23.91 -30.94
N GLY A 294 -34.84 -23.97 -32.08
CA GLY A 294 -34.78 -22.85 -33.03
C GLY A 294 -36.16 -22.55 -33.60
N ASP A 295 -36.90 -23.62 -33.90
CA ASP A 295 -38.30 -23.53 -34.38
C ASP A 295 -39.12 -22.76 -33.34
N ILE A 296 -39.08 -23.20 -32.09
CA ILE A 296 -39.91 -22.61 -31.01
C ILE A 296 -39.50 -21.15 -30.81
N ASN A 297 -38.19 -20.89 -30.77
CA ASN A 297 -37.67 -19.53 -30.47
C ASN A 297 -38.35 -18.53 -31.41
N TRP A 298 -38.48 -18.91 -32.66
CA TRP A 298 -38.92 -17.97 -33.70
C TRP A 298 -40.37 -17.54 -33.42
N ILE A 299 -41.18 -18.33 -32.71
CA ILE A 299 -42.61 -17.97 -32.50
C ILE A 299 -42.86 -17.49 -31.05
N ARG A 300 -41.84 -17.58 -30.19
CA ARG A 300 -41.90 -17.20 -28.75
C ARG A 300 -42.48 -15.79 -28.58
N PRO A 301 -41.93 -14.79 -29.27
CA PRO A 301 -42.30 -13.39 -29.07
C PRO A 301 -43.75 -13.07 -29.37
N THR A 302 -44.39 -13.81 -30.27
CA THR A 302 -45.78 -13.54 -30.70
C THR A 302 -46.70 -14.45 -29.87
N LEU A 303 -46.26 -15.68 -29.60
CA LEU A 303 -47.16 -16.71 -29.01
C LEU A 303 -46.96 -16.84 -27.50
N GLY A 304 -45.96 -16.18 -26.91
CA GLY A 304 -45.91 -15.93 -25.47
C GLY A 304 -45.52 -17.20 -24.74
N ILE A 305 -44.36 -17.77 -25.09
CA ILE A 305 -43.72 -18.81 -24.22
C ILE A 305 -42.67 -18.21 -23.30
N PRO A 306 -42.95 -18.09 -21.98
CA PRO A 306 -41.94 -17.80 -20.96
C PRO A 306 -40.71 -18.71 -20.97
N THR A 307 -39.58 -18.13 -20.57
CA THR A 307 -38.28 -18.80 -20.44
C THR A 307 -38.39 -20.02 -19.52
N TYR A 308 -39.20 -19.98 -18.46
CA TYR A 308 -39.26 -21.13 -17.52
C TYR A 308 -39.93 -22.34 -18.19
N ALA A 309 -40.91 -22.11 -19.06
CA ALA A 309 -41.69 -23.17 -19.75
C ALA A 309 -40.79 -23.97 -20.71
N MET A 310 -39.58 -23.50 -20.99
CA MET A 310 -38.61 -24.24 -21.85
C MET A 310 -37.41 -24.71 -21.05
N SER A 311 -37.44 -24.63 -19.73
CA SER A 311 -36.25 -24.93 -18.89
C SER A 311 -35.76 -26.36 -19.19
N ASN A 312 -36.71 -27.30 -19.21
CA ASN A 312 -36.39 -28.74 -19.35
C ASN A 312 -35.87 -28.99 -20.76
N LEU A 313 -36.47 -28.37 -21.77
CA LEU A 313 -36.01 -28.58 -23.17
C LEU A 313 -34.61 -28.00 -23.31
N PHE A 314 -34.38 -26.74 -22.89
CA PHE A 314 -33.07 -26.06 -23.02
C PHE A 314 -31.99 -26.89 -22.32
N SER A 315 -32.29 -27.42 -21.14
CA SER A 315 -31.31 -28.16 -20.30
C SER A 315 -30.74 -29.39 -21.04
N ILE A 316 -31.54 -30.04 -21.90
CA ILE A 316 -31.11 -31.25 -22.66
C ILE A 316 -30.03 -30.91 -23.72
N LEU A 317 -29.96 -29.66 -24.18
CA LEU A 317 -28.90 -29.15 -25.08
C LEU A 317 -27.52 -29.38 -24.44
N ARG A 318 -27.42 -29.31 -23.12
CA ARG A 318 -26.14 -29.48 -22.38
C ARG A 318 -25.56 -30.88 -22.69
N GLY A 319 -24.25 -30.96 -22.90
CA GLY A 319 -23.52 -32.24 -22.87
C GLY A 319 -22.45 -32.31 -23.93
N ASP A 320 -22.32 -33.47 -24.59
CA ASP A 320 -21.39 -33.72 -25.71
C ASP A 320 -21.68 -32.70 -26.84
N SER A 321 -20.63 -32.06 -27.39
CA SER A 321 -20.67 -30.99 -28.42
C SER A 321 -21.00 -31.58 -29.79
N ASP A 322 -20.82 -32.90 -29.98
CA ASP A 322 -21.05 -33.56 -31.29
C ASP A 322 -22.53 -33.39 -31.62
N LEU A 323 -22.84 -32.96 -32.85
CA LEU A 323 -24.24 -32.75 -33.32
C LEU A 323 -25.00 -34.08 -33.28
N ASN A 324 -24.27 -35.19 -33.39
CA ASN A 324 -24.86 -36.54 -33.53
C ASN A 324 -24.89 -37.24 -32.16
N SER A 325 -24.40 -36.58 -31.10
CA SER A 325 -24.49 -37.08 -29.70
C SER A 325 -25.94 -37.46 -29.41
N LYS A 326 -26.21 -38.56 -28.71
CA LYS A 326 -27.61 -38.93 -28.34
C LYS A 326 -28.12 -37.96 -27.28
N ARG A 327 -29.44 -37.72 -27.26
CA ARG A 327 -30.17 -37.00 -26.18
C ARG A 327 -31.51 -37.71 -25.96
N ILE A 328 -31.92 -37.92 -24.72
CA ILE A 328 -33.20 -38.61 -24.38
C ILE A 328 -34.26 -37.52 -24.20
N LEU A 329 -35.44 -37.72 -24.78
CA LEU A 329 -36.66 -36.93 -24.44
C LEU A 329 -37.16 -37.37 -23.06
N THR A 330 -37.31 -36.43 -22.13
CA THR A 330 -37.85 -36.66 -20.77
C THR A 330 -39.34 -36.38 -20.80
N PRO A 331 -40.15 -37.02 -19.93
CA PRO A 331 -41.57 -36.68 -19.83
C PRO A 331 -41.83 -35.20 -19.49
N GLU A 332 -40.99 -34.57 -18.66
CA GLU A 332 -41.08 -33.11 -18.38
C GLU A 332 -40.90 -32.32 -19.68
N ALA A 333 -39.89 -32.66 -20.49
CA ALA A 333 -39.64 -32.01 -21.79
C ALA A 333 -40.89 -32.13 -22.67
N THR A 334 -41.57 -33.27 -22.61
CA THR A 334 -42.78 -33.54 -23.42
C THR A 334 -43.95 -32.68 -22.92
N LYS A 335 -44.16 -32.58 -21.62
CA LYS A 335 -45.22 -31.67 -21.08
C LYS A 335 -44.98 -30.28 -21.67
N GLU A 336 -43.71 -29.87 -21.75
CA GLU A 336 -43.30 -28.55 -22.28
C GLU A 336 -43.74 -28.42 -23.74
N ILE A 337 -43.44 -29.41 -24.58
CA ILE A 337 -43.86 -29.40 -26.02
C ILE A 337 -45.39 -29.38 -26.13
N LYS A 338 -46.12 -30.10 -25.28
CA LYS A 338 -47.61 -30.02 -25.31
C LYS A 338 -48.04 -28.56 -25.09
N LEU A 339 -47.46 -27.91 -24.07
CA LEU A 339 -47.86 -26.55 -23.65
C LEU A 339 -47.54 -25.57 -24.79
N VAL A 340 -46.39 -25.73 -25.43
CA VAL A 340 -46.02 -24.91 -26.61
C VAL A 340 -47.09 -25.10 -27.69
N GLU A 341 -47.38 -26.36 -28.06
CA GLU A 341 -48.31 -26.74 -29.16
C GLU A 341 -49.68 -26.14 -28.92
N GLU A 342 -50.21 -26.20 -27.68
CA GLU A 342 -51.52 -25.54 -27.36
C GLU A 342 -51.36 -24.04 -27.63
N LYS A 343 -50.25 -23.45 -27.20
CA LYS A 343 -50.07 -21.97 -27.28
C LYS A 343 -50.01 -21.54 -28.76
N ILE A 344 -49.37 -22.31 -29.64
CA ILE A 344 -49.35 -22.05 -31.10
C ILE A 344 -50.77 -21.85 -31.62
N GLN A 345 -51.72 -22.70 -31.22
CA GLN A 345 -53.13 -22.69 -31.74
C GLN A 345 -53.90 -21.49 -31.16
N SER A 346 -53.73 -21.17 -29.89
CA SER A 346 -54.61 -20.18 -29.18
C SER A 346 -54.06 -18.75 -29.35
N ALA A 347 -52.74 -18.61 -29.32
CA ALA A 347 -52.05 -17.34 -29.01
C ALA A 347 -52.06 -16.44 -30.25
N GLN A 348 -51.89 -15.13 -30.04
CA GLN A 348 -51.75 -14.14 -31.15
C GLN A 348 -51.27 -12.78 -30.64
N ILE A 349 -50.93 -11.89 -31.57
CA ILE A 349 -50.70 -10.45 -31.30
C ILE A 349 -51.65 -9.65 -32.20
N ASN A 350 -51.70 -8.34 -32.01
CA ASN A 350 -52.80 -7.49 -32.53
C ASN A 350 -52.20 -6.22 -33.11
N ARG A 351 -52.70 -5.79 -34.29
CA ARG A 351 -52.47 -4.43 -34.85
C ARG A 351 -53.02 -3.43 -33.84
N ILE A 352 -52.44 -2.24 -33.69
CA ILE A 352 -52.79 -1.34 -32.56
C ILE A 352 -53.45 -0.12 -33.16
N GLY A 353 -54.22 0.61 -32.36
CA GLY A 353 -54.58 2.02 -32.63
C GLY A 353 -53.32 2.84 -32.82
N PRO A 354 -53.30 3.76 -33.81
CA PRO A 354 -52.12 4.56 -34.13
C PRO A 354 -51.99 5.77 -33.19
N LEU A 355 -53.00 5.99 -32.33
CA LEU A 355 -53.21 7.24 -31.54
C LEU A 355 -52.98 6.97 -30.05
N ALA A 356 -53.26 5.75 -29.58
CA ALA A 356 -53.03 5.28 -28.20
C ALA A 356 -51.56 4.93 -27.94
N PRO A 357 -51.03 5.26 -26.74
CA PRO A 357 -49.70 4.83 -26.31
C PRO A 357 -49.75 3.38 -25.82
N LEU A 358 -48.59 2.76 -25.62
CA LEU A 358 -48.45 1.35 -25.17
C LEU A 358 -48.22 1.30 -23.65
N GLN A 359 -48.45 0.13 -23.06
CA GLN A 359 -48.15 -0.15 -21.65
C GLN A 359 -47.26 -1.38 -21.57
N LEU A 360 -46.45 -1.44 -20.52
CA LEU A 360 -45.50 -2.56 -20.27
C LEU A 360 -45.95 -3.30 -19.02
N LEU A 361 -46.21 -4.60 -19.09
CA LEU A 361 -46.54 -5.40 -17.89
C LEU A 361 -45.38 -6.33 -17.61
N ILE A 362 -44.87 -6.30 -16.38
CA ILE A 362 -43.77 -7.21 -15.96
C ILE A 362 -44.34 -8.21 -14.96
N PHE A 363 -44.25 -9.50 -15.24
CA PHE A 363 -44.86 -10.58 -14.43
C PHE A 363 -43.73 -11.29 -13.69
N ALA A 364 -43.90 -11.53 -12.39
CA ALA A 364 -42.90 -12.23 -11.56
C ALA A 364 -42.98 -13.72 -11.88
N THR A 365 -42.54 -14.11 -13.07
CA THR A 365 -42.63 -15.51 -13.50
C THR A 365 -41.42 -16.28 -12.99
N ALA A 366 -41.60 -17.59 -12.83
CA ALA A 366 -40.54 -18.51 -12.38
C ALA A 366 -39.35 -18.34 -13.34
N HIS A 367 -38.16 -18.71 -12.87
CA HIS A 367 -36.85 -18.56 -13.56
C HIS A 367 -36.42 -17.08 -13.64
N SER A 368 -37.22 -16.26 -14.28
CA SER A 368 -36.84 -14.88 -14.66
C SER A 368 -38.13 -14.17 -15.01
N PRO A 369 -38.26 -12.85 -14.72
CA PRO A 369 -39.45 -12.09 -15.05
C PRO A 369 -39.73 -12.09 -16.55
N THR A 370 -41.01 -11.92 -16.89
CA THR A 370 -41.51 -11.93 -18.29
C THR A 370 -42.21 -10.60 -18.52
N GLY A 371 -41.98 -9.97 -19.67
CA GLY A 371 -42.65 -8.70 -20.00
C GLY A 371 -43.60 -8.87 -21.18
N ILE A 372 -44.68 -8.10 -21.18
CA ILE A 372 -45.62 -8.02 -22.32
C ILE A 372 -45.78 -6.55 -22.69
N ILE A 373 -45.55 -6.22 -23.95
CA ILE A 373 -45.97 -4.90 -24.50
C ILE A 373 -47.44 -5.02 -24.89
N ILE A 374 -48.25 -4.08 -24.43
CA ILE A 374 -49.71 -4.22 -24.58
C ILE A 374 -50.26 -2.84 -24.93
N GLN A 375 -51.37 -2.79 -25.64
CA GLN A 375 -52.21 -1.57 -25.74
C GLN A 375 -53.58 -1.90 -25.17
N ASN A 376 -53.86 -1.39 -23.97
CA ASN A 376 -55.02 -1.79 -23.15
C ASN A 376 -55.00 -3.32 -23.17
N THR A 377 -56.04 -3.99 -23.65
CA THR A 377 -56.16 -5.48 -23.58
C THR A 377 -55.45 -6.21 -24.73
N ASP A 378 -54.99 -5.51 -25.77
CA ASP A 378 -54.49 -6.14 -27.03
C ASP A 378 -52.97 -6.38 -26.92
N LEU A 379 -52.49 -7.62 -27.11
CA LEU A 379 -51.06 -8.01 -27.01
C LEU A 379 -50.30 -7.44 -28.20
N VAL A 380 -49.13 -6.84 -27.98
CA VAL A 380 -48.22 -6.43 -29.08
C VAL A 380 -47.15 -7.49 -29.23
N GLU A 381 -46.42 -7.76 -28.15
CA GLU A 381 -45.16 -8.56 -28.17
C GLU A 381 -44.85 -9.03 -26.75
N TRP A 382 -44.23 -10.21 -26.65
CA TRP A 382 -43.63 -10.69 -25.39
C TRP A 382 -42.17 -10.30 -25.35
N SER A 383 -41.64 -10.06 -24.15
CA SER A 383 -40.23 -9.70 -23.89
C SER A 383 -39.65 -10.68 -22.87
N PHE A 384 -38.54 -11.34 -23.19
CA PHE A 384 -38.01 -12.51 -22.43
C PHE A 384 -36.54 -12.30 -22.07
N LEU A 385 -36.08 -13.06 -21.07
CA LEU A 385 -34.69 -13.01 -20.57
C LEU A 385 -34.00 -14.33 -20.89
N PRO A 386 -32.66 -14.31 -20.98
CA PRO A 386 -31.89 -15.49 -21.36
C PRO A 386 -32.08 -16.59 -20.31
N HIS A 387 -31.99 -17.84 -20.74
CA HIS A 387 -32.09 -19.00 -19.82
C HIS A 387 -30.84 -19.11 -18.93
N SER A 388 -29.67 -18.94 -19.54
CA SER A 388 -28.33 -19.00 -18.88
C SER A 388 -27.90 -17.57 -18.52
N THR A 389 -27.08 -17.45 -17.47
CA THR A 389 -26.77 -16.14 -16.84
C THR A 389 -25.26 -15.88 -16.90
N VAL A 390 -24.86 -14.67 -16.50
CA VAL A 390 -23.46 -14.15 -16.53
C VAL A 390 -22.84 -14.35 -15.13
N LYS A 391 -23.50 -13.80 -14.11
CA LYS A 391 -23.09 -13.93 -12.70
C LYS A 391 -23.39 -15.35 -12.23
N THR A 392 -22.72 -15.82 -11.20
CA THR A 392 -23.19 -16.94 -10.33
C THR A 392 -24.57 -16.65 -9.72
N PHE A 393 -24.79 -15.45 -9.18
CA PHE A 393 -26.06 -15.12 -8.49
C PHE A 393 -26.66 -13.87 -9.13
N THR A 394 -27.65 -14.07 -10.01
CA THR A 394 -28.42 -13.00 -10.70
C THR A 394 -29.70 -12.76 -9.88
N LEU A 395 -29.79 -11.56 -9.29
CA LEU A 395 -30.88 -11.20 -8.34
C LEU A 395 -32.15 -10.81 -9.11
N TYR A 396 -33.30 -11.28 -8.66
CA TYR A 396 -34.57 -11.13 -9.41
C TYR A 396 -34.84 -9.64 -9.62
N LEU A 397 -34.52 -8.79 -8.64
CA LEU A 397 -34.81 -7.34 -8.82
C LEU A 397 -33.94 -6.79 -9.94
N ASP A 398 -32.67 -7.19 -10.08
CA ASP A 398 -31.85 -6.73 -11.22
C ASP A 398 -32.44 -7.25 -12.52
N GLN A 399 -33.01 -8.44 -12.54
CA GLN A 399 -33.60 -9.00 -13.79
C GLN A 399 -34.82 -8.13 -14.18
N ILE A 400 -35.66 -7.76 -13.24
CA ILE A 400 -36.82 -6.89 -13.53
C ILE A 400 -36.27 -5.63 -14.20
N ALA A 401 -35.24 -5.06 -13.61
CA ALA A 401 -34.69 -3.75 -14.04
C ALA A 401 -34.08 -3.87 -15.43
N THR A 402 -33.35 -4.94 -15.70
CA THR A 402 -32.73 -5.24 -17.02
C THR A 402 -33.84 -5.34 -18.07
N LEU A 403 -34.90 -6.05 -17.73
CA LEU A 403 -36.04 -6.33 -18.65
C LEU A 403 -36.76 -5.03 -18.96
N ILE A 404 -36.95 -4.18 -17.95
CA ILE A 404 -37.68 -2.89 -18.15
C ILE A 404 -36.85 -2.04 -19.10
N GLY A 405 -35.53 -2.00 -18.88
CA GLY A 405 -34.64 -1.23 -19.76
C GLY A 405 -34.70 -1.77 -21.17
N GLN A 406 -34.57 -3.10 -21.35
CA GLN A 406 -34.53 -3.72 -22.70
C GLN A 406 -35.89 -3.52 -23.38
N THR A 407 -36.99 -3.67 -22.65
CA THR A 407 -38.35 -3.59 -23.26
C THR A 407 -38.75 -2.13 -23.51
N ARG A 408 -38.22 -1.19 -22.73
CA ARG A 408 -38.47 0.26 -22.97
C ARG A 408 -37.86 0.62 -24.32
N LEU A 409 -36.66 0.12 -24.59
CA LEU A 409 -35.94 0.41 -25.86
C LEU A 409 -36.74 -0.23 -26.99
N ARG A 410 -37.26 -1.43 -26.78
CA ARG A 410 -38.02 -2.14 -27.84
C ARG A 410 -39.31 -1.38 -28.12
N ILE A 411 -40.01 -0.92 -27.08
CA ILE A 411 -41.28 -0.16 -27.27
C ILE A 411 -40.96 1.11 -28.04
N THR A 412 -39.83 1.74 -27.73
CA THR A 412 -39.34 2.97 -28.36
C THR A 412 -39.07 2.68 -29.84
N LYS A 413 -38.52 1.51 -30.13
CA LYS A 413 -38.22 1.11 -31.53
C LYS A 413 -39.55 0.87 -32.28
N LEU A 414 -40.50 0.20 -31.66
CA LEU A 414 -41.83 -0.12 -32.27
C LEU A 414 -42.58 1.18 -32.59
N CYS A 415 -42.87 2.00 -31.58
CA CYS A 415 -43.89 3.08 -31.68
C CYS A 415 -43.31 4.48 -31.44
N GLY A 416 -42.02 4.62 -31.13
CA GLY A 416 -41.35 5.93 -31.08
C GLY A 416 -41.42 6.58 -29.72
N ASN A 417 -41.98 5.90 -28.71
CA ASN A 417 -42.07 6.46 -27.34
C ASN A 417 -41.89 5.36 -26.29
N ASP A 418 -41.59 5.79 -25.07
CA ASP A 418 -41.70 4.95 -23.85
C ASP A 418 -43.15 4.53 -23.72
N PRO A 419 -43.42 3.51 -22.90
CA PRO A 419 -44.78 3.24 -22.48
C PRO A 419 -45.26 4.40 -21.60
N ASP A 420 -46.56 4.67 -21.61
CA ASP A 420 -47.17 5.64 -20.66
C ASP A 420 -47.24 5.00 -19.27
N LYS A 421 -47.20 3.68 -19.17
CA LYS A 421 -47.31 3.01 -17.84
C LYS A 421 -46.50 1.72 -17.85
N ILE A 422 -45.77 1.49 -16.77
CA ILE A 422 -45.03 0.23 -16.51
C ILE A 422 -45.65 -0.41 -15.27
N VAL A 423 -46.13 -1.65 -15.41
CA VAL A 423 -46.78 -2.38 -14.29
C VAL A 423 -45.78 -3.38 -13.75
N VAL A 424 -45.49 -3.31 -12.45
CA VAL A 424 -44.40 -4.10 -11.79
C VAL A 424 -45.05 -4.84 -10.64
N PRO A 425 -44.54 -6.04 -10.30
CA PRO A 425 -45.10 -6.86 -9.21
C PRO A 425 -44.41 -6.49 -7.89
N LEU A 426 -44.36 -5.19 -7.63
CA LEU A 426 -43.62 -4.56 -6.50
C LEU A 426 -44.59 -3.61 -5.78
N THR A 427 -44.49 -3.53 -4.45
CA THR A 427 -45.18 -2.49 -3.65
C THR A 427 -44.53 -1.12 -3.85
N LYS A 428 -45.29 -0.08 -3.55
CA LYS A 428 -44.87 1.34 -3.46
C LYS A 428 -43.54 1.40 -2.70
N GLU A 429 -43.49 0.73 -1.54
CA GLU A 429 -42.32 0.76 -0.62
C GLU A 429 -41.11 0.15 -1.32
N GLN A 430 -41.31 -0.96 -2.02
CA GLN A 430 -40.22 -1.70 -2.71
C GLN A 430 -39.72 -0.88 -3.90
N VAL A 431 -40.61 -0.21 -4.63
CA VAL A 431 -40.17 0.70 -5.72
C VAL A 431 -39.30 1.82 -5.12
N ARG A 432 -39.73 2.37 -4.00
CA ARG A 432 -39.00 3.47 -3.29
C ARG A 432 -37.58 2.98 -2.96
N GLN A 433 -37.50 1.82 -2.31
CA GLN A 433 -36.23 1.19 -1.88
C GLN A 433 -35.38 0.91 -3.11
N ALA A 434 -36.00 0.47 -4.20
CA ALA A 434 -35.26 0.12 -5.44
C ALA A 434 -34.62 1.39 -6.02
N PHE A 435 -35.31 2.51 -5.97
CA PHE A 435 -34.77 3.77 -6.57
C PHE A 435 -33.56 4.23 -5.75
N ILE A 436 -33.58 3.98 -4.44
CA ILE A 436 -32.48 4.39 -3.51
C ILE A 436 -31.31 3.42 -3.69
N ASN A 437 -31.56 2.12 -3.70
CA ASN A 437 -30.50 1.13 -3.40
C ASN A 437 -30.05 0.38 -4.65
N SER A 438 -30.89 0.20 -5.67
CA SER A 438 -30.50 -0.62 -6.84
C SER A 438 -29.97 0.29 -7.94
N GLY A 439 -28.71 0.14 -8.33
CA GLY A 439 -28.14 0.89 -9.46
C GLY A 439 -28.79 0.45 -10.73
N ALA A 440 -29.10 -0.85 -10.85
CA ALA A 440 -29.71 -1.41 -12.08
C ALA A 440 -31.10 -0.81 -12.27
N TRP A 441 -31.85 -0.68 -11.17
CA TRP A 441 -33.22 -0.11 -11.21
C TRP A 441 -33.11 1.37 -11.62
N GLN A 442 -32.10 2.07 -11.11
CA GLN A 442 -31.91 3.50 -11.47
C GLN A 442 -31.64 3.63 -12.96
N ILE A 443 -30.75 2.82 -13.51
CA ILE A 443 -30.42 2.84 -14.97
C ILE A 443 -31.66 2.42 -15.77
N GLY A 444 -32.32 1.37 -15.30
CA GLY A 444 -33.56 0.82 -15.88
C GLY A 444 -34.63 1.88 -16.05
N LEU A 445 -34.86 2.70 -15.04
CA LEU A 445 -36.02 3.63 -15.06
C LEU A 445 -35.57 5.08 -15.13
N ALA A 446 -34.37 5.31 -15.62
CA ALA A 446 -33.84 6.69 -15.76
C ALA A 446 -34.69 7.41 -16.82
N ASN A 447 -35.17 8.61 -16.50
CA ASN A 447 -35.91 9.46 -17.47
C ASN A 447 -37.24 8.82 -17.83
N PHE A 448 -37.81 7.97 -16.99
CA PHE A 448 -39.16 7.41 -17.23
C PHE A 448 -40.14 8.40 -16.61
N VAL A 449 -40.90 9.06 -17.47
CA VAL A 449 -41.79 10.21 -17.13
C VAL A 449 -43.24 9.73 -16.89
N GLY A 450 -43.56 8.48 -17.22
CA GLY A 450 -44.92 7.94 -17.07
C GLY A 450 -45.23 7.43 -15.66
N ILE A 451 -46.07 6.40 -15.57
CA ILE A 451 -46.67 5.88 -14.31
C ILE A 451 -46.04 4.52 -14.00
N ILE A 452 -45.60 4.28 -12.76
CA ILE A 452 -45.26 2.93 -12.26
C ILE A 452 -46.32 2.54 -11.22
N ASP A 453 -46.86 1.35 -11.37
CA ASP A 453 -48.04 0.87 -10.60
C ASP A 453 -48.01 -0.66 -10.61
N ASN A 454 -48.86 -1.29 -9.81
CA ASN A 454 -48.88 -2.77 -9.67
C ASN A 454 -50.32 -3.26 -9.83
N HIS A 455 -51.15 -2.52 -10.58
CA HIS A 455 -52.51 -2.97 -10.96
C HIS A 455 -52.45 -3.69 -12.30
N TYR A 456 -52.52 -5.03 -12.29
CA TYR A 456 -52.55 -5.87 -13.51
C TYR A 456 -53.98 -5.86 -14.08
N PRO A 457 -54.16 -6.09 -15.40
CA PRO A 457 -55.51 -6.28 -15.95
C PRO A 457 -56.22 -7.45 -15.25
N LYS A 458 -57.52 -7.29 -14.96
CA LYS A 458 -58.37 -8.28 -14.21
C LYS A 458 -58.83 -9.40 -15.17
N THR A 459 -58.42 -9.33 -16.45
CA THR A 459 -58.61 -10.41 -17.47
C THR A 459 -58.02 -11.72 -16.93
N LYS A 460 -58.49 -12.84 -17.48
CA LYS A 460 -58.12 -14.22 -17.09
C LYS A 460 -56.93 -14.67 -17.95
N ILE A 461 -56.58 -13.91 -19.01
CA ILE A 461 -55.73 -14.45 -20.12
C ILE A 461 -54.33 -14.75 -19.59
N PHE A 462 -53.82 -13.98 -18.61
CA PHE A 462 -52.46 -14.11 -18.06
C PHE A 462 -52.44 -15.10 -16.91
N GLN A 463 -53.58 -15.67 -16.49
CA GLN A 463 -53.68 -16.47 -15.24
C GLN A 463 -52.77 -17.71 -15.30
N PHE A 464 -52.45 -18.24 -16.49
CA PHE A 464 -51.71 -19.52 -16.66
C PHE A 464 -50.24 -19.36 -16.28
N LEU A 465 -49.70 -18.15 -16.38
CA LEU A 465 -48.26 -17.85 -16.13
C LEU A 465 -47.87 -18.25 -14.70
N LYS A 466 -46.80 -19.03 -14.54
CA LYS A 466 -46.37 -19.58 -13.23
C LYS A 466 -45.50 -18.54 -12.51
N LEU A 467 -45.92 -18.01 -11.35
CA LEU A 467 -45.22 -16.91 -10.66
C LEU A 467 -44.28 -17.46 -9.58
N THR A 468 -43.40 -16.59 -9.07
CA THR A 468 -42.54 -16.85 -7.89
C THR A 468 -42.86 -15.78 -6.85
N THR A 469 -42.59 -16.06 -5.57
CA THR A 469 -42.75 -15.09 -4.45
C THR A 469 -41.36 -14.62 -4.02
N TRP A 470 -40.29 -15.08 -4.66
CA TRP A 470 -38.90 -14.70 -4.29
C TRP A 470 -38.44 -13.57 -5.19
N ILE A 471 -39.11 -12.43 -5.06
CA ILE A 471 -38.92 -11.19 -5.86
C ILE A 471 -37.88 -10.32 -5.16
N LEU A 472 -38.12 -10.05 -3.87
CA LEU A 472 -37.17 -9.31 -3.01
C LEU A 472 -36.86 -10.07 -1.72
N PRO A 473 -35.70 -9.76 -1.12
CA PRO A 473 -35.27 -10.38 0.13
C PRO A 473 -36.31 -10.06 1.21
N LYS A 474 -36.81 -11.11 1.86
CA LYS A 474 -37.74 -10.97 3.01
C LYS A 474 -37.10 -11.71 4.19
N ILE A 475 -36.40 -12.82 3.95
CA ILE A 475 -35.75 -13.56 5.06
C ILE A 475 -34.36 -12.99 5.32
N THR A 476 -33.66 -12.57 4.27
CA THR A 476 -32.29 -12.00 4.34
C THR A 476 -32.40 -10.52 4.70
N ARG A 477 -31.74 -10.08 5.79
CA ARG A 477 -31.89 -8.69 6.29
C ARG A 477 -30.67 -7.86 5.87
N CYS A 478 -30.90 -6.58 5.55
CA CYS A 478 -29.86 -5.57 5.21
C CYS A 478 -28.99 -5.26 6.44
N GLU A 479 -29.59 -5.24 7.63
CA GLU A 479 -28.90 -4.77 8.86
C GLU A 479 -29.02 -5.86 9.90
N PRO A 480 -28.16 -5.82 10.94
CA PRO A 480 -28.23 -6.78 12.02
C PRO A 480 -29.64 -6.71 12.62
N LEU A 481 -30.18 -7.87 13.02
CA LEU A 481 -31.41 -7.98 13.86
C LEU A 481 -31.15 -7.51 15.29
N GLU A 482 -32.20 -6.97 15.93
CA GLU A 482 -32.19 -6.48 17.33
C GLU A 482 -32.25 -7.69 18.26
N ASN A 483 -31.49 -7.68 19.34
CA ASN A 483 -31.66 -8.65 20.45
C ASN A 483 -31.71 -10.06 19.88
N ALA A 484 -30.71 -10.44 19.07
CA ALA A 484 -30.65 -11.74 18.39
C ALA A 484 -29.32 -12.41 18.75
N LEU A 485 -29.32 -13.74 18.84
CA LEU A 485 -28.06 -14.53 18.99
C LEU A 485 -27.14 -14.24 17.79
N THR A 486 -25.84 -14.12 18.05
CA THR A 486 -24.73 -13.97 17.07
C THR A 486 -23.98 -15.29 16.94
N VAL A 487 -23.96 -15.88 15.74
CA VAL A 487 -23.15 -17.10 15.43
C VAL A 487 -21.96 -16.68 14.56
N PHE A 488 -20.81 -17.32 14.81
CA PHE A 488 -19.56 -17.13 14.04
C PHE A 488 -19.18 -18.45 13.40
N THR A 489 -18.94 -18.43 12.10
CA THR A 489 -18.71 -19.62 11.25
C THR A 489 -17.27 -19.58 10.76
N ASP A 490 -16.71 -20.73 10.43
CA ASP A 490 -15.46 -20.81 9.62
C ASP A 490 -15.36 -22.20 8.99
N GLY A 491 -14.34 -22.37 8.17
CA GLY A 491 -14.09 -23.61 7.40
C GLY A 491 -12.65 -23.62 6.95
N SER A 492 -12.13 -24.80 6.63
CA SER A 492 -10.71 -25.09 6.31
C SER A 492 -10.61 -26.06 5.12
N SER A 493 -9.54 -25.94 4.32
CA SER A 493 -9.21 -26.87 3.21
C SER A 493 -9.07 -28.32 3.72
N ASN A 494 -8.79 -28.55 5.01
CA ASN A 494 -8.83 -29.89 5.65
C ASN A 494 -10.26 -30.42 5.76
N GLY A 495 -11.25 -29.69 5.25
CA GLY A 495 -12.67 -30.11 5.19
C GLY A 495 -13.43 -29.88 6.50
N LYS A 496 -12.79 -29.34 7.53
CA LYS A 496 -13.46 -29.08 8.82
C LYS A 496 -14.24 -27.77 8.71
N ALA A 497 -15.43 -27.75 9.31
CA ALA A 497 -16.31 -26.57 9.39
C ALA A 497 -16.78 -26.43 10.84
N ALA A 498 -17.04 -25.22 11.30
CA ALA A 498 -17.59 -25.02 12.67
C ALA A 498 -18.32 -23.70 12.77
N TYR A 499 -19.25 -23.62 13.72
CA TYR A 499 -19.72 -22.32 14.26
C TYR A 499 -19.41 -22.24 15.75
N THR A 500 -19.45 -21.03 16.29
CA THR A 500 -19.35 -20.80 17.75
C THR A 500 -20.08 -19.50 18.10
N GLY A 501 -20.16 -19.21 19.41
CA GLY A 501 -20.97 -18.14 20.01
C GLY A 501 -21.85 -18.70 21.14
N PRO A 502 -23.19 -18.55 21.08
CA PRO A 502 -24.09 -19.09 22.10
C PRO A 502 -24.23 -20.62 22.09
N LYS A 503 -23.87 -21.29 20.99
CA LYS A 503 -23.68 -22.76 20.93
C LYS A 503 -22.50 -23.03 20.00
N GLU A 504 -21.91 -24.22 20.11
CA GLU A 504 -20.69 -24.63 19.36
C GLU A 504 -21.00 -25.91 18.59
N ARG A 505 -20.25 -26.16 17.53
CA ARG A 505 -20.31 -27.40 16.74
C ARG A 505 -19.16 -27.40 15.74
N VAL A 506 -18.54 -28.57 15.57
CA VAL A 506 -17.60 -28.90 14.45
C VAL A 506 -18.25 -29.94 13.54
N ILE A 507 -18.08 -29.77 12.23
CA ILE A 507 -18.52 -30.73 11.16
C ILE A 507 -17.28 -31.19 10.40
N LYS A 508 -17.18 -32.47 10.09
CA LYS A 508 -16.31 -32.97 9.00
C LYS A 508 -17.09 -32.90 7.69
N THR A 509 -16.68 -32.03 6.77
CA THR A 509 -17.36 -31.82 5.48
C THR A 509 -16.57 -32.55 4.40
N PRO A 510 -17.23 -32.93 3.28
CA PRO A 510 -16.56 -33.65 2.19
C PRO A 510 -15.64 -32.74 1.36
N TYR A 511 -15.64 -31.45 1.62
CA TYR A 511 -15.06 -30.45 0.70
C TYR A 511 -13.58 -30.29 1.04
N GLN A 512 -12.80 -29.82 0.07
CA GLN A 512 -11.34 -29.64 0.22
C GLN A 512 -11.05 -28.15 0.07
N SER A 513 -12.11 -27.34 0.03
CA SER A 513 -12.05 -25.86 -0.05
C SER A 513 -12.49 -25.28 1.30
N ALA A 514 -11.81 -24.24 1.78
CA ALA A 514 -12.21 -23.48 2.98
C ALA A 514 -13.61 -22.88 2.79
N GLN A 515 -13.86 -22.28 1.62
CA GLN A 515 -15.15 -21.65 1.24
C GLN A 515 -16.26 -22.71 1.29
N ARG A 516 -16.04 -23.85 0.63
CA ARG A 516 -17.10 -24.88 0.51
C ARG A 516 -17.42 -25.44 1.90
N ALA A 517 -16.41 -25.64 2.74
CA ALA A 517 -16.54 -26.12 4.13
C ALA A 517 -17.39 -25.13 4.92
N GLU A 518 -17.01 -23.85 4.85
CA GLU A 518 -17.72 -22.79 5.60
C GLU A 518 -19.19 -22.66 5.16
N LEU A 519 -19.52 -22.77 3.88
CA LEU A 519 -20.94 -22.82 3.43
C LEU A 519 -21.69 -23.95 4.12
N VAL A 520 -21.03 -25.07 4.42
CA VAL A 520 -21.77 -26.14 5.15
C VAL A 520 -22.03 -25.65 6.58
N ALA A 521 -21.10 -24.93 7.20
CA ALA A 521 -21.27 -24.34 8.55
C ALA A 521 -22.47 -23.38 8.52
N VAL A 522 -22.47 -22.49 7.54
CA VAL A 522 -23.53 -21.45 7.38
C VAL A 522 -24.87 -22.18 7.20
N ILE A 523 -24.90 -23.26 6.42
CA ILE A 523 -26.16 -24.05 6.23
C ILE A 523 -26.57 -24.61 7.60
N THR A 524 -25.66 -25.26 8.32
CA THR A 524 -25.95 -25.86 9.66
C THR A 524 -26.42 -24.75 10.62
N VAL A 525 -25.77 -23.59 10.62
CA VAL A 525 -26.22 -22.44 11.46
C VAL A 525 -27.67 -22.10 11.10
N LEU A 526 -28.02 -22.01 9.83
CA LEU A 526 -29.39 -21.57 9.43
C LEU A 526 -30.42 -22.65 9.81
N GLN A 527 -29.98 -23.90 9.94
CA GLN A 527 -30.82 -25.07 10.38
C GLN A 527 -31.02 -25.08 11.91
N ASP A 528 -29.94 -24.94 12.70
CA ASP A 528 -29.90 -25.25 14.16
C ASP A 528 -30.31 -24.05 15.04
N PHE A 529 -30.39 -22.83 14.49
CA PHE A 529 -30.94 -21.65 15.17
C PHE A 529 -32.30 -21.28 14.57
N ASP A 530 -33.35 -21.98 14.99
CA ASP A 530 -34.75 -21.73 14.53
C ASP A 530 -35.31 -20.44 15.16
N GLN A 531 -34.62 -19.33 14.90
CA GLN A 531 -34.80 -18.02 15.60
C GLN A 531 -34.02 -16.95 14.86
N PRO A 532 -34.33 -15.66 15.08
CA PRO A 532 -33.54 -14.60 14.47
C PRO A 532 -32.08 -14.72 14.90
N ILE A 533 -31.18 -14.67 13.92
CA ILE A 533 -29.71 -14.85 14.13
C ILE A 533 -28.98 -13.80 13.31
N ASN A 534 -27.84 -13.36 13.83
CA ASN A 534 -26.82 -12.60 13.08
C ASN A 534 -25.64 -13.55 12.87
N ILE A 535 -25.02 -13.49 11.70
CA ILE A 535 -23.91 -14.42 11.34
C ILE A 535 -22.69 -13.61 10.90
N ILE A 536 -21.53 -13.93 11.47
CA ILE A 536 -20.25 -13.27 11.10
C ILE A 536 -19.30 -14.34 10.58
N SER A 537 -18.88 -14.18 9.31
CA SER A 537 -17.95 -15.06 8.56
C SER A 537 -16.75 -14.22 8.08
N ASP A 538 -15.57 -14.84 7.98
CA ASP A 538 -14.31 -14.19 7.57
C ASP A 538 -14.20 -14.21 6.05
N SER A 539 -15.05 -14.96 5.35
CA SER A 539 -14.98 -15.14 3.88
C SER A 539 -16.01 -14.23 3.18
N ALA A 540 -15.51 -13.24 2.47
CA ALA A 540 -16.32 -12.38 1.56
C ALA A 540 -17.21 -13.27 0.72
N TYR A 541 -16.64 -14.37 0.26
CA TYR A 541 -17.26 -15.30 -0.70
C TYR A 541 -18.53 -15.85 -0.04
N VAL A 542 -18.36 -16.47 1.12
CA VAL A 542 -19.49 -17.13 1.84
C VAL A 542 -20.51 -16.03 2.13
N VAL A 543 -20.05 -14.85 2.53
CA VAL A 543 -21.00 -13.78 2.95
C VAL A 543 -21.85 -13.37 1.73
N GLN A 544 -21.24 -13.13 0.58
CA GLN A 544 -21.95 -12.63 -0.62
C GLN A 544 -22.92 -13.68 -1.14
N ALA A 545 -22.49 -14.95 -1.19
CA ALA A 545 -23.36 -16.06 -1.62
C ALA A 545 -24.59 -16.10 -0.72
N THR A 546 -24.40 -16.19 0.60
CA THR A 546 -25.47 -16.35 1.61
C THR A 546 -26.44 -15.16 1.55
N ARG A 547 -25.92 -13.94 1.39
CA ARG A 547 -26.77 -12.72 1.38
C ARG A 547 -27.53 -12.58 0.05
N ASP A 548 -27.15 -13.30 -1.03
CA ASP A 548 -27.73 -13.04 -2.38
C ASP A 548 -28.61 -14.19 -2.92
N VAL A 549 -28.56 -15.41 -2.36
CA VAL A 549 -29.21 -16.67 -2.83
C VAL A 549 -30.73 -16.58 -2.77
N GLU A 550 -31.30 -15.80 -1.86
CA GLU A 550 -32.75 -15.93 -1.58
C GLU A 550 -33.52 -15.71 -2.88
N THR A 551 -33.19 -14.66 -3.66
CA THR A 551 -33.95 -14.22 -4.86
C THR A 551 -33.18 -14.56 -6.14
N ALA A 552 -32.10 -15.36 -6.04
CA ALA A 552 -31.09 -15.52 -7.10
C ALA A 552 -31.51 -16.64 -8.06
N LEU A 553 -31.20 -16.41 -9.33
CA LEU A 553 -30.96 -17.40 -10.41
C LEU A 553 -29.53 -17.90 -10.25
N ILE A 554 -29.34 -19.16 -9.91
CA ILE A 554 -28.01 -19.78 -9.74
C ILE A 554 -27.51 -20.24 -11.12
N LYS A 555 -26.35 -19.74 -11.54
CA LYS A 555 -25.76 -20.08 -12.87
C LYS A 555 -25.44 -21.57 -12.86
N TYR A 556 -25.65 -22.23 -13.99
CA TYR A 556 -25.26 -23.63 -14.25
C TYR A 556 -23.75 -23.67 -14.49
N SER A 557 -22.95 -23.90 -13.45
CA SER A 557 -21.46 -23.98 -13.54
C SER A 557 -21.05 -25.40 -13.99
N MET A 558 -19.79 -25.55 -14.40
CA MET A 558 -19.21 -26.86 -14.81
C MET A 558 -18.75 -27.63 -13.57
N ASP A 559 -18.88 -27.06 -12.37
CA ASP A 559 -18.67 -27.81 -11.10
C ASP A 559 -20.05 -28.09 -10.53
N ASP A 560 -20.62 -29.27 -10.78
CA ASP A 560 -21.92 -29.68 -10.20
C ASP A 560 -21.87 -29.59 -8.67
N GLN A 561 -20.75 -29.96 -8.06
CA GLN A 561 -20.62 -30.07 -6.57
C GLN A 561 -20.97 -28.71 -5.94
N LEU A 562 -20.45 -27.63 -6.55
CA LEU A 562 -20.71 -26.23 -6.15
C LEU A 562 -22.19 -25.87 -6.39
N ASN A 563 -22.75 -26.22 -7.55
CA ASN A 563 -24.17 -26.00 -7.86
C ASN A 563 -25.03 -26.65 -6.77
N GLN A 564 -24.69 -27.87 -6.33
CA GLN A 564 -25.53 -28.59 -5.34
C GLN A 564 -25.47 -27.83 -4.01
N LEU A 565 -24.31 -27.26 -3.72
CA LEU A 565 -24.07 -26.56 -2.44
C LEU A 565 -24.87 -25.24 -2.43
N PHE A 566 -24.76 -24.46 -3.50
CA PHE A 566 -25.50 -23.19 -3.65
C PHE A 566 -27.00 -23.47 -3.64
N ASN A 567 -27.39 -24.59 -4.22
CA ASN A 567 -28.81 -25.01 -4.26
C ASN A 567 -29.27 -25.36 -2.84
N LEU A 568 -28.45 -26.09 -2.08
CA LEU A 568 -28.84 -26.48 -0.69
C LEU A 568 -28.89 -25.20 0.16
N LEU A 569 -27.87 -24.34 0.06
CA LEU A 569 -27.85 -23.02 0.75
C LEU A 569 -29.13 -22.26 0.41
N GLN A 570 -29.58 -22.30 -0.85
CA GLN A 570 -30.79 -21.54 -1.26
C GLN A 570 -32.03 -22.16 -0.62
N GLN A 571 -32.16 -23.49 -0.68
CA GLN A 571 -33.33 -24.14 -0.04
C GLN A 571 -33.30 -23.82 1.46
N THR A 572 -32.13 -23.86 2.11
CA THR A 572 -32.00 -23.63 3.57
C THR A 572 -32.56 -22.22 3.88
N VAL A 573 -32.19 -21.20 3.12
CA VAL A 573 -32.63 -19.79 3.37
C VAL A 573 -34.15 -19.72 3.19
N ARG A 574 -34.67 -20.39 2.16
CA ARG A 574 -36.08 -20.24 1.71
C ARG A 574 -37.01 -20.96 2.69
N LYS A 575 -36.54 -22.04 3.31
CA LYS A 575 -37.27 -22.81 4.35
C LYS A 575 -37.19 -22.15 5.74
N ARG A 576 -36.55 -20.98 5.90
CA ARG A 576 -36.41 -20.33 7.23
C ARG A 576 -37.79 -19.97 7.79
N ASN A 577 -37.93 -20.03 9.11
CA ASN A 577 -39.11 -19.56 9.88
C ASN A 577 -38.87 -18.11 10.31
N PHE A 578 -37.61 -17.76 10.57
CA PHE A 578 -37.17 -16.43 11.05
C PHE A 578 -36.14 -15.80 10.11
N PRO A 579 -35.99 -14.46 10.16
CA PRO A 579 -35.00 -13.78 9.33
C PRO A 579 -33.59 -14.04 9.87
N PHE A 580 -32.59 -13.63 9.10
CA PHE A 580 -31.17 -13.70 9.48
C PHE A 580 -30.41 -12.63 8.71
N TYR A 581 -29.27 -12.24 9.27
CA TYR A 581 -28.32 -11.28 8.64
C TYR A 581 -26.91 -11.82 8.79
N ILE A 582 -26.14 -11.70 7.71
CA ILE A 582 -24.76 -12.24 7.61
C ILE A 582 -23.87 -11.09 7.18
N THR A 583 -22.74 -10.87 7.86
CA THR A 583 -21.71 -9.91 7.40
C THR A 583 -20.32 -10.50 7.52
N HIS A 584 -19.37 -9.78 6.92
CA HIS A 584 -17.93 -10.12 6.83
C HIS A 584 -17.19 -9.44 7.97
N ILE A 585 -16.37 -10.21 8.67
CA ILE A 585 -15.21 -9.71 9.45
C ILE A 585 -13.91 -10.05 8.68
N ARG A 586 -13.07 -9.03 8.42
CA ARG A 586 -11.66 -9.16 7.98
C ARG A 586 -11.00 -10.24 8.83
N ALA A 587 -10.13 -11.06 8.23
CA ALA A 587 -9.90 -12.45 8.66
C ALA A 587 -8.91 -12.55 9.84
N HIS A 588 -7.77 -11.84 9.83
CA HIS A 588 -6.75 -12.17 10.86
C HIS A 588 -6.31 -10.92 11.58
N THR A 589 -7.23 -10.02 11.92
CA THR A 589 -6.86 -8.65 12.34
C THR A 589 -6.13 -8.69 13.69
N ASN A 590 -6.46 -9.66 14.54
CA ASN A 590 -6.01 -9.75 15.96
C ASN A 590 -6.36 -8.46 16.74
N LEU A 591 -7.40 -7.74 16.32
CA LEU A 591 -7.92 -6.61 17.14
C LEU A 591 -8.62 -7.16 18.36
N PRO A 592 -8.77 -6.33 19.40
CA PRO A 592 -9.60 -6.66 20.55
C PRO A 592 -11.08 -6.83 20.20
N GLY A 593 -11.85 -7.26 21.20
CA GLY A 593 -13.32 -7.19 21.19
C GLY A 593 -13.92 -8.58 21.12
N PRO A 594 -15.25 -8.72 21.28
CA PRO A 594 -15.87 -10.04 21.29
C PRO A 594 -15.98 -10.70 19.92
N LEU A 595 -16.06 -9.95 18.83
CA LEU A 595 -16.25 -10.55 17.48
C LEU A 595 -14.93 -11.19 17.00
N THR A 596 -13.80 -10.53 17.21
CA THR A 596 -12.48 -11.16 17.02
C THR A 596 -12.33 -12.45 17.83
N LYS A 597 -12.70 -12.43 19.11
CA LYS A 597 -12.58 -13.55 20.08
C LYS A 597 -13.30 -14.77 19.51
N ALA A 598 -14.60 -14.61 19.20
CA ALA A 598 -15.45 -15.71 18.66
C ALA A 598 -14.93 -16.13 17.28
N ASN A 599 -14.51 -15.20 16.42
CA ASN A 599 -13.95 -15.56 15.09
C ASN A 599 -12.71 -16.42 15.31
N GLU A 600 -11.92 -16.15 16.35
CA GLU A 600 -10.67 -16.90 16.63
C GLU A 600 -11.01 -18.29 17.18
N GLN A 601 -12.06 -18.39 18.00
CA GLN A 601 -12.58 -19.69 18.49
C GLN A 601 -13.00 -20.58 17.30
N ALA A 602 -13.77 -20.02 16.36
CA ALA A 602 -14.25 -20.72 15.16
C ALA A 602 -13.02 -21.22 14.38
N ASP A 603 -12.03 -20.35 14.18
CA ASP A 603 -10.80 -20.69 13.42
C ASP A 603 -10.08 -21.86 14.10
N LEU A 604 -9.96 -21.84 15.42
CA LEU A 604 -9.33 -22.95 16.17
C LEU A 604 -10.17 -24.22 16.05
N LEU A 605 -11.50 -24.12 16.08
CA LEU A 605 -12.39 -25.32 16.01
C LEU A 605 -12.21 -26.08 14.68
N VAL A 606 -11.57 -25.48 13.66
CA VAL A 606 -11.45 -26.06 12.28
C VAL A 606 -9.97 -26.23 11.89
N SER A 607 -9.04 -26.32 12.84
CA SER A 607 -7.60 -26.58 12.58
C SER A 607 -7.33 -28.10 12.52
N SER A 608 -6.15 -28.49 12.02
CA SER A 608 -5.48 -29.80 12.21
C SER A 608 -6.50 -30.94 12.30
N PRO B 42 -4.24 24.51 -47.47
CA PRO B 42 -3.18 23.64 -46.94
C PRO B 42 -3.64 22.17 -46.93
N LYS B 43 -3.24 21.38 -47.93
CA LYS B 43 -3.73 19.98 -48.07
C LYS B 43 -3.70 19.35 -46.68
N PRO B 44 -4.83 18.90 -46.08
CA PRO B 44 -4.80 18.30 -44.74
C PRO B 44 -3.91 17.04 -44.72
N ILE B 45 -3.13 16.88 -43.65
CA ILE B 45 -2.38 15.61 -43.40
C ILE B 45 -3.38 14.61 -42.81
N PRO B 46 -3.37 13.35 -43.29
CA PRO B 46 -4.20 12.30 -42.70
C PRO B 46 -3.71 11.87 -41.31
N LEU B 47 -4.63 11.40 -40.46
CA LEU B 47 -4.33 11.01 -39.06
C LEU B 47 -3.62 9.66 -39.06
N THR B 48 -2.87 9.37 -38.00
CA THR B 48 -2.14 8.10 -37.82
C THR B 48 -3.03 7.14 -37.01
N TRP B 49 -3.20 5.92 -37.50
CA TRP B 49 -4.07 4.89 -36.87
C TRP B 49 -3.25 3.68 -36.46
N LYS B 50 -3.49 3.11 -35.27
CA LYS B 50 -2.88 1.84 -34.81
C LYS B 50 -3.25 0.74 -35.81
N THR B 51 -4.50 0.72 -36.24
CA THR B 51 -5.10 -0.42 -37.00
C THR B 51 -5.96 0.18 -38.14
N GLU B 52 -6.14 -0.55 -39.23
CA GLU B 52 -7.09 -0.10 -40.28
C GLU B 52 -8.37 -0.95 -40.18
N LYS B 53 -8.54 -1.75 -39.13
CA LYS B 53 -9.74 -2.62 -38.95
C LYS B 53 -10.89 -1.71 -38.53
N PRO B 54 -12.00 -1.67 -39.30
CA PRO B 54 -13.12 -0.76 -38.99
C PRO B 54 -13.83 -1.15 -37.69
N VAL B 55 -14.23 -0.18 -36.86
CA VAL B 55 -15.00 -0.50 -35.63
C VAL B 55 -16.43 0.00 -35.84
N TRP B 56 -17.41 -0.86 -35.64
CA TRP B 56 -18.84 -0.52 -35.77
C TRP B 56 -19.48 -0.65 -34.39
N VAL B 57 -19.89 0.46 -33.79
CA VAL B 57 -20.67 0.49 -32.53
C VAL B 57 -22.12 0.81 -32.89
N ASN B 58 -23.03 -0.08 -32.49
CA ASN B 58 -24.45 -0.09 -32.94
C ASN B 58 -25.14 1.17 -32.43
N GLN B 59 -25.81 1.90 -33.31
CA GLN B 59 -26.74 2.97 -32.89
C GLN B 59 -27.95 2.31 -32.24
N TRP B 60 -28.56 2.91 -31.21
CA TRP B 60 -29.77 2.35 -30.58
C TRP B 60 -30.98 3.17 -31.06
N PRO B 61 -32.19 2.59 -31.03
CA PRO B 61 -33.40 3.37 -31.27
C PRO B 61 -33.53 4.59 -30.33
N LEU B 62 -34.16 5.65 -30.85
CA LEU B 62 -34.42 6.90 -30.13
C LEU B 62 -35.88 7.24 -30.35
N PRO B 63 -36.53 7.99 -29.42
CA PRO B 63 -37.91 8.40 -29.64
C PRO B 63 -38.06 9.43 -30.78
N LYS B 64 -39.26 9.58 -31.33
CA LYS B 64 -39.47 10.42 -32.53
C LYS B 64 -38.81 11.78 -32.25
N GLN B 65 -39.24 12.47 -31.19
CA GLN B 65 -38.79 13.87 -30.93
C GLN B 65 -37.28 13.96 -31.16
N LYS B 66 -36.52 12.96 -30.69
CA LYS B 66 -35.05 12.97 -30.77
C LYS B 66 -34.64 12.59 -32.19
N LEU B 67 -35.37 11.70 -32.86
CA LEU B 67 -35.10 11.37 -34.29
C LEU B 67 -35.34 12.62 -35.15
N GLU B 68 -36.42 13.37 -34.90
CA GLU B 68 -36.73 14.63 -35.63
C GLU B 68 -35.60 15.64 -35.40
N ALA B 69 -35.18 15.80 -34.15
CA ALA B 69 -34.08 16.73 -33.76
C ALA B 69 -32.80 16.30 -34.47
N LEU B 70 -32.50 15.00 -34.46
CA LEU B 70 -31.31 14.43 -35.15
C LEU B 70 -31.38 14.82 -36.63
N HIS B 71 -32.50 14.58 -37.33
CA HIS B 71 -32.61 14.86 -38.78
C HIS B 71 -32.42 16.38 -38.98
N LEU B 72 -33.09 17.19 -38.16
CA LEU B 72 -33.00 18.67 -38.25
C LEU B 72 -31.54 19.11 -38.20
N LEU B 73 -30.78 18.63 -37.21
CA LEU B 73 -29.40 19.07 -36.93
C LEU B 73 -28.48 18.52 -38.02
N ALA B 74 -28.71 17.30 -38.48
CA ALA B 74 -27.90 16.69 -39.57
C ALA B 74 -28.03 17.55 -40.84
N ASN B 75 -29.24 17.99 -41.16
CA ASN B 75 -29.53 18.83 -42.36
C ASN B 75 -28.83 20.19 -42.20
N GLU B 76 -28.87 20.77 -41.00
CA GLU B 76 -28.19 22.05 -40.66
C GLU B 76 -26.69 21.92 -41.00
N GLN B 77 -26.10 20.81 -40.56
CA GLN B 77 -24.66 20.49 -40.74
C GLN B 77 -24.43 20.16 -42.22
N LEU B 78 -25.40 19.52 -42.88
CA LEU B 78 -25.29 19.18 -44.31
C LEU B 78 -25.22 20.49 -45.09
N GLU B 79 -26.01 21.49 -44.68
CA GLU B 79 -26.06 22.76 -45.42
C GLU B 79 -24.72 23.48 -45.25
N LYS B 80 -24.07 23.34 -44.09
CA LYS B 80 -22.75 23.99 -43.85
C LYS B 80 -21.62 23.15 -44.49
N GLY B 81 -21.92 21.97 -45.04
CA GLY B 81 -20.92 21.13 -45.76
C GLY B 81 -19.97 20.41 -44.81
N HIS B 82 -20.32 20.35 -43.53
CA HIS B 82 -19.51 19.70 -42.47
C HIS B 82 -19.70 18.19 -42.48
N ILE B 83 -20.86 17.69 -42.91
CA ILE B 83 -21.11 16.22 -43.05
C ILE B 83 -21.58 15.93 -44.48
N GLU B 84 -21.56 14.66 -44.86
CA GLU B 84 -22.08 14.17 -46.15
C GLU B 84 -22.59 12.76 -45.93
N PRO B 85 -23.45 12.25 -46.85
CA PRO B 85 -23.95 10.87 -46.78
C PRO B 85 -22.84 9.82 -46.73
N SER B 86 -23.08 8.72 -45.98
CA SER B 86 -22.06 7.70 -45.68
C SER B 86 -22.51 6.29 -46.02
N PHE B 87 -21.53 5.46 -46.36
CA PHE B 87 -21.69 4.01 -46.64
C PHE B 87 -20.59 3.30 -45.84
N SER B 88 -20.06 3.96 -44.80
CA SER B 88 -18.85 3.50 -44.07
C SER B 88 -19.11 2.20 -43.33
N PRO B 89 -18.09 1.34 -43.11
CA PRO B 89 -18.23 0.22 -42.17
C PRO B 89 -17.94 0.63 -40.71
N TRP B 90 -17.53 1.88 -40.50
CA TRP B 90 -17.33 2.48 -39.15
C TRP B 90 -18.65 3.04 -38.69
N ASN B 91 -18.92 2.99 -37.40
CA ASN B 91 -20.09 3.68 -36.84
C ASN B 91 -19.83 4.06 -35.40
N SER B 92 -20.17 5.29 -35.06
CA SER B 92 -20.14 5.78 -33.67
C SER B 92 -21.52 6.26 -33.30
N PRO B 93 -22.05 5.86 -32.10
CA PRO B 93 -23.37 6.27 -31.65
C PRO B 93 -23.47 7.79 -31.43
N VAL B 94 -24.68 8.29 -31.60
CA VAL B 94 -24.99 9.73 -31.43
C VAL B 94 -26.25 9.81 -30.55
N PHE B 95 -26.39 10.91 -29.83
CA PHE B 95 -27.57 11.20 -28.97
C PHE B 95 -27.74 12.73 -28.96
N VAL B 96 -28.93 13.18 -28.59
CA VAL B 96 -29.27 14.61 -28.63
C VAL B 96 -29.76 15.04 -27.26
N ILE B 97 -29.29 16.21 -26.83
CA ILE B 97 -29.51 16.82 -25.49
C ILE B 97 -30.31 18.11 -25.71
N GLN B 98 -31.49 18.22 -25.12
CA GLN B 98 -32.31 19.43 -25.25
C GLN B 98 -31.79 20.48 -24.29
N LYS B 99 -31.44 21.67 -24.78
CA LYS B 99 -31.15 22.81 -23.88
C LYS B 99 -32.49 23.41 -23.41
N LYS B 100 -32.46 24.29 -22.41
CA LYS B 100 -33.68 24.94 -21.87
C LYS B 100 -34.24 25.89 -22.94
N SER B 101 -33.43 26.29 -23.93
CA SER B 101 -33.88 27.08 -25.10
C SER B 101 -34.94 26.29 -25.86
N GLY B 102 -34.87 24.95 -25.81
CA GLY B 102 -35.75 24.07 -26.61
C GLY B 102 -35.02 23.49 -27.79
N LYS B 103 -33.84 24.04 -28.11
CA LYS B 103 -32.97 23.54 -29.21
C LYS B 103 -32.24 22.29 -28.73
N TRP B 104 -31.75 21.49 -29.67
CA TRP B 104 -31.07 20.21 -29.40
C TRP B 104 -29.60 20.36 -29.77
N ARG B 105 -28.68 19.65 -29.11
CA ARG B 105 -27.28 19.57 -29.60
C ARG B 105 -26.92 18.10 -29.83
N MET B 106 -26.29 17.78 -30.96
CA MET B 106 -25.92 16.37 -31.24
C MET B 106 -24.58 16.11 -30.60
N LEU B 107 -24.52 15.13 -29.70
CA LEU B 107 -23.23 14.56 -29.21
C LEU B 107 -22.96 13.23 -29.89
N THR B 108 -21.68 12.91 -30.10
CA THR B 108 -21.22 11.58 -30.58
C THR B 108 -20.31 10.95 -29.53
N ASP B 109 -20.43 9.64 -29.33
CA ASP B 109 -19.54 8.85 -28.45
C ASP B 109 -18.40 8.32 -29.32
N LEU B 110 -17.22 8.96 -29.25
CA LEU B 110 -16.06 8.66 -30.15
C LEU B 110 -15.00 7.81 -29.44
N ARG B 111 -15.36 7.20 -28.31
CA ARG B 111 -14.41 6.41 -27.48
C ARG B 111 -13.73 5.38 -28.37
N ALA B 112 -14.53 4.65 -29.13
CA ALA B 112 -14.07 3.48 -29.91
C ALA B 112 -13.09 3.94 -31.00
N VAL B 113 -13.36 5.08 -31.64
CA VAL B 113 -12.52 5.65 -32.75
C VAL B 113 -11.20 6.23 -32.20
N ASN B 114 -11.31 6.95 -31.08
CA ASN B 114 -10.15 7.60 -30.42
C ASN B 114 -9.18 6.52 -29.96
N ALA B 115 -9.71 5.39 -29.48
CA ALA B 115 -8.87 4.29 -28.93
C ALA B 115 -7.97 3.79 -30.06
N LEU B 116 -8.36 4.04 -31.31
CA LEU B 116 -7.53 3.53 -32.44
C LEU B 116 -6.56 4.60 -32.92
N ILE B 117 -6.65 5.84 -32.43
CA ILE B 117 -5.68 6.89 -32.88
C ILE B 117 -4.29 6.49 -32.37
N GLN B 118 -3.28 6.57 -33.23
CA GLN B 118 -1.87 6.26 -32.87
C GLN B 118 -1.25 7.51 -32.28
N PRO B 119 -0.83 7.51 -30.99
CA PRO B 119 -0.25 8.69 -30.36
C PRO B 119 1.14 8.97 -30.94
N MET B 120 1.50 10.24 -31.05
CA MET B 120 2.81 10.68 -31.60
C MET B 120 3.70 11.13 -30.44
N GLY B 121 5.01 11.24 -30.69
CA GLY B 121 6.00 11.57 -29.65
C GLY B 121 6.09 13.07 -29.42
N PRO B 122 7.00 13.56 -28.54
CA PRO B 122 7.03 14.98 -28.16
C PRO B 122 7.54 15.92 -29.25
N LEU B 123 6.91 15.87 -30.44
CA LEU B 123 7.35 16.58 -31.68
C LEU B 123 7.65 18.06 -31.41
N GLN B 124 8.71 18.57 -32.07
CA GLN B 124 9.30 19.92 -31.85
C GLN B 124 9.67 20.09 -30.38
N PRO B 125 10.58 19.25 -29.83
CA PRO B 125 10.92 19.34 -28.41
C PRO B 125 12.03 20.37 -28.18
N GLY B 126 12.83 20.64 -29.21
CA GLY B 126 13.89 21.66 -29.17
C GLY B 126 13.36 23.06 -29.42
N LEU B 127 12.03 23.27 -29.28
CA LEU B 127 11.36 24.59 -29.34
C LEU B 127 11.43 25.26 -27.97
N PRO B 128 11.35 26.60 -27.89
CA PRO B 128 11.57 27.32 -26.62
C PRO B 128 10.45 27.05 -25.60
N SER B 129 10.82 26.97 -24.32
CA SER B 129 9.92 26.80 -23.14
C SER B 129 9.34 28.17 -22.77
N PRO B 130 8.29 28.21 -21.91
CA PRO B 130 7.62 29.46 -21.58
C PRO B 130 8.53 30.35 -20.72
N ALA B 131 9.37 29.74 -19.89
CA ALA B 131 10.27 30.42 -18.95
C ALA B 131 11.19 31.35 -19.75
N MET B 132 11.75 30.85 -20.85
CA MET B 132 12.79 31.55 -21.65
C MET B 132 12.13 32.53 -22.63
N ILE B 133 11.55 33.63 -22.12
CA ILE B 133 11.30 34.90 -22.89
C ILE B 133 11.86 36.08 -22.10
N PRO B 134 12.29 37.18 -22.76
CA PRO B 134 12.69 38.39 -22.05
C PRO B 134 11.47 39.08 -21.43
N LYS B 135 11.55 39.28 -20.13
CA LYS B 135 10.49 39.94 -19.38
C LYS B 135 10.33 41.37 -19.87
N ASP B 136 11.21 41.89 -20.70
CA ASP B 136 10.92 43.28 -21.12
C ASP B 136 9.92 43.24 -22.28
N TRP B 137 9.65 42.05 -22.82
CA TRP B 137 8.77 41.87 -24.02
C TRP B 137 7.31 41.86 -23.57
N PRO B 138 6.38 42.59 -24.24
CA PRO B 138 4.93 42.37 -24.10
C PRO B 138 4.44 41.06 -24.74
N LEU B 139 3.42 40.43 -24.13
CA LEU B 139 2.89 39.08 -24.50
C LEU B 139 1.41 39.20 -24.90
N ILE B 140 1.04 38.54 -26.00
CA ILE B 140 -0.38 38.36 -26.47
C ILE B 140 -0.85 36.94 -26.13
N ILE B 141 -2.05 36.80 -25.55
CA ILE B 141 -2.56 35.53 -24.93
C ILE B 141 -3.85 35.14 -25.65
N ILE B 142 -3.85 34.04 -26.43
CA ILE B 142 -5.12 33.49 -27.00
C ILE B 142 -5.55 32.21 -26.26
N ASP B 143 -6.82 32.20 -25.81
CA ASP B 143 -7.43 31.11 -25.01
C ASP B 143 -8.18 30.20 -25.97
N LEU B 144 -7.72 28.94 -26.13
CA LEU B 144 -8.21 28.03 -27.20
C LEU B 144 -9.63 27.57 -26.83
N LYS B 145 -10.02 27.66 -25.56
CA LYS B 145 -11.40 27.33 -25.12
C LYS B 145 -12.39 28.37 -25.66
N ASP B 146 -11.93 29.62 -25.80
CA ASP B 146 -12.71 30.77 -26.36
C ASP B 146 -12.94 30.60 -27.86
N CYS B 147 -12.00 29.99 -28.59
CA CYS B 147 -12.02 29.81 -30.06
C CYS B 147 -13.10 28.84 -30.55
N PHE B 148 -13.23 28.76 -31.88
CA PHE B 148 -14.03 27.75 -32.60
C PHE B 148 -13.14 27.06 -33.63
N PHE B 149 -13.15 25.73 -33.69
CA PHE B 149 -12.30 24.92 -34.63
C PHE B 149 -13.18 24.27 -35.71
N THR B 150 -12.81 24.42 -36.99
CA THR B 150 -13.44 23.75 -38.16
C THR B 150 -12.31 23.14 -39.00
N ILE B 151 -11.72 22.05 -38.51
CA ILE B 151 -10.52 21.43 -39.13
C ILE B 151 -10.98 20.46 -40.20
N PRO B 152 -10.65 20.74 -41.48
CA PRO B 152 -10.98 19.84 -42.58
C PRO B 152 -10.25 18.49 -42.42
N LEU B 153 -10.94 17.40 -42.75
CA LEU B 153 -10.39 16.03 -42.79
C LEU B 153 -9.89 15.68 -44.21
N ALA B 154 -8.85 14.86 -44.31
CA ALA B 154 -8.38 14.22 -45.55
C ALA B 154 -9.48 13.28 -46.05
N GLU B 155 -9.63 13.11 -47.36
CA GLU B 155 -10.67 12.25 -47.97
C GLU B 155 -10.76 10.91 -47.21
N GLN B 156 -9.61 10.26 -47.01
CA GLN B 156 -9.56 8.88 -46.46
C GLN B 156 -10.03 8.86 -45.01
N ASP B 157 -9.96 9.96 -44.27
CA ASP B 157 -10.29 9.96 -42.83
C ASP B 157 -11.81 10.17 -42.62
N CYS B 158 -12.56 10.69 -43.58
CA CYS B 158 -13.99 11.06 -43.36
C CYS B 158 -14.83 9.82 -43.01
N GLU B 159 -14.63 8.70 -43.70
CA GLU B 159 -15.37 7.44 -43.47
C GLU B 159 -15.30 7.00 -42.00
N LYS B 160 -14.19 7.21 -41.29
CA LYS B 160 -14.03 6.71 -39.90
C LYS B 160 -15.00 7.46 -38.97
N PHE B 161 -15.34 8.71 -39.28
CA PHE B 161 -16.27 9.50 -38.44
C PHE B 161 -17.70 9.41 -38.96
N ALA B 162 -18.28 8.21 -38.90
CA ALA B 162 -19.65 7.93 -39.40
C ALA B 162 -20.65 7.72 -38.27
N PHE B 163 -21.91 7.92 -38.60
CA PHE B 163 -23.03 7.69 -37.66
C PHE B 163 -24.33 7.47 -38.44
N THR B 164 -25.33 6.94 -37.73
CA THR B 164 -26.59 6.43 -38.29
C THR B 164 -27.72 7.18 -37.59
N ILE B 165 -28.71 7.66 -38.31
CA ILE B 165 -30.01 7.99 -37.65
C ILE B 165 -30.95 6.82 -37.89
N PRO B 166 -31.42 6.10 -36.84
CA PRO B 166 -32.30 4.94 -37.03
C PRO B 166 -33.70 5.36 -37.49
N ALA B 167 -34.47 4.41 -37.99
CA ALA B 167 -35.87 4.64 -38.39
C ALA B 167 -36.80 3.99 -37.38
N ILE B 168 -37.93 4.61 -37.08
CA ILE B 168 -38.98 4.01 -36.22
C ILE B 168 -39.32 2.65 -36.83
N ASN B 169 -39.30 1.61 -36.00
CA ASN B 169 -39.81 0.26 -36.33
C ASN B 169 -39.05 -0.34 -37.51
N ASN B 170 -37.89 0.21 -37.90
CA ASN B 170 -37.13 -0.25 -39.10
C ASN B 170 -38.02 -0.22 -40.35
N LYS B 171 -39.01 0.67 -40.38
CA LYS B 171 -39.99 0.81 -41.49
C LYS B 171 -39.23 1.32 -42.73
N GLU B 172 -38.15 2.07 -42.56
CA GLU B 172 -37.26 2.51 -43.68
C GLU B 172 -35.81 2.21 -43.33
N PRO B 173 -34.88 2.07 -44.31
CA PRO B 173 -33.45 2.04 -44.01
C PRO B 173 -33.00 3.29 -43.26
N ALA B 174 -32.03 3.14 -42.37
CA ALA B 174 -31.47 4.27 -41.61
C ALA B 174 -30.81 5.27 -42.56
N THR B 175 -30.78 6.55 -42.18
CA THR B 175 -29.97 7.59 -42.86
C THR B 175 -28.58 7.63 -42.21
N ARG B 176 -27.50 7.57 -43.01
CA ARG B 176 -26.10 7.47 -42.51
C ARG B 176 -25.30 8.68 -43.00
N PHE B 177 -24.30 9.11 -42.25
CA PHE B 177 -23.52 10.32 -42.57
C PHE B 177 -22.08 10.22 -42.05
N GLN B 178 -21.18 11.02 -42.59
CA GLN B 178 -19.77 11.05 -42.15
C GLN B 178 -19.32 12.51 -42.10
N TRP B 179 -18.45 12.88 -41.16
CA TRP B 179 -17.93 14.26 -41.00
C TRP B 179 -16.89 14.54 -42.10
N LYS B 180 -16.92 15.71 -42.73
CA LYS B 180 -15.81 16.13 -43.63
C LYS B 180 -14.85 17.05 -42.87
N VAL B 181 -15.23 17.44 -41.65
CA VAL B 181 -14.40 18.27 -40.73
C VAL B 181 -14.33 17.56 -39.36
N LEU B 182 -13.29 17.78 -38.57
CA LEU B 182 -13.14 17.02 -37.30
C LEU B 182 -14.30 17.38 -36.38
N PRO B 183 -15.01 16.36 -35.86
CA PRO B 183 -16.03 16.60 -34.84
C PRO B 183 -15.36 17.17 -33.59
N GLN B 184 -16.02 18.12 -32.91
CA GLN B 184 -15.36 18.95 -31.87
C GLN B 184 -14.85 18.09 -30.72
N GLY B 185 -15.50 16.96 -30.39
CA GLY B 185 -15.06 16.05 -29.31
C GLY B 185 -13.64 15.53 -29.48
N MET B 186 -13.19 15.31 -30.72
CA MET B 186 -11.85 14.69 -30.99
C MET B 186 -10.72 15.63 -30.60
N LEU B 187 -10.99 16.92 -30.40
CA LEU B 187 -10.00 17.91 -29.91
C LEU B 187 -9.59 17.58 -28.47
N ASN B 188 -10.42 16.83 -27.74
CA ASN B 188 -10.11 16.35 -26.36
C ASN B 188 -9.04 15.26 -26.41
N SER B 189 -8.74 14.67 -27.58
CA SER B 189 -7.47 13.90 -27.75
C SER B 189 -6.32 14.89 -27.71
N PRO B 190 -5.33 14.76 -26.80
CA PRO B 190 -4.31 15.80 -26.67
C PRO B 190 -3.39 15.88 -27.91
N THR B 191 -3.01 14.70 -28.41
CA THR B 191 -2.17 14.52 -29.61
C THR B 191 -2.70 15.41 -30.72
N ILE B 192 -3.94 15.15 -31.14
CA ILE B 192 -4.64 15.78 -32.30
C ILE B 192 -4.54 17.31 -32.17
N CYS B 193 -5.01 17.82 -31.03
CA CYS B 193 -5.06 19.27 -30.69
C CYS B 193 -3.65 19.87 -30.82
N GLN B 194 -2.66 19.24 -30.18
CA GLN B 194 -1.25 19.74 -30.13
C GLN B 194 -0.69 19.77 -31.54
N THR B 195 -0.87 18.68 -32.29
CA THR B 195 -0.39 18.58 -33.69
C THR B 195 -1.04 19.69 -34.51
N PHE B 196 -2.36 19.83 -34.42
CA PHE B 196 -3.11 20.78 -35.25
C PHE B 196 -2.55 22.16 -35.00
N VAL B 197 -2.45 22.61 -33.74
CA VAL B 197 -2.02 24.01 -33.46
C VAL B 197 -0.56 24.17 -33.92
N GLY B 198 0.28 23.15 -33.75
CA GLY B 198 1.67 23.23 -34.22
C GLY B 198 1.71 23.55 -35.71
N ARG B 199 0.96 22.81 -36.52
CA ARG B 199 0.91 23.02 -37.99
C ARG B 199 0.37 24.44 -38.26
N ALA B 200 -0.60 24.88 -37.46
CA ALA B 200 -1.27 26.19 -37.63
C ALA B 200 -0.27 27.29 -37.27
N LEU B 201 0.65 27.03 -36.35
CA LEU B 201 1.59 28.08 -35.93
C LEU B 201 2.87 27.90 -36.73
N GLN B 202 3.08 26.73 -37.35
CA GLN B 202 4.39 26.44 -37.99
C GLN B 202 4.89 27.60 -38.85
N PRO B 203 4.18 28.13 -39.88
CA PRO B 203 4.75 29.17 -40.73
C PRO B 203 4.93 30.53 -40.03
N VAL B 204 3.94 31.01 -39.28
CA VAL B 204 4.06 32.26 -38.45
C VAL B 204 5.35 32.24 -37.57
N ARG B 205 5.67 31.16 -36.81
CA ARG B 205 6.91 30.98 -36.01
CA ARG B 205 6.91 30.99 -36.00
C ARG B 205 8.15 31.12 -36.88
N GLU B 206 8.24 30.34 -37.97
CA GLU B 206 9.42 30.35 -38.89
C GLU B 206 9.74 31.78 -39.35
N LYS B 207 8.84 32.37 -40.16
CA LYS B 207 9.03 33.71 -40.77
C LYS B 207 9.43 34.71 -39.69
N PHE B 208 8.80 34.63 -38.53
CA PHE B 208 8.97 35.63 -37.46
C PHE B 208 9.94 35.08 -36.41
N SER B 209 11.17 34.71 -36.83
CA SER B 209 12.30 34.23 -35.99
C SER B 209 12.49 35.08 -34.72
N ASP B 210 12.48 36.41 -34.85
CA ASP B 210 12.51 37.37 -33.71
C ASP B 210 11.31 37.13 -32.80
N CYS B 211 10.15 36.76 -33.33
CA CYS B 211 8.93 36.55 -32.49
C CYS B 211 9.06 35.17 -31.83
N TYR B 212 8.56 35.00 -30.60
CA TYR B 212 8.52 33.66 -29.97
C TYR B 212 7.05 33.30 -29.68
N ILE B 213 6.56 32.33 -30.45
CA ILE B 213 5.11 31.95 -30.59
C ILE B 213 4.98 30.48 -30.21
N ILE B 214 4.18 30.18 -29.20
CA ILE B 214 4.12 28.79 -28.68
C ILE B 214 2.71 28.50 -28.14
N HIS B 215 2.47 27.21 -27.91
CA HIS B 215 1.21 26.61 -27.45
C HIS B 215 1.46 26.02 -26.06
N TYR B 216 1.02 26.76 -25.05
CA TYR B 216 1.27 26.37 -23.64
C TYR B 216 -0.07 26.02 -23.00
N ILE B 217 -0.38 24.71 -22.89
CA ILE B 217 -1.49 24.18 -22.03
C ILE B 217 -2.86 24.89 -22.22
N ASP B 218 -3.45 24.93 -23.43
CA ASP B 218 -4.74 25.58 -23.81
C ASP B 218 -4.62 27.10 -24.01
N ASP B 219 -3.40 27.60 -24.16
CA ASP B 219 -3.18 29.02 -24.47
C ASP B 219 -2.14 29.13 -25.58
N ILE B 220 -2.50 29.81 -26.66
CA ILE B 220 -1.48 30.16 -27.68
C ILE B 220 -0.88 31.52 -27.30
N LEU B 221 0.44 31.55 -27.10
CA LEU B 221 1.20 32.78 -26.76
C LEU B 221 1.99 33.24 -27.99
N CYS B 222 1.98 34.53 -28.33
CA CYS B 222 2.93 35.19 -29.27
C CYS B 222 3.46 36.46 -28.63
N ALA B 223 4.78 36.57 -28.41
CA ALA B 223 5.40 37.73 -27.73
C ALA B 223 6.68 38.18 -28.45
N ALA B 224 6.79 39.49 -28.71
CA ALA B 224 7.98 40.19 -29.30
C ALA B 224 8.36 41.40 -28.44
N GLU B 225 9.59 41.91 -28.55
CA GLU B 225 10.13 42.99 -27.67
C GLU B 225 9.37 44.30 -27.93
N THR B 226 9.12 44.65 -29.19
CA THR B 226 8.46 45.94 -29.54
C THR B 226 6.96 45.67 -29.70
N LYS B 227 6.11 46.45 -29.03
CA LYS B 227 4.63 46.32 -29.10
C LYS B 227 4.21 46.23 -30.58
N ASP B 228 4.77 47.08 -31.43
CA ASP B 228 4.36 47.15 -32.86
C ASP B 228 5.08 46.03 -33.62
N LYS B 229 6.22 45.53 -33.13
CA LYS B 229 6.88 44.38 -33.81
C LYS B 229 5.96 43.17 -33.64
N LEU B 230 5.31 43.10 -32.49
CA LEU B 230 4.36 42.02 -32.10
C LEU B 230 3.10 42.13 -32.95
N ILE B 231 2.42 43.28 -32.94
CA ILE B 231 1.11 43.40 -33.66
C ILE B 231 1.26 42.87 -35.10
N ASP B 232 2.37 43.14 -35.79
CA ASP B 232 2.62 42.55 -37.14
C ASP B 232 2.55 41.01 -37.04
N CYS B 233 3.31 40.39 -36.11
CA CYS B 233 3.46 38.89 -35.97
C CYS B 233 2.06 38.29 -35.74
N TYR B 234 1.30 38.89 -34.82
CA TYR B 234 -0.09 38.51 -34.43
C TYR B 234 -0.99 38.41 -35.66
N THR B 235 -1.13 39.53 -36.38
CA THR B 235 -2.10 39.67 -37.50
C THR B 235 -1.77 38.70 -38.63
N PHE B 236 -0.50 38.30 -38.79
CA PHE B 236 -0.08 37.21 -39.72
C PHE B 236 -0.66 35.89 -39.23
N LEU B 237 -0.42 35.62 -37.96
CA LEU B 237 -0.82 34.38 -37.25
C LEU B 237 -2.35 34.24 -37.33
N GLN B 238 -3.06 35.33 -37.03
CA GLN B 238 -4.55 35.33 -36.97
C GLN B 238 -5.05 34.86 -38.35
N ALA B 239 -4.44 35.38 -39.40
CA ALA B 239 -4.83 35.12 -40.79
C ALA B 239 -4.44 33.69 -41.12
N GLU B 240 -3.23 33.25 -40.73
CA GLU B 240 -2.70 31.89 -41.05
C GLU B 240 -3.58 30.80 -40.40
N VAL B 241 -3.92 30.96 -39.12
CA VAL B 241 -4.67 29.86 -38.44
C VAL B 241 -6.15 29.91 -38.86
N ALA B 242 -6.69 31.07 -39.21
CA ALA B 242 -8.03 31.18 -39.82
C ALA B 242 -8.07 30.33 -41.11
N ASN B 243 -6.95 30.19 -41.83
CA ASN B 243 -6.86 29.41 -43.09
C ASN B 243 -6.95 27.90 -42.79
N ALA B 244 -6.35 27.47 -41.67
CA ALA B 244 -6.28 26.06 -41.18
C ALA B 244 -7.58 25.63 -40.49
N GLY B 245 -8.38 26.58 -40.04
CA GLY B 245 -9.72 26.33 -39.51
C GLY B 245 -9.87 26.83 -38.09
N LEU B 246 -8.92 27.60 -37.57
CA LEU B 246 -9.02 28.08 -36.18
C LEU B 246 -9.66 29.49 -36.14
N ALA B 247 -10.93 29.62 -35.77
CA ALA B 247 -11.56 30.92 -35.52
C ALA B 247 -11.04 31.43 -34.18
N ILE B 248 -10.51 32.65 -34.19
CA ILE B 248 -9.99 33.37 -32.99
C ILE B 248 -10.98 34.48 -32.62
N ALA B 249 -11.38 34.56 -31.34
CA ALA B 249 -12.35 35.57 -30.85
C ALA B 249 -11.58 36.86 -30.50
N SER B 250 -11.72 37.93 -31.29
CA SER B 250 -10.95 39.20 -31.13
C SER B 250 -11.28 39.85 -29.78
N ASP B 251 -12.56 39.87 -29.42
CA ASP B 251 -13.05 40.44 -28.13
C ASP B 251 -12.33 39.73 -26.97
N LYS B 252 -12.25 38.41 -27.02
CA LYS B 252 -11.80 37.57 -25.86
C LYS B 252 -10.28 37.72 -25.65
N ILE B 253 -9.52 38.18 -26.66
CA ILE B 253 -8.02 38.24 -26.62
C ILE B 253 -7.57 39.04 -25.40
N GLN B 254 -6.49 38.60 -24.74
CA GLN B 254 -5.94 39.20 -23.51
C GLN B 254 -4.48 39.58 -23.78
N THR B 255 -4.00 40.62 -23.10
CA THR B 255 -2.62 41.18 -23.19
C THR B 255 -2.01 41.29 -21.78
N SER B 256 -0.73 40.92 -21.58
CA SER B 256 -0.04 40.99 -20.26
C SER B 256 1.37 40.41 -20.34
N THR B 257 2.23 40.90 -19.45
CA THR B 257 3.66 40.55 -19.33
C THR B 257 3.85 39.11 -18.85
N PRO B 258 4.99 38.49 -19.23
CA PRO B 258 5.34 37.14 -18.79
C PRO B 258 5.19 36.97 -17.27
N PHE B 259 5.81 37.85 -16.49
CA PHE B 259 5.87 37.74 -15.01
C PHE B 259 4.44 37.67 -14.45
N HIS B 260 3.51 38.48 -14.98
CA HIS B 260 2.08 38.45 -14.57
C HIS B 260 1.50 37.08 -14.97
N TYR B 261 1.77 36.65 -16.21
CA TYR B 261 1.27 35.37 -16.77
C TYR B 261 1.83 34.21 -15.94
N LEU B 262 3.14 33.99 -15.96
CA LEU B 262 3.68 32.72 -15.37
C LEU B 262 3.18 32.62 -13.93
N GLY B 263 3.30 33.71 -13.19
CA GLY B 263 2.87 33.83 -11.79
C GLY B 263 1.38 33.58 -11.64
N MET B 264 0.53 34.15 -12.49
CA MET B 264 -0.92 33.94 -12.28
C MET B 264 -1.23 32.47 -12.61
N GLN B 265 -0.61 31.94 -13.66
CA GLN B 265 -0.86 30.55 -14.13
C GLN B 265 -0.71 29.59 -12.95
N ILE B 266 0.35 29.73 -12.16
CA ILE B 266 0.61 28.86 -10.98
C ILE B 266 -0.61 28.98 -10.05
N GLU B 267 -1.12 30.19 -9.82
CA GLU B 267 -2.24 30.39 -8.87
C GLU B 267 -3.55 29.89 -9.50
N ASN B 268 -3.66 29.86 -10.82
CA ASN B 268 -4.96 29.54 -11.47
C ASN B 268 -5.19 28.02 -11.41
N ARG B 269 -4.12 27.24 -11.57
CA ARG B 269 -4.18 25.78 -11.79
C ARG B 269 -3.64 25.03 -10.56
N LYS B 270 -3.58 25.68 -9.41
CA LYS B 270 -2.92 25.10 -8.19
C LYS B 270 -3.82 24.02 -7.60
N ILE B 271 -3.22 22.91 -7.14
CA ILE B 271 -3.91 21.84 -6.36
C ILE B 271 -4.49 22.47 -5.08
N LYS B 272 -5.72 22.09 -4.73
CA LYS B 272 -6.41 22.51 -3.48
C LYS B 272 -5.95 21.57 -2.36
N PRO B 273 -5.10 22.04 -1.42
CA PRO B 273 -4.77 21.24 -0.24
C PRO B 273 -6.02 20.91 0.59
N GLN B 274 -6.21 19.66 1.00
CA GLN B 274 -7.53 19.24 1.53
C GLN B 274 -7.32 18.51 2.84
N LYS B 275 -7.87 19.02 3.94
CA LYS B 275 -7.75 18.41 5.28
C LYS B 275 -8.88 17.39 5.39
N ILE B 276 -8.75 16.32 4.60
CA ILE B 276 -9.81 15.30 4.41
C ILE B 276 -9.90 14.48 5.70
N GLU B 277 -11.09 13.97 6.06
CA GLU B 277 -11.35 13.24 7.32
C GLU B 277 -12.20 11.99 7.04
N ILE B 278 -12.02 10.94 7.82
CA ILE B 278 -13.01 9.83 7.94
C ILE B 278 -14.34 10.38 8.46
N ARG B 279 -15.48 10.07 7.83
CA ARG B 279 -16.81 10.53 8.31
C ARG B 279 -17.20 9.76 9.57
N LYS B 280 -17.57 10.47 10.64
CA LYS B 280 -17.75 9.91 12.02
C LYS B 280 -19.23 9.81 12.44
N ASP B 281 -20.10 10.60 11.81
CA ASP B 281 -21.51 10.71 12.24
C ASP B 281 -22.19 9.36 12.01
N THR B 282 -21.73 8.57 11.04
CA THR B 282 -22.33 7.23 10.70
C THR B 282 -21.83 6.14 11.66
N LEU B 283 -20.79 6.40 12.46
CA LEU B 283 -20.17 5.37 13.34
C LEU B 283 -20.92 5.30 14.66
N LYS B 284 -21.80 4.32 14.86
CA LYS B 284 -22.71 4.31 16.05
C LYS B 284 -22.63 2.97 16.78
N THR B 285 -22.51 1.87 16.05
CA THR B 285 -22.63 0.52 16.67
C THR B 285 -21.31 -0.24 16.56
N LEU B 286 -21.18 -1.33 17.32
CA LEU B 286 -20.02 -2.24 17.26
C LEU B 286 -19.76 -2.61 15.79
N ASN B 287 -20.78 -2.99 15.03
CA ASN B 287 -20.65 -3.46 13.63
C ASN B 287 -20.00 -2.35 12.78
N ASP B 288 -20.34 -1.09 13.03
CA ASP B 288 -19.71 0.04 12.30
C ASP B 288 -18.21 0.08 12.59
N PHE B 289 -17.84 0.00 13.85
CA PHE B 289 -16.43 0.19 14.31
C PHE B 289 -15.62 -1.02 13.86
N GLN B 290 -16.18 -2.23 13.90
CA GLN B 290 -15.39 -3.45 13.61
C GLN B 290 -14.97 -3.40 12.15
N LYS B 291 -15.91 -3.01 11.29
CA LYS B 291 -15.63 -2.92 9.84
C LYS B 291 -14.54 -1.86 9.62
N LEU B 292 -14.74 -0.66 10.17
CA LEU B 292 -13.78 0.45 9.92
C LEU B 292 -12.42 0.10 10.51
N LEU B 293 -12.37 -0.44 11.73
CA LEU B 293 -11.09 -0.69 12.43
C LEU B 293 -10.33 -1.86 11.76
N GLY B 294 -11.04 -2.83 11.16
CA GLY B 294 -10.45 -3.85 10.25
C GLY B 294 -9.66 -3.21 9.12
N ASP B 295 -10.23 -2.21 8.46
CA ASP B 295 -9.62 -1.60 7.26
C ASP B 295 -8.45 -0.71 7.71
N ILE B 296 -8.59 -0.05 8.86
CA ILE B 296 -7.52 0.84 9.39
C ILE B 296 -6.33 -0.04 9.77
N ASN B 297 -6.59 -1.13 10.50
CA ASN B 297 -5.53 -2.01 11.01
C ASN B 297 -4.80 -2.64 9.81
N TRP B 298 -5.50 -2.89 8.72
CA TRP B 298 -4.92 -3.58 7.54
C TRP B 298 -3.98 -2.62 6.80
N ILE B 299 -4.32 -1.35 6.73
CA ILE B 299 -3.52 -0.33 6.00
C ILE B 299 -2.45 0.27 6.91
N ARG B 300 -2.50 -0.01 8.22
CA ARG B 300 -1.69 0.69 9.24
C ARG B 300 -0.19 0.59 8.92
N PRO B 301 0.35 -0.61 8.61
CA PRO B 301 1.78 -0.72 8.30
C PRO B 301 2.28 0.18 7.17
N THR B 302 1.45 0.36 6.15
CA THR B 302 1.73 1.13 4.91
C THR B 302 1.86 2.61 5.24
N LEU B 303 1.09 3.06 6.23
CA LEU B 303 1.05 4.45 6.79
C LEU B 303 2.19 4.68 7.78
N GLY B 304 2.87 3.63 8.20
CA GLY B 304 4.03 3.74 9.09
C GLY B 304 3.63 4.13 10.50
N ILE B 305 2.47 3.65 10.97
CA ILE B 305 1.98 3.87 12.36
C ILE B 305 2.31 2.61 13.14
N PRO B 306 3.07 2.71 14.25
CA PRO B 306 3.47 1.52 15.01
C PRO B 306 2.22 0.73 15.45
N THR B 307 2.35 -0.57 15.61
CA THR B 307 1.16 -1.41 15.91
C THR B 307 0.53 -0.93 17.22
N TYR B 308 1.32 -0.83 18.28
CA TYR B 308 0.86 -0.42 19.63
C TYR B 308 0.20 0.96 19.64
N ALA B 309 0.33 1.78 18.61
CA ALA B 309 0.06 3.23 18.77
C ALA B 309 -1.42 3.56 18.53
N MET B 310 -2.31 2.60 18.24
CA MET B 310 -3.77 2.91 18.09
C MET B 310 -4.59 2.06 19.07
N SER B 311 -3.99 1.77 20.23
CA SER B 311 -4.58 0.89 21.27
C SER B 311 -5.83 1.54 21.85
N ASN B 312 -5.89 2.88 21.99
CA ASN B 312 -7.05 3.59 22.58
C ASN B 312 -8.26 3.42 21.66
N LEU B 313 -8.03 3.70 20.37
CA LEU B 313 -9.01 3.47 19.30
C LEU B 313 -9.48 2.01 19.36
N PHE B 314 -8.54 1.07 19.24
CA PHE B 314 -8.89 -0.33 18.95
C PHE B 314 -9.57 -0.93 20.17
N SER B 315 -9.40 -0.37 21.37
CA SER B 315 -10.03 -0.94 22.60
C SER B 315 -11.52 -0.63 22.62
N ILE B 316 -12.02 0.33 21.83
CA ILE B 316 -13.49 0.58 21.69
C ILE B 316 -14.25 -0.73 21.36
N LEU B 317 -13.61 -1.71 20.73
CA LEU B 317 -14.26 -3.00 20.36
C LEU B 317 -14.64 -3.79 21.62
N ARG B 318 -13.96 -3.55 22.75
CA ARG B 318 -14.28 -4.24 24.03
C ARG B 318 -15.71 -3.86 24.46
N GLY B 319 -16.47 -4.84 24.98
CA GLY B 319 -17.80 -4.64 25.57
C GLY B 319 -18.84 -5.57 24.98
N ASP B 320 -20.09 -5.09 24.91
CA ASP B 320 -21.31 -5.85 24.54
C ASP B 320 -21.07 -6.46 23.15
N SER B 321 -21.30 -7.76 22.97
CA SER B 321 -21.05 -8.47 21.68
C SER B 321 -22.22 -8.24 20.71
N ASP B 322 -23.33 -7.66 21.16
CA ASP B 322 -24.50 -7.40 20.25
C ASP B 322 -24.03 -6.41 19.19
N LEU B 323 -24.30 -6.72 17.93
CA LEU B 323 -23.80 -5.96 16.75
C LEU B 323 -24.36 -4.55 16.76
N ASN B 324 -25.54 -4.35 17.35
CA ASN B 324 -26.15 -2.99 17.40
C ASN B 324 -25.86 -2.28 18.72
N SER B 325 -25.12 -2.88 19.66
CA SER B 325 -24.70 -2.18 20.91
C SER B 325 -23.94 -0.91 20.54
N LYS B 326 -24.12 0.16 21.33
CA LYS B 326 -23.65 1.53 21.00
C LYS B 326 -22.14 1.56 21.29
N ARG B 327 -21.38 2.42 20.59
CA ARG B 327 -19.96 2.72 20.88
C ARG B 327 -19.72 4.20 20.53
N ILE B 328 -18.89 4.86 21.33
CA ILE B 328 -18.56 6.30 21.12
C ILE B 328 -17.04 6.44 21.11
N LEU B 329 -16.55 7.27 20.20
CA LEU B 329 -15.12 7.62 20.13
C LEU B 329 -14.80 8.51 21.33
N THR B 330 -13.83 8.17 22.16
CA THR B 330 -13.29 9.11 23.19
C THR B 330 -12.39 10.12 22.50
N PRO B 331 -11.96 11.20 23.19
CA PRO B 331 -11.00 12.16 22.64
C PRO B 331 -9.68 11.50 22.18
N GLU B 332 -9.26 10.49 22.94
CA GLU B 332 -8.02 9.69 22.74
C GLU B 332 -8.11 8.92 21.43
N ALA B 333 -9.21 8.17 21.27
CA ALA B 333 -9.57 7.43 20.05
C ALA B 333 -9.68 8.39 18.86
N THR B 334 -10.19 9.59 19.07
CA THR B 334 -10.33 10.61 18.01
C THR B 334 -8.94 11.01 17.50
N LYS B 335 -7.99 11.19 18.43
CA LYS B 335 -6.62 11.65 18.15
C LYS B 335 -5.94 10.52 17.36
N GLU B 336 -6.26 9.26 17.63
CA GLU B 336 -5.65 8.12 16.90
C GLU B 336 -6.22 8.09 15.47
N ILE B 337 -7.48 8.45 15.28
CA ILE B 337 -8.06 8.50 13.92
C ILE B 337 -7.36 9.60 13.13
N LYS B 338 -6.99 10.70 13.78
CA LYS B 338 -6.34 11.87 13.15
C LYS B 338 -4.95 11.45 12.66
N LEU B 339 -4.34 10.43 13.26
CA LEU B 339 -3.03 9.95 12.74
C LEU B 339 -3.22 9.39 11.32
N VAL B 340 -4.26 8.58 11.11
CA VAL B 340 -4.57 7.96 9.80
C VAL B 340 -4.98 9.06 8.83
N GLU B 341 -5.77 10.04 9.26
CA GLU B 341 -6.19 11.18 8.37
C GLU B 341 -4.96 11.99 7.94
N GLU B 342 -4.03 12.23 8.87
CA GLU B 342 -2.80 13.04 8.63
C GLU B 342 -1.98 12.34 7.54
N LYS B 343 -1.77 11.03 7.69
CA LYS B 343 -1.01 10.24 6.69
C LYS B 343 -1.72 10.28 5.33
N ILE B 344 -3.06 10.17 5.28
CA ILE B 344 -3.84 10.22 4.01
C ILE B 344 -3.67 11.62 3.40
N GLN B 345 -3.76 12.68 4.20
CA GLN B 345 -3.54 14.09 3.76
C GLN B 345 -2.15 14.25 3.16
N SER B 346 -1.17 13.56 3.74
CA SER B 346 0.28 13.65 3.40
C SER B 346 0.51 13.07 2.01
N ALA B 347 -0.32 12.11 1.60
CA ALA B 347 -0.24 11.43 0.28
C ALA B 347 -0.55 12.42 -0.86
N GLN B 348 -1.38 13.42 -0.60
CA GLN B 348 -1.72 14.45 -1.62
C GLN B 348 -0.42 15.14 -2.05
N ILE B 349 -0.12 15.15 -3.35
CA ILE B 349 1.09 15.78 -3.95
C ILE B 349 0.89 17.29 -3.96
N ASN B 350 1.99 18.03 -4.11
CA ASN B 350 2.02 19.51 -4.16
C ASN B 350 1.66 19.97 -5.58
N ARG B 351 2.33 19.40 -6.57
CA ARG B 351 2.28 19.84 -7.99
C ARG B 351 2.22 18.60 -8.87
N ILE B 352 1.47 18.68 -9.98
CA ILE B 352 1.35 17.59 -10.99
C ILE B 352 2.68 17.49 -11.78
N GLY B 353 3.05 16.27 -12.18
CA GLY B 353 4.01 16.00 -13.26
C GLY B 353 3.51 16.56 -14.58
N PRO B 354 4.39 17.13 -15.43
CA PRO B 354 3.92 17.87 -16.59
C PRO B 354 3.66 17.03 -17.86
N LEU B 355 4.21 15.82 -17.96
CA LEU B 355 4.01 14.93 -19.14
C LEU B 355 2.72 14.11 -19.00
N ALA B 356 2.43 13.56 -17.82
CA ALA B 356 1.47 12.45 -17.63
C ALA B 356 0.04 12.99 -17.52
N PRO B 357 -0.97 12.32 -18.14
CA PRO B 357 -2.37 12.71 -17.99
C PRO B 357 -2.94 12.30 -16.63
N LEU B 358 -4.08 12.90 -16.26
CA LEU B 358 -4.80 12.70 -14.97
C LEU B 358 -5.92 11.65 -15.15
N GLN B 359 -6.33 11.00 -14.08
CA GLN B 359 -7.49 10.07 -14.18
C GLN B 359 -8.47 10.43 -13.07
N LEU B 360 -9.69 9.94 -13.15
CA LEU B 360 -10.74 10.22 -12.15
C LEU B 360 -11.27 8.91 -11.61
N LEU B 361 -11.24 8.69 -10.29
CA LEU B 361 -11.92 7.54 -9.65
C LEU B 361 -13.22 8.05 -9.03
N ILE B 362 -14.32 7.36 -9.29
CA ILE B 362 -15.61 7.62 -8.61
C ILE B 362 -15.90 6.45 -7.68
N PHE B 363 -16.21 6.72 -6.41
CA PHE B 363 -16.58 5.63 -5.48
C PHE B 363 -18.07 5.79 -5.14
N ALA B 364 -18.78 4.66 -4.99
CA ALA B 364 -20.23 4.70 -4.72
C ALA B 364 -20.43 4.75 -3.21
N THR B 365 -19.92 5.79 -2.56
CA THR B 365 -20.05 5.97 -1.09
C THR B 365 -21.52 6.22 -0.78
N ALA B 366 -21.99 5.94 0.43
CA ALA B 366 -23.37 6.24 0.88
C ALA B 366 -23.67 7.75 0.83
N HIS B 367 -24.95 8.14 0.81
N HIS B 367 -24.94 8.08 0.52
CA HIS B 367 -25.44 9.55 0.71
CA HIS B 367 -25.53 9.44 0.62
C HIS B 367 -25.19 10.03 -0.72
C HIS B 367 -25.17 10.27 -0.61
N SER B 368 -23.92 10.20 -1.09
CA SER B 368 -23.48 10.90 -2.31
C SER B 368 -22.11 10.36 -2.70
N PRO B 369 -21.70 10.39 -3.99
CA PRO B 369 -20.52 9.64 -4.43
C PRO B 369 -19.29 10.49 -4.16
N THR B 370 -18.12 9.87 -4.16
CA THR B 370 -16.83 10.55 -3.87
C THR B 370 -16.01 10.43 -5.14
N GLY B 371 -15.27 11.46 -5.53
CA GLY B 371 -14.29 11.31 -6.59
C GLY B 371 -12.91 11.57 -6.04
N ILE B 372 -11.91 10.97 -6.68
CA ILE B 372 -10.47 11.32 -6.48
C ILE B 372 -9.80 11.53 -7.82
N ILE B 373 -9.19 12.70 -8.00
CA ILE B 373 -8.29 12.94 -9.14
C ILE B 373 -6.94 12.32 -8.80
N ILE B 374 -6.42 11.53 -9.73
CA ILE B 374 -5.10 10.85 -9.59
C ILE B 374 -4.28 11.09 -10.86
N GLN B 375 -2.95 11.07 -10.74
CA GLN B 375 -2.04 10.95 -11.90
C GLN B 375 -1.35 9.62 -11.73
N ASN B 376 -1.95 8.56 -12.28
CA ASN B 376 -1.45 7.16 -12.15
C ASN B 376 -1.44 6.91 -10.64
N THR B 377 -0.35 6.48 -10.01
CA THR B 377 -0.35 6.11 -8.56
C THR B 377 -0.31 7.33 -7.63
N ASP B 378 -0.24 8.57 -8.12
CA ASP B 378 -0.25 9.74 -7.20
C ASP B 378 -1.71 10.16 -6.95
N LEU B 379 -2.01 10.46 -5.69
CA LEU B 379 -3.25 11.20 -5.31
C LEU B 379 -3.04 12.69 -5.54
N VAL B 380 -3.96 13.32 -6.26
CA VAL B 380 -3.90 14.75 -6.64
C VAL B 380 -4.85 15.57 -5.75
N GLU B 381 -6.13 15.18 -5.68
CA GLU B 381 -7.19 16.03 -5.06
C GLU B 381 -8.50 15.24 -4.98
N TRP B 382 -9.35 15.59 -4.01
CA TRP B 382 -10.67 14.93 -3.77
C TRP B 382 -11.77 15.78 -4.40
N SER B 383 -12.83 15.15 -4.86
CA SER B 383 -13.93 15.87 -5.55
C SER B 383 -15.26 15.43 -4.94
N PHE B 384 -16.12 16.38 -4.60
CA PHE B 384 -17.46 16.10 -4.04
C PHE B 384 -18.51 16.98 -4.74
N LEU B 385 -19.77 16.59 -4.73
CA LEU B 385 -20.86 17.55 -5.09
C LEU B 385 -20.90 18.61 -4.00
N PRO B 386 -21.14 19.92 -4.27
CA PRO B 386 -21.42 20.86 -3.18
C PRO B 386 -22.61 20.40 -2.31
N HIS B 387 -22.44 20.41 -0.99
CA HIS B 387 -23.28 19.62 -0.05
C HIS B 387 -24.74 20.08 -0.13
N SER B 388 -24.95 21.39 -0.37
CA SER B 388 -26.28 22.04 -0.49
C SER B 388 -27.12 21.35 -1.58
N THR B 389 -26.49 20.95 -2.69
CA THR B 389 -27.15 20.45 -3.93
C THR B 389 -27.51 18.96 -3.82
N VAL B 390 -26.94 18.21 -2.87
CA VAL B 390 -27.02 16.71 -2.84
C VAL B 390 -28.48 16.24 -2.72
N LYS B 391 -29.34 16.89 -1.91
CA LYS B 391 -30.69 16.34 -1.62
C LYS B 391 -31.60 16.54 -2.84
N THR B 392 -31.26 17.53 -3.68
CA THR B 392 -31.87 17.80 -5.00
C THR B 392 -31.88 16.56 -5.91
N PHE B 393 -30.91 15.62 -5.87
CA PHE B 393 -30.84 14.46 -6.82
C PHE B 393 -31.14 13.08 -6.20
N THR B 394 -32.40 12.60 -6.26
CA THR B 394 -32.78 11.31 -5.61
C THR B 394 -32.36 10.17 -6.56
N LEU B 395 -31.69 10.48 -7.66
CA LEU B 395 -31.12 9.39 -8.49
C LEU B 395 -29.62 9.42 -8.30
N TYR B 396 -29.11 8.42 -7.58
CA TYR B 396 -27.67 8.25 -7.30
C TYR B 396 -26.90 8.31 -8.63
N LEU B 397 -27.43 7.66 -9.67
CA LEU B 397 -26.84 7.67 -11.03
C LEU B 397 -26.61 9.12 -11.49
N ASP B 398 -27.60 9.98 -11.26
CA ASP B 398 -27.57 11.42 -11.62
C ASP B 398 -26.38 12.06 -10.92
N GLN B 399 -26.17 11.72 -9.65
CA GLN B 399 -25.09 12.31 -8.81
C GLN B 399 -23.74 11.87 -9.34
N ILE B 400 -23.59 10.60 -9.66
CA ILE B 400 -22.38 10.07 -10.34
C ILE B 400 -22.13 10.96 -11.57
N ALA B 401 -23.17 11.21 -12.37
CA ALA B 401 -23.00 11.91 -13.67
C ALA B 401 -22.63 13.38 -13.41
N THR B 402 -23.29 14.00 -12.45
CA THR B 402 -23.08 15.41 -12.13
C THR B 402 -21.67 15.59 -11.62
N LEU B 403 -21.19 14.67 -10.78
CA LEU B 403 -19.83 14.69 -10.18
C LEU B 403 -18.79 14.60 -11.31
N ILE B 404 -19.02 13.67 -12.24
CA ILE B 404 -18.05 13.44 -13.35
C ILE B 404 -17.92 14.73 -14.16
N GLY B 405 -19.04 15.36 -14.51
CA GLY B 405 -19.04 16.63 -15.27
C GLY B 405 -18.26 17.71 -14.54
N GLN B 406 -18.53 17.86 -13.22
CA GLN B 406 -17.94 18.93 -12.37
C GLN B 406 -16.42 18.69 -12.23
N THR B 407 -16.03 17.45 -12.01
CA THR B 407 -14.61 17.06 -11.80
C THR B 407 -13.85 17.10 -13.13
N ARG B 408 -14.50 16.77 -14.24
CA ARG B 408 -13.89 16.92 -15.59
C ARG B 408 -13.45 18.37 -15.79
N LEU B 409 -14.29 19.30 -15.38
CA LEU B 409 -14.04 20.76 -15.53
C LEU B 409 -12.81 21.11 -14.66
N ARG B 410 -12.82 20.63 -13.42
CA ARG B 410 -11.74 20.85 -12.44
C ARG B 410 -10.42 20.29 -13.00
N ILE B 411 -10.44 19.09 -13.55
CA ILE B 411 -9.24 18.39 -14.11
C ILE B 411 -8.72 19.21 -15.29
N THR B 412 -9.66 19.76 -16.06
CA THR B 412 -9.29 20.59 -17.23
C THR B 412 -8.61 21.86 -16.71
N LYS B 413 -9.13 22.43 -15.62
CA LYS B 413 -8.49 23.61 -14.98
C LYS B 413 -7.07 23.26 -14.49
N LEU B 414 -6.83 22.11 -13.90
CA LEU B 414 -5.52 21.76 -13.32
C LEU B 414 -4.50 21.45 -14.41
N CYS B 415 -4.90 20.78 -15.49
CA CYS B 415 -3.91 20.25 -16.48
C CYS B 415 -4.15 20.78 -17.91
N GLY B 416 -5.31 21.33 -18.20
CA GLY B 416 -5.63 21.85 -19.56
C GLY B 416 -6.35 20.84 -20.43
N ASN B 417 -6.59 19.60 -19.94
CA ASN B 417 -7.20 18.48 -20.72
C ASN B 417 -8.18 17.68 -19.85
N ASP B 418 -9.11 16.98 -20.49
CA ASP B 418 -10.01 15.96 -19.90
C ASP B 418 -9.12 14.89 -19.28
N PRO B 419 -9.59 14.13 -18.26
CA PRO B 419 -8.82 12.97 -17.82
C PRO B 419 -8.82 11.91 -18.93
N ASP B 420 -7.77 11.09 -19.04
CA ASP B 420 -7.74 10.11 -20.15
C ASP B 420 -8.50 8.85 -19.72
N LYS B 421 -8.89 8.74 -18.44
CA LYS B 421 -9.75 7.62 -17.94
C LYS B 421 -10.63 8.07 -16.77
N ILE B 422 -11.90 7.66 -16.80
CA ILE B 422 -12.86 7.85 -15.67
C ILE B 422 -13.27 6.44 -15.20
N VAL B 423 -13.06 6.14 -13.92
CA VAL B 423 -13.31 4.80 -13.31
C VAL B 423 -14.62 4.92 -12.52
N VAL B 424 -15.62 4.13 -12.91
CA VAL B 424 -17.00 4.26 -12.37
C VAL B 424 -17.41 2.92 -11.79
N PRO B 425 -18.33 2.90 -10.80
CA PRO B 425 -18.82 1.63 -10.23
C PRO B 425 -19.98 1.06 -11.06
N LEU B 426 -19.77 0.92 -12.37
CA LEU B 426 -20.74 0.48 -13.41
C LEU B 426 -20.05 -0.57 -14.29
N THR B 427 -20.74 -1.67 -14.66
CA THR B 427 -20.23 -2.68 -15.64
C THR B 427 -20.30 -2.06 -17.05
N LYS B 428 -19.63 -2.60 -18.07
CA LYS B 428 -19.70 -1.99 -19.44
C LYS B 428 -21.15 -1.96 -19.93
N GLU B 429 -21.92 -3.00 -19.63
CA GLU B 429 -23.36 -3.07 -19.99
C GLU B 429 -24.12 -1.96 -19.29
N GLN B 430 -23.86 -1.72 -18.00
CA GLN B 430 -24.54 -0.61 -17.26
C GLN B 430 -24.11 0.75 -17.83
N VAL B 431 -22.86 0.93 -18.29
CA VAL B 431 -22.42 2.18 -18.98
C VAL B 431 -23.24 2.34 -20.25
N ARG B 432 -23.38 1.25 -20.99
CA ARG B 432 -24.11 1.28 -22.29
C ARG B 432 -25.58 1.65 -22.02
N GLN B 433 -26.22 1.02 -21.03
CA GLN B 433 -27.63 1.37 -20.70
C GLN B 433 -27.71 2.82 -20.21
N ALA B 434 -26.68 3.35 -19.54
CA ALA B 434 -26.76 4.71 -18.98
C ALA B 434 -26.77 5.73 -20.11
N PHE B 435 -25.92 5.51 -21.12
CA PHE B 435 -25.83 6.36 -22.33
C PHE B 435 -27.20 6.43 -23.01
N ILE B 436 -27.93 5.31 -22.95
CA ILE B 436 -29.26 5.14 -23.60
C ILE B 436 -30.34 5.91 -22.82
N ASN B 437 -30.42 5.71 -21.51
CA ASN B 437 -31.58 6.09 -20.67
C ASN B 437 -31.35 7.40 -19.89
N SER B 438 -30.13 7.70 -19.44
CA SER B 438 -29.88 8.79 -18.46
C SER B 438 -29.44 10.06 -19.20
N GLY B 439 -30.25 11.11 -19.09
CA GLY B 439 -29.92 12.45 -19.62
C GLY B 439 -28.76 13.07 -18.88
N ALA B 440 -28.76 12.90 -17.56
CA ALA B 440 -27.64 13.26 -16.65
C ALA B 440 -26.32 12.65 -17.15
N TRP B 441 -26.31 11.35 -17.48
CA TRP B 441 -25.10 10.64 -17.96
C TRP B 441 -24.61 11.27 -19.26
N GLN B 442 -25.54 11.55 -20.17
CA GLN B 442 -25.25 12.11 -21.52
C GLN B 442 -24.59 13.47 -21.34
N ILE B 443 -25.13 14.31 -20.46
CA ILE B 443 -24.60 15.67 -20.17
C ILE B 443 -23.22 15.54 -19.54
N GLY B 444 -23.11 14.63 -18.56
CA GLY B 444 -21.88 14.46 -17.77
C GLY B 444 -20.73 13.93 -18.62
N LEU B 445 -21.02 13.11 -19.63
CA LEU B 445 -19.97 12.45 -20.43
C LEU B 445 -20.01 12.92 -21.88
N ALA B 446 -20.58 14.11 -22.11
CA ALA B 446 -20.51 14.88 -23.37
C ALA B 446 -19.05 15.05 -23.78
N ASN B 447 -18.73 14.70 -25.04
CA ASN B 447 -17.44 14.97 -25.71
C ASN B 447 -16.31 14.24 -25.00
N PHE B 448 -16.62 13.22 -24.21
CA PHE B 448 -15.57 12.35 -23.59
C PHE B 448 -15.11 11.29 -24.59
N VAL B 449 -13.80 11.23 -24.85
CA VAL B 449 -13.21 10.30 -25.84
C VAL B 449 -12.22 9.37 -25.13
N GLY B 450 -12.05 9.54 -23.83
CA GLY B 450 -11.14 8.69 -23.02
C GLY B 450 -11.80 7.36 -22.72
N ILE B 451 -11.14 6.55 -21.89
CA ILE B 451 -11.64 5.23 -21.39
C ILE B 451 -12.62 5.48 -20.24
N ILE B 452 -13.77 4.84 -20.26
CA ILE B 452 -14.65 4.65 -19.08
C ILE B 452 -14.60 3.18 -18.70
N ASP B 453 -14.17 2.83 -17.49
CA ASP B 453 -14.14 1.41 -17.05
C ASP B 453 -14.35 1.39 -15.54
N ASN B 454 -14.25 0.21 -14.96
CA ASN B 454 -14.51 -0.01 -13.51
C ASN B 454 -13.36 -0.78 -12.87
N HIS B 455 -12.15 -0.66 -13.45
CA HIS B 455 -10.88 -1.29 -13.01
C HIS B 455 -10.14 -0.32 -12.08
N TYR B 456 -10.18 -0.54 -10.78
CA TYR B 456 -9.68 0.41 -9.75
C TYR B 456 -8.24 0.07 -9.45
N PRO B 457 -7.43 1.00 -8.92
CA PRO B 457 -6.01 0.71 -8.67
C PRO B 457 -5.74 -0.48 -7.73
N LYS B 458 -4.60 -1.15 -7.82
CA LYS B 458 -4.33 -2.34 -6.97
C LYS B 458 -3.37 -1.91 -5.84
N THR B 459 -3.12 -0.59 -5.67
CA THR B 459 -2.24 -0.10 -4.57
C THR B 459 -3.04 -0.19 -3.27
N LYS B 460 -2.38 -0.56 -2.17
CA LYS B 460 -3.06 -0.74 -0.86
C LYS B 460 -3.74 0.55 -0.38
N ILE B 461 -3.10 1.71 -0.52
CA ILE B 461 -3.73 2.98 -0.05
C ILE B 461 -5.07 3.18 -0.79
N PHE B 462 -5.08 3.04 -2.11
CA PHE B 462 -6.30 3.30 -2.92
C PHE B 462 -7.40 2.27 -2.62
N GLN B 463 -7.02 1.02 -2.38
CA GLN B 463 -7.97 -0.03 -1.87
C GLN B 463 -8.54 0.41 -0.52
N PHE B 464 -7.73 1.05 0.33
CA PHE B 464 -8.18 1.44 1.69
C PHE B 464 -9.17 2.59 1.60
N LEU B 465 -8.90 3.53 0.69
CA LEU B 465 -9.82 4.69 0.51
C LEU B 465 -11.18 4.21 -0.02
N LYS B 466 -11.18 3.22 -0.90
CA LYS B 466 -12.40 2.63 -1.51
C LYS B 466 -13.24 1.96 -0.42
N LEU B 467 -12.62 1.41 0.64
CA LEU B 467 -13.36 0.65 1.68
C LEU B 467 -13.90 1.59 2.77
N THR B 468 -13.53 2.88 2.74
CA THR B 468 -13.83 3.77 3.87
C THR B 468 -14.55 5.01 3.31
N THR B 469 -15.19 5.79 4.16
CA THR B 469 -15.92 6.98 3.66
C THR B 469 -15.20 8.22 4.17
N TRP B 470 -14.86 9.13 3.26
CA TRP B 470 -14.12 10.38 3.56
C TRP B 470 -15.01 11.59 3.26
N ILE B 471 -14.76 12.69 3.94
CA ILE B 471 -15.50 13.96 3.67
C ILE B 471 -14.52 15.10 3.96
N LEU B 472 -14.80 16.28 3.43
CA LEU B 472 -14.01 17.51 3.68
C LEU B 472 -14.90 18.53 4.39
N PRO B 473 -14.64 18.86 5.68
CA PRO B 473 -15.39 19.94 6.32
C PRO B 473 -14.72 21.28 6.02
N LYS E 43 46.12 11.25 -4.05
CA LYS E 43 47.25 11.54 -3.11
C LYS E 43 47.31 10.44 -2.06
N PRO E 44 48.49 9.82 -1.84
CA PRO E 44 48.59 8.67 -0.94
C PRO E 44 48.16 9.05 0.48
N ILE E 45 47.60 8.09 1.23
CA ILE E 45 47.05 8.39 2.58
C ILE E 45 48.19 8.33 3.60
N PRO E 46 48.55 9.45 4.24
CA PRO E 46 49.76 9.53 5.07
C PRO E 46 49.46 9.14 6.52
N LEU E 47 50.44 8.60 7.24
CA LEU E 47 50.26 8.12 8.63
C LEU E 47 50.46 9.29 9.59
N THR E 48 49.99 9.13 10.82
CA THR E 48 50.31 10.03 11.95
C THR E 48 51.23 9.24 12.89
N TRP E 49 52.36 9.85 13.26
CA TRP E 49 53.42 9.18 14.05
C TRP E 49 53.38 9.78 15.44
N LYS E 50 53.56 8.97 16.48
CA LYS E 50 53.61 9.45 17.87
C LYS E 50 55.02 9.97 18.15
N THR E 51 56.02 9.30 17.59
CA THR E 51 57.45 9.68 17.74
C THR E 51 58.11 9.68 16.36
N GLU E 52 59.10 10.56 16.14
CA GLU E 52 60.02 10.47 14.97
C GLU E 52 61.27 9.66 15.37
N LYS E 53 61.42 9.33 16.66
CA LYS E 53 62.56 8.53 17.16
C LYS E 53 62.44 7.16 16.50
N PRO E 54 63.35 6.83 15.57
CA PRO E 54 63.40 5.50 14.98
C PRO E 54 63.68 4.44 16.05
N VAL E 55 63.15 3.24 15.87
CA VAL E 55 63.59 2.03 16.62
C VAL E 55 64.10 1.01 15.59
N TRP E 56 65.10 0.22 16.00
CA TRP E 56 65.69 -0.89 15.22
C TRP E 56 65.28 -2.21 15.87
N VAL E 57 64.75 -3.18 15.12
CA VAL E 57 64.55 -4.55 15.70
C VAL E 57 65.34 -5.55 14.86
N ASN E 58 66.43 -6.11 15.40
CA ASN E 58 67.33 -7.02 14.66
C ASN E 58 66.43 -8.00 13.90
N GLN E 59 66.69 -8.19 12.61
CA GLN E 59 66.09 -9.29 11.82
C GLN E 59 66.57 -10.59 12.47
N TRP E 60 65.76 -11.65 12.38
CA TRP E 60 66.11 -13.00 12.90
C TRP E 60 66.34 -13.93 11.72
N PRO E 61 67.21 -14.96 11.87
CA PRO E 61 67.53 -15.85 10.75
C PRO E 61 66.36 -16.75 10.38
N LEU E 62 66.30 -17.16 9.10
CA LEU E 62 65.20 -17.97 8.50
C LEU E 62 65.82 -19.27 8.00
N PRO E 63 65.09 -20.42 8.03
CA PRO E 63 65.60 -21.67 7.47
C PRO E 63 65.64 -21.68 5.93
N LYS E 64 66.28 -22.69 5.35
CA LYS E 64 66.54 -22.82 3.90
C LYS E 64 65.23 -22.56 3.13
N GLN E 65 64.20 -23.33 3.41
CA GLN E 65 62.95 -23.34 2.60
C GLN E 65 62.45 -21.89 2.45
N LYS E 66 62.24 -21.20 3.58
CA LYS E 66 61.54 -19.90 3.69
C LYS E 66 62.49 -18.77 3.27
N LEU E 67 63.81 -18.93 3.43
CA LEU E 67 64.78 -17.88 3.05
C LEU E 67 64.79 -17.78 1.52
N GLU E 68 64.53 -18.89 0.83
CA GLU E 68 64.49 -18.80 -0.65
C GLU E 68 63.21 -18.06 -1.03
N ALA E 69 62.10 -18.38 -0.36
CA ALA E 69 60.76 -17.80 -0.58
C ALA E 69 60.85 -16.28 -0.45
N LEU E 70 61.43 -15.83 0.66
CA LEU E 70 61.61 -14.39 0.96
C LEU E 70 62.34 -13.75 -0.24
N HIS E 71 63.57 -14.21 -0.53
CA HIS E 71 64.40 -13.66 -1.64
C HIS E 71 63.53 -13.58 -2.91
N LEU E 72 62.87 -14.67 -3.29
CA LEU E 72 62.11 -14.75 -4.57
C LEU E 72 61.14 -13.55 -4.61
N LEU E 73 60.36 -13.38 -3.54
CA LEU E 73 59.26 -12.39 -3.45
C LEU E 73 59.84 -10.98 -3.55
N ALA E 74 60.97 -10.70 -2.89
CA ALA E 74 61.67 -9.40 -2.99
C ALA E 74 61.87 -9.01 -4.46
N ASN E 75 62.46 -9.91 -5.28
CA ASN E 75 62.79 -9.68 -6.72
C ASN E 75 61.54 -9.24 -7.48
N GLU E 76 60.37 -9.77 -7.11
CA GLU E 76 59.09 -9.32 -7.72
C GLU E 76 58.75 -7.91 -7.20
N GLN E 77 58.91 -7.66 -5.90
CA GLN E 77 58.55 -6.36 -5.27
C GLN E 77 59.56 -5.29 -5.72
N LEU E 78 60.84 -5.66 -5.65
CA LEU E 78 62.02 -4.90 -6.16
C LEU E 78 61.87 -4.61 -7.66
N GLU E 79 61.50 -5.58 -8.49
CA GLU E 79 61.34 -5.37 -9.96
C GLU E 79 60.31 -4.25 -10.17
N LYS E 80 59.24 -4.26 -9.37
CA LYS E 80 58.00 -3.52 -9.71
C LYS E 80 58.07 -2.12 -9.08
N GLY E 81 59.07 -1.87 -8.23
CA GLY E 81 59.26 -0.58 -7.52
C GLY E 81 58.55 -0.54 -6.17
N HIS E 82 58.11 -1.71 -5.70
CA HIS E 82 57.24 -1.85 -4.50
C HIS E 82 58.12 -1.76 -3.25
N ILE E 83 59.40 -2.14 -3.37
CA ILE E 83 60.44 -1.85 -2.36
C ILE E 83 61.63 -1.15 -3.05
N GLU E 84 62.46 -0.45 -2.26
CA GLU E 84 63.67 0.26 -2.75
C GLU E 84 64.80 0.08 -1.73
N PRO E 85 66.09 0.20 -2.12
CA PRO E 85 67.16 0.05 -1.14
C PRO E 85 66.95 1.06 -0.03
N SER E 86 67.48 0.80 1.17
CA SER E 86 67.35 1.73 2.32
C SER E 86 68.66 1.81 3.08
N PHE E 87 68.90 2.96 3.67
CA PHE E 87 70.04 3.20 4.58
C PHE E 87 69.45 3.47 5.96
N SER E 88 68.12 3.36 6.06
CA SER E 88 67.26 3.91 7.15
C SER E 88 67.74 3.42 8.51
N PRO E 89 67.64 4.29 9.55
CA PRO E 89 67.91 3.89 10.93
C PRO E 89 66.73 3.12 11.56
N TRP E 90 65.63 2.93 10.81
CA TRP E 90 64.50 2.04 11.16
C TRP E 90 64.77 0.67 10.56
N ASN E 91 64.74 -0.39 11.36
CA ASN E 91 64.66 -1.79 10.87
C ASN E 91 63.49 -2.51 11.56
N SER E 92 62.72 -3.25 10.76
CA SER E 92 61.71 -4.22 11.22
C SER E 92 61.96 -5.59 10.56
N PRO E 93 61.97 -6.71 11.33
CA PRO E 93 62.03 -8.04 10.73
C PRO E 93 60.95 -8.35 9.69
N VAL E 94 61.32 -9.20 8.72
CA VAL E 94 60.43 -9.82 7.70
C VAL E 94 60.54 -11.34 7.81
N PHE E 95 59.63 -12.03 7.15
CA PHE E 95 59.55 -13.51 7.11
C PHE E 95 58.36 -13.86 6.22
N VAL E 96 58.08 -15.14 6.07
CA VAL E 96 57.07 -15.59 5.07
C VAL E 96 56.19 -16.62 5.75
N ILE E 97 54.93 -16.69 5.30
CA ILE E 97 54.04 -17.85 5.54
C ILE E 97 53.38 -18.24 4.22
N GLN E 98 52.68 -19.37 4.19
CA GLN E 98 52.01 -19.82 2.95
C GLN E 98 50.76 -18.98 2.70
N LYS E 99 50.32 -18.97 1.44
CA LYS E 99 48.96 -18.61 0.97
C LYS E 99 48.17 -19.91 0.71
N LYS E 100 46.87 -19.82 0.39
CA LYS E 100 46.05 -21.03 0.07
C LYS E 100 46.66 -21.68 -1.18
N SER E 101 47.00 -20.83 -2.16
CA SER E 101 47.67 -21.15 -3.46
C SER E 101 48.78 -22.18 -3.23
N GLY E 102 49.46 -22.08 -2.09
CA GLY E 102 50.76 -22.73 -1.83
C GLY E 102 51.93 -21.75 -2.03
N LYS E 103 51.65 -20.61 -2.66
CA LYS E 103 52.62 -19.50 -2.89
C LYS E 103 52.80 -18.73 -1.58
N TRP E 104 53.88 -17.98 -1.42
CA TRP E 104 54.22 -17.46 -0.07
C TRP E 104 53.79 -15.99 0.04
N ARG E 105 53.79 -15.50 1.26
CA ARG E 105 53.38 -14.12 1.64
C ARG E 105 54.57 -13.46 2.32
N MET E 106 55.00 -12.26 1.89
CA MET E 106 56.05 -11.52 2.63
C MET E 106 55.37 -10.72 3.73
N LEU E 107 55.67 -11.01 5.00
CA LEU E 107 55.04 -10.29 6.14
C LEU E 107 56.10 -9.46 6.85
N THR E 108 55.68 -8.42 7.56
CA THR E 108 56.62 -7.52 8.26
C THR E 108 56.22 -7.45 9.73
N ASP E 109 57.08 -7.93 10.64
CA ASP E 109 56.78 -7.91 12.09
C ASP E 109 56.94 -6.48 12.60
N LEU E 110 55.90 -5.68 12.35
CA LEU E 110 55.84 -4.23 12.63
C LEU E 110 55.37 -3.95 14.05
N ARG E 111 55.46 -4.92 14.96
CA ARG E 111 54.97 -4.78 16.36
C ARG E 111 55.54 -3.49 16.97
N ALA E 112 56.86 -3.33 16.98
CA ALA E 112 57.54 -2.21 17.68
C ALA E 112 57.29 -0.89 16.93
N VAL E 113 57.11 -0.93 15.61
CA VAL E 113 56.79 0.31 14.83
C VAL E 113 55.32 0.69 15.12
N ASN E 114 54.43 -0.31 15.09
CA ASN E 114 52.96 -0.11 15.18
C ASN E 114 52.62 0.78 16.38
N ALA E 115 53.24 0.53 17.53
CA ALA E 115 53.12 1.35 18.78
C ALA E 115 53.34 2.84 18.49
N LEU E 116 54.00 3.19 17.40
CA LEU E 116 54.49 4.58 17.17
C LEU E 116 53.57 5.29 16.16
N ILE E 117 52.58 4.56 15.62
CA ILE E 117 51.56 5.05 14.64
C ILE E 117 50.18 5.06 15.31
N GLN E 118 49.44 6.16 15.17
CA GLN E 118 48.03 6.24 15.64
C GLN E 118 47.14 5.32 14.79
N PRO E 119 46.46 4.34 15.42
CA PRO E 119 45.47 3.50 14.74
C PRO E 119 44.45 4.35 13.99
N MET E 120 43.98 3.87 12.85
CA MET E 120 42.81 4.48 12.18
C MET E 120 41.57 3.66 12.55
N GLY E 121 40.38 4.26 12.44
CA GLY E 121 39.12 3.57 12.77
C GLY E 121 38.81 2.44 11.78
N PRO E 122 38.29 1.28 12.25
CA PRO E 122 37.75 0.25 11.36
C PRO E 122 36.48 0.70 10.62
N LEU E 123 36.14 0.06 9.51
CA LEU E 123 35.20 0.60 8.50
C LEU E 123 34.21 -0.47 8.04
N GLN E 124 34.48 -1.75 8.35
CA GLN E 124 33.58 -2.89 7.98
C GLN E 124 33.49 -3.87 9.14
N PRO E 125 32.52 -3.68 10.05
CA PRO E 125 32.40 -4.48 11.27
C PRO E 125 31.57 -5.75 11.07
N GLY E 126 32.13 -6.71 10.35
CA GLY E 126 31.57 -8.03 10.08
C GLY E 126 31.33 -8.24 8.59
N LEU E 127 31.25 -9.52 8.18
CA LEU E 127 31.06 -9.95 6.79
C LEU E 127 29.65 -9.60 6.34
N PRO E 128 29.50 -9.07 5.12
CA PRO E 128 28.21 -9.03 4.44
C PRO E 128 27.72 -10.46 4.21
N SER E 129 26.40 -10.64 4.20
CA SER E 129 25.71 -11.93 4.00
C SER E 129 25.38 -12.10 2.51
N PRO E 130 25.68 -13.27 1.91
CA PRO E 130 25.38 -13.51 0.50
C PRO E 130 23.89 -13.73 0.25
N ALA E 131 23.15 -14.12 1.29
CA ALA E 131 21.69 -14.33 1.23
C ALA E 131 20.99 -13.10 0.65
N MET E 132 21.66 -11.95 0.66
CA MET E 132 21.08 -10.68 0.18
C MET E 132 21.36 -10.50 -1.31
N ILE E 133 22.20 -11.36 -1.90
CA ILE E 133 22.44 -11.42 -3.37
C ILE E 133 21.16 -11.97 -3.98
N PRO E 134 20.43 -11.17 -4.81
CA PRO E 134 19.11 -11.56 -5.30
C PRO E 134 19.19 -12.90 -6.02
N LYS E 135 18.38 -13.86 -5.60
CA LYS E 135 18.44 -15.28 -6.06
C LYS E 135 18.49 -15.32 -7.59
N ASP E 136 19.24 -16.27 -8.16
CA ASP E 136 19.20 -16.63 -9.60
C ASP E 136 20.00 -15.62 -10.43
N TRP E 137 20.44 -14.50 -9.83
CA TRP E 137 21.10 -13.38 -10.55
C TRP E 137 22.52 -13.79 -10.89
N PRO E 138 22.98 -13.59 -12.15
CA PRO E 138 24.35 -13.89 -12.52
C PRO E 138 25.29 -12.93 -11.78
N LEU E 139 26.46 -13.42 -11.38
CA LEU E 139 27.55 -12.59 -10.80
C LEU E 139 28.91 -13.11 -11.30
N ILE E 140 29.94 -12.32 -10.99
CA ILE E 140 31.37 -12.70 -11.11
C ILE E 140 32.05 -12.32 -9.79
N ILE E 141 33.12 -13.00 -9.41
CA ILE E 141 33.89 -12.68 -8.18
C ILE E 141 35.35 -12.45 -8.57
N ILE E 142 35.88 -11.28 -8.24
CA ILE E 142 37.21 -10.76 -8.65
C ILE E 142 38.07 -10.63 -7.38
N ASP E 143 39.32 -11.05 -7.44
CA ASP E 143 40.32 -10.71 -6.39
C ASP E 143 41.37 -9.80 -7.04
N LEU E 144 41.96 -8.89 -6.29
CA LEU E 144 43.08 -8.08 -6.81
C LEU E 144 44.38 -8.86 -6.57
N LYS E 145 45.39 -8.58 -7.38
CA LYS E 145 46.72 -9.24 -7.33
C LYS E 145 47.66 -8.36 -6.50
N ASP E 146 48.32 -8.91 -5.47
CA ASP E 146 49.25 -8.15 -4.59
C ASP E 146 48.55 -6.87 -4.13
N CYS E 147 47.37 -7.00 -3.54
CA CYS E 147 46.46 -5.85 -3.30
C CYS E 147 47.19 -4.74 -2.53
N PHE E 148 47.68 -5.06 -1.34
CA PHE E 148 48.29 -4.02 -0.47
C PHE E 148 49.52 -3.48 -1.21
N PHE E 149 50.26 -4.37 -1.88
CA PHE E 149 51.54 -4.08 -2.54
C PHE E 149 51.33 -3.12 -3.72
N THR E 150 50.16 -3.08 -4.35
CA THR E 150 49.86 -2.10 -5.43
C THR E 150 49.48 -0.73 -4.83
N ILE E 151 49.26 -0.62 -3.54
CA ILE E 151 48.73 0.66 -2.99
C ILE E 151 49.86 1.45 -2.35
N PRO E 152 50.19 2.63 -2.91
CA PRO E 152 51.34 3.41 -2.48
C PRO E 152 51.13 4.08 -1.12
N LEU E 153 52.21 4.13 -0.33
CA LEU E 153 52.34 4.92 0.92
C LEU E 153 52.61 6.38 0.58
N ALA E 154 52.48 7.27 1.56
CA ALA E 154 52.97 8.66 1.42
C ALA E 154 54.49 8.62 1.40
N GLU E 155 55.09 9.52 0.62
CA GLU E 155 56.56 9.62 0.39
C GLU E 155 57.30 9.51 1.73
N GLN E 156 56.85 10.23 2.77
CA GLN E 156 57.58 10.42 4.04
C GLN E 156 57.49 9.18 4.93
N ASP E 157 56.62 8.21 4.59
CA ASP E 157 56.32 7.04 5.45
C ASP E 157 57.32 5.91 5.17
N CYS E 158 57.77 5.75 3.91
CA CYS E 158 58.58 4.57 3.45
C CYS E 158 59.80 4.35 4.32
N GLU E 159 60.48 5.42 4.68
CA GLU E 159 61.77 5.40 5.44
C GLU E 159 61.63 4.48 6.67
N LYS E 160 60.50 4.57 7.36
CA LYS E 160 60.28 3.89 8.65
C LYS E 160 59.86 2.42 8.43
N PHE E 161 59.64 1.96 7.19
CA PHE E 161 59.27 0.55 6.95
C PHE E 161 60.41 -0.19 6.28
N ALA E 162 61.63 0.02 6.80
CA ALA E 162 62.86 -0.59 6.29
C ALA E 162 63.08 -1.96 6.96
N PHE E 163 63.70 -2.87 6.21
CA PHE E 163 64.05 -4.23 6.68
C PHE E 163 65.41 -4.69 6.13
N THR E 164 65.94 -5.73 6.78
CA THR E 164 67.22 -6.42 6.47
C THR E 164 66.89 -7.82 5.92
N ILE E 165 67.11 -8.07 4.63
CA ILE E 165 66.96 -9.43 4.05
C ILE E 165 68.29 -10.15 4.15
N PRO E 166 68.42 -11.27 4.89
CA PRO E 166 69.68 -11.99 5.01
C PRO E 166 70.11 -12.60 3.67
N ALA E 167 71.42 -12.79 3.47
CA ALA E 167 71.96 -13.45 2.28
C ALA E 167 71.83 -14.96 2.50
N ILE E 168 71.76 -15.71 1.40
CA ILE E 168 71.65 -17.21 1.34
C ILE E 168 72.80 -17.88 2.14
N ASN E 169 74.00 -17.30 2.14
CA ASN E 169 75.15 -17.79 2.95
C ASN E 169 75.41 -16.75 4.05
N ASN E 170 75.66 -17.21 5.28
CA ASN E 170 76.06 -16.38 6.45
C ASN E 170 77.33 -15.56 6.16
N LYS E 171 78.24 -16.09 5.34
CA LYS E 171 79.54 -15.44 5.02
C LYS E 171 79.27 -14.16 4.22
N GLU E 172 78.17 -14.12 3.45
CA GLU E 172 77.76 -12.93 2.66
C GLU E 172 77.23 -11.87 3.62
N PRO E 173 77.13 -10.58 3.20
CA PRO E 173 76.41 -9.56 3.96
C PRO E 173 74.91 -9.54 3.66
N ALA E 174 74.10 -9.22 4.67
CA ALA E 174 72.65 -8.97 4.50
C ALA E 174 72.45 -7.68 3.70
N THR E 175 71.41 -7.64 2.86
CA THR E 175 70.94 -6.52 2.00
C THR E 175 69.66 -5.87 2.57
N ARG E 176 69.40 -4.58 2.28
CA ARG E 176 68.47 -3.69 3.03
C ARG E 176 67.51 -2.90 2.11
N PHE E 177 66.20 -2.89 2.43
CA PHE E 177 65.09 -2.37 1.58
C PHE E 177 63.93 -1.77 2.42
N GLN E 178 63.18 -0.85 1.82
CA GLN E 178 62.04 -0.17 2.52
C GLN E 178 60.81 -0.13 1.59
N TRP E 179 59.65 -0.29 2.21
CA TRP E 179 58.32 -0.43 1.57
C TRP E 179 57.91 0.92 0.97
N LYS E 180 57.48 0.91 -0.30
CA LYS E 180 56.86 2.09 -0.95
C LYS E 180 55.34 1.91 -0.97
N VAL E 181 54.85 0.74 -0.56
CA VAL E 181 53.43 0.33 -0.65
C VAL E 181 53.04 -0.31 0.68
N LEU E 182 51.75 -0.61 0.87
CA LEU E 182 51.18 -1.02 2.19
C LEU E 182 51.83 -2.34 2.64
N PRO E 183 52.65 -2.32 3.71
CA PRO E 183 53.22 -3.56 4.23
C PRO E 183 52.06 -4.43 4.71
N GLN E 184 52.10 -5.75 4.45
CA GLN E 184 51.16 -6.72 5.07
C GLN E 184 51.68 -7.06 6.48
N GLY E 185 51.17 -6.40 7.53
CA GLY E 185 51.77 -6.41 8.87
C GLY E 185 51.59 -5.09 9.60
N MET E 186 51.31 -4.00 8.87
CA MET E 186 51.10 -2.64 9.42
C MET E 186 49.65 -2.50 9.91
N LEU E 187 49.43 -1.80 11.03
CA LEU E 187 48.12 -1.84 11.75
C LEU E 187 47.04 -1.10 10.93
N ASN E 188 47.43 -0.24 10.00
CA ASN E 188 46.49 0.68 9.30
C ASN E 188 46.40 0.30 7.83
N SER E 189 47.02 -0.80 7.39
CA SER E 189 47.03 -1.11 5.94
C SER E 189 45.61 -1.43 5.51
N PRO E 190 44.85 -2.17 6.35
CA PRO E 190 43.48 -2.58 6.01
C PRO E 190 42.55 -1.38 5.72
N THR E 191 42.57 -0.41 6.62
CA THR E 191 41.76 0.84 6.52
C THR E 191 42.16 1.62 5.27
N ILE E 192 43.46 1.66 4.92
CA ILE E 192 43.88 2.47 3.75
C ILE E 192 43.56 1.68 2.48
N CYS E 193 43.65 0.35 2.53
CA CYS E 193 43.24 -0.51 1.39
C CYS E 193 41.73 -0.42 1.15
N GLN E 194 40.90 -0.47 2.20
CA GLN E 194 39.41 -0.39 2.04
C GLN E 194 39.02 0.98 1.46
N THR E 195 39.61 2.04 2.02
CA THR E 195 39.43 3.42 1.53
C THR E 195 39.75 3.46 0.03
N PHE E 196 40.99 3.10 -0.31
CA PHE E 196 41.58 3.21 -1.68
C PHE E 196 40.75 2.47 -2.73
N VAL E 197 40.43 1.20 -2.45
CA VAL E 197 39.57 0.42 -3.38
C VAL E 197 38.15 1.00 -3.32
N GLY E 198 37.67 1.27 -2.11
CA GLY E 198 36.31 1.79 -1.91
C GLY E 198 36.12 3.01 -2.78
N ARG E 199 37.08 3.94 -2.74
CA ARG E 199 36.94 5.24 -3.46
C ARG E 199 36.82 4.95 -4.96
N ALA E 200 37.61 4.01 -5.48
CA ALA E 200 37.73 3.65 -6.91
C ALA E 200 36.47 2.95 -7.39
N LEU E 201 35.83 2.13 -6.55
CA LEU E 201 34.54 1.48 -6.87
C LEU E 201 33.39 2.50 -6.88
N GLN E 202 33.48 3.58 -6.09
CA GLN E 202 32.30 4.45 -5.83
C GLN E 202 31.63 4.76 -7.15
N PRO E 203 32.29 5.39 -8.15
CA PRO E 203 31.62 5.73 -9.43
C PRO E 203 30.91 4.60 -10.18
N VAL E 204 31.32 3.34 -9.96
CA VAL E 204 30.58 2.10 -10.37
C VAL E 204 29.25 2.00 -9.61
N ARG E 205 29.24 1.94 -8.27
CA ARG E 205 28.01 1.54 -7.51
C ARG E 205 26.89 2.49 -7.95
N GLU E 206 27.37 3.68 -8.26
CA GLU E 206 26.69 4.95 -8.55
C GLU E 206 26.22 4.94 -9.99
N LYS E 207 27.11 4.73 -10.96
CA LYS E 207 26.68 4.59 -12.37
C LYS E 207 25.72 3.39 -12.40
N PHE E 208 26.17 2.25 -11.85
CA PHE E 208 25.44 0.95 -11.92
C PHE E 208 24.68 0.70 -10.62
N SER E 209 23.74 1.58 -10.25
CA SER E 209 23.03 1.48 -8.96
C SER E 209 22.01 0.33 -8.95
N ASP E 210 21.87 -0.44 -10.04
CA ASP E 210 21.05 -1.66 -10.06
C ASP E 210 21.92 -2.89 -9.82
N CYS E 211 23.25 -2.82 -9.88
CA CYS E 211 23.92 -4.14 -9.69
C CYS E 211 24.27 -4.29 -8.21
N TYR E 212 24.24 -5.52 -7.70
CA TYR E 212 24.60 -5.82 -6.30
C TYR E 212 26.10 -6.02 -6.24
N ILE E 213 26.79 -5.09 -5.58
CA ILE E 213 28.28 -5.01 -5.52
C ILE E 213 28.70 -5.15 -4.05
N ILE E 214 29.51 -6.15 -3.74
CA ILE E 214 30.14 -6.33 -2.39
C ILE E 214 31.65 -6.10 -2.52
N HIS E 215 32.25 -5.45 -1.54
CA HIS E 215 33.70 -5.20 -1.54
C HIS E 215 34.23 -5.45 -0.16
N TYR E 216 34.98 -6.51 0.00
CA TYR E 216 35.56 -6.83 1.33
C TYR E 216 37.08 -6.99 1.32
N ILE E 217 37.79 -5.86 1.54
CA ILE E 217 39.26 -5.64 1.42
C ILE E 217 39.64 -5.57 -0.06
N ASP E 218 39.67 -6.72 -0.75
CA ASP E 218 40.14 -6.81 -2.15
C ASP E 218 39.17 -7.72 -2.91
N ASP E 219 38.41 -8.50 -2.17
CA ASP E 219 37.49 -9.50 -2.74
C ASP E 219 36.23 -8.77 -3.13
N ILE E 220 35.92 -8.72 -4.42
CA ILE E 220 34.82 -7.90 -4.98
C ILE E 220 33.88 -8.80 -5.78
N LEU E 221 32.59 -8.54 -5.66
CA LEU E 221 31.55 -9.40 -6.29
C LEU E 221 30.51 -8.47 -6.90
N CYS E 222 30.29 -8.56 -8.21
N CYS E 222 30.36 -8.38 -8.24
CA CYS E 222 29.22 -7.81 -8.90
CA CYS E 222 29.22 -7.67 -8.95
C CYS E 222 28.17 -8.80 -9.40
C CYS E 222 28.20 -8.71 -9.44
N ALA E 223 26.91 -8.45 -9.19
CA ALA E 223 25.75 -9.29 -9.59
C ALA E 223 24.66 -8.35 -10.16
N ALA E 224 23.90 -8.85 -11.12
CA ALA E 224 23.10 -8.08 -12.08
C ALA E 224 21.90 -8.93 -12.49
N GLU E 225 20.84 -8.30 -13.01
CA GLU E 225 19.57 -9.02 -13.33
C GLU E 225 19.80 -10.01 -14.49
N THR E 226 20.67 -9.71 -15.46
CA THR E 226 20.91 -10.51 -16.71
C THR E 226 22.40 -10.70 -16.98
N LYS E 227 22.73 -11.79 -17.68
CA LYS E 227 24.14 -12.10 -18.07
C LYS E 227 24.71 -10.88 -18.78
N ASP E 228 23.87 -10.16 -19.53
CA ASP E 228 24.20 -8.93 -20.31
C ASP E 228 24.56 -7.79 -19.36
N LYS E 229 23.57 -7.24 -18.65
CA LYS E 229 23.73 -6.13 -17.65
C LYS E 229 24.94 -6.41 -16.76
N LEU E 230 25.15 -7.67 -16.37
CA LEU E 230 26.37 -8.06 -15.63
C LEU E 230 27.60 -7.53 -16.38
N ILE E 231 27.74 -7.88 -17.66
CA ILE E 231 28.97 -7.54 -18.44
C ILE E 231 29.11 -6.02 -18.53
N ASP E 232 28.03 -5.27 -18.72
CA ASP E 232 28.10 -3.78 -18.66
C ASP E 232 28.84 -3.33 -17.39
N CYS E 233 28.46 -3.87 -16.22
CA CYS E 233 29.01 -3.59 -14.86
C CYS E 233 30.49 -3.98 -14.80
N TYR E 234 30.78 -5.23 -15.15
CA TYR E 234 32.15 -5.79 -15.04
C TYR E 234 33.08 -4.98 -15.94
N THR E 235 32.61 -4.54 -17.11
CA THR E 235 33.41 -3.77 -18.09
C THR E 235 33.84 -2.48 -17.39
N PHE E 236 32.89 -1.68 -16.90
CA PHE E 236 33.19 -0.34 -16.33
C PHE E 236 34.07 -0.50 -15.09
N LEU E 237 33.81 -1.54 -14.31
CA LEU E 237 34.64 -1.92 -13.13
C LEU E 237 36.09 -2.17 -13.56
N GLN E 238 36.30 -3.04 -14.55
CA GLN E 238 37.65 -3.33 -15.12
C GLN E 238 38.32 -2.01 -15.45
N ALA E 239 37.58 -1.07 -16.06
CA ALA E 239 38.08 0.26 -16.43
C ALA E 239 38.55 0.93 -15.14
N GLU E 240 37.64 1.06 -14.17
CA GLU E 240 37.82 1.90 -12.95
C GLU E 240 38.95 1.34 -12.06
N VAL E 241 39.20 0.02 -12.06
CA VAL E 241 40.31 -0.54 -11.22
C VAL E 241 41.64 -0.18 -11.88
N ALA E 242 41.75 -0.39 -13.20
CA ALA E 242 42.96 -0.02 -13.98
C ALA E 242 43.23 1.44 -13.68
N ASN E 243 42.19 2.30 -13.81
CA ASN E 243 42.36 3.77 -13.65
CA ASN E 243 42.36 3.77 -13.65
C ASN E 243 43.10 4.06 -12.33
N ALA E 244 43.07 3.15 -11.36
CA ALA E 244 43.49 3.35 -9.96
C ALA E 244 44.85 2.68 -9.68
N GLY E 245 45.29 1.78 -10.55
CA GLY E 245 46.61 1.12 -10.47
C GLY E 245 46.51 -0.29 -9.95
N LEU E 246 45.31 -0.85 -9.95
CA LEU E 246 45.05 -2.21 -9.38
C LEU E 246 45.07 -3.23 -10.51
N ALA E 247 45.30 -4.49 -10.19
CA ALA E 247 45.32 -5.59 -11.16
C ALA E 247 44.29 -6.65 -10.75
N ILE E 248 43.31 -6.97 -11.58
CA ILE E 248 42.36 -8.09 -11.33
C ILE E 248 43.13 -9.41 -11.41
N ALA E 249 42.90 -10.36 -10.50
CA ALA E 249 43.71 -11.60 -10.42
C ALA E 249 43.09 -12.67 -11.33
N SER E 250 43.54 -12.69 -12.59
CA SER E 250 43.08 -13.54 -13.73
C SER E 250 42.91 -15.01 -13.28
N ASP E 251 43.82 -15.52 -12.48
CA ASP E 251 43.82 -16.96 -12.10
C ASP E 251 42.68 -17.27 -11.11
N LYS E 252 42.18 -16.26 -10.40
CA LYS E 252 41.19 -16.51 -9.31
C LYS E 252 39.82 -15.92 -9.65
N ILE E 253 39.56 -15.57 -10.91
CA ILE E 253 38.20 -15.08 -11.31
C ILE E 253 37.21 -16.27 -11.28
N GLN E 254 35.99 -16.03 -10.78
CA GLN E 254 34.87 -17.02 -10.77
C GLN E 254 33.71 -16.48 -11.63
N THR E 255 33.14 -17.33 -12.49
CA THR E 255 32.23 -16.91 -13.60
C THR E 255 30.95 -17.75 -13.54
N SER E 256 30.99 -18.89 -12.82
CA SER E 256 29.97 -19.97 -12.90
C SER E 256 29.71 -20.61 -11.52
N THR E 257 28.50 -21.14 -11.29
CA THR E 257 28.19 -21.78 -10.00
C THR E 257 28.96 -23.09 -9.98
N PRO E 258 29.03 -23.78 -8.81
CA PRO E 258 29.02 -23.13 -7.50
C PRO E 258 30.18 -22.16 -7.23
N PHE E 259 29.87 -20.98 -6.71
CA PHE E 259 30.83 -19.90 -6.38
C PHE E 259 31.33 -20.04 -4.95
N HIS E 260 32.47 -19.36 -4.67
CA HIS E 260 33.18 -19.34 -3.36
C HIS E 260 33.43 -17.90 -2.87
N TYR E 261 32.85 -17.55 -1.69
CA TYR E 261 32.89 -16.16 -1.16
C TYR E 261 32.78 -16.16 0.38
N LEU E 262 33.75 -15.47 0.97
CA LEU E 262 33.84 -15.19 2.43
C LEU E 262 33.51 -16.46 3.22
N GLY E 263 34.00 -17.61 2.75
CA GLY E 263 33.94 -18.89 3.46
C GLY E 263 32.67 -19.66 3.15
N MET E 264 31.83 -19.16 2.22
CA MET E 264 30.49 -19.73 1.88
C MET E 264 30.51 -20.29 0.47
N GLN E 265 29.87 -21.46 0.24
CA GLN E 265 29.55 -21.97 -1.12
C GLN E 265 28.23 -21.36 -1.56
N ILE E 266 28.19 -20.63 -2.66
CA ILE E 266 26.94 -19.93 -3.10
C ILE E 266 26.49 -20.52 -4.44
N GLU E 267 25.20 -20.83 -4.57
CA GLU E 267 24.56 -21.27 -5.84
C GLU E 267 23.58 -20.19 -6.30
N ASN E 268 22.64 -20.55 -7.17
CA ASN E 268 21.60 -19.59 -7.66
C ASN E 268 20.62 -19.33 -6.52
N ARG E 269 20.40 -20.29 -5.62
CA ARG E 269 19.59 -20.04 -4.41
C ARG E 269 20.31 -20.60 -3.19
N LYS E 270 20.61 -21.90 -3.19
CA LYS E 270 21.16 -22.61 -2.01
C LYS E 270 22.53 -22.03 -1.63
N ILE E 271 22.78 -21.91 -0.32
CA ILE E 271 24.05 -21.35 0.25
C ILE E 271 24.43 -22.20 1.46
N LYS E 272 25.71 -22.53 1.65
CA LYS E 272 26.18 -23.31 2.81
C LYS E 272 27.61 -22.90 3.05
N PRO E 273 28.12 -23.00 4.29
CA PRO E 273 29.55 -22.79 4.56
C PRO E 273 30.40 -23.84 3.83
N GLN E 274 31.55 -23.45 3.30
CA GLN E 274 32.50 -24.40 2.66
C GLN E 274 32.88 -25.47 3.68
N LYS E 275 33.27 -25.03 4.87
CA LYS E 275 33.86 -25.95 5.88
C LYS E 275 32.71 -26.58 6.67
N ILE E 276 32.46 -27.87 6.47
CA ILE E 276 31.37 -28.61 7.18
C ILE E 276 32.01 -29.86 7.79
N GLU E 277 33.03 -29.71 8.63
CA GLU E 277 33.72 -30.88 9.24
C GLU E 277 34.13 -30.47 10.66
N ILE E 278 33.74 -31.23 11.66
CA ILE E 278 33.88 -30.84 13.09
C ILE E 278 34.93 -31.75 13.73
N ARG E 279 36.03 -31.24 14.28
CA ARG E 279 37.10 -32.13 14.77
C ARG E 279 36.64 -32.74 16.08
N LYS E 280 35.85 -33.80 15.98
CA LYS E 280 35.36 -34.63 17.11
C LYS E 280 36.35 -35.79 17.36
N ASP E 281 37.39 -35.93 16.53
CA ASP E 281 38.20 -37.17 16.43
C ASP E 281 38.88 -37.45 17.78
N THR E 282 39.52 -36.46 18.39
CA THR E 282 40.17 -36.67 19.71
C THR E 282 39.67 -35.62 20.70
N LEU E 283 38.84 -36.02 21.67
CA LEU E 283 38.20 -35.08 22.63
C LEU E 283 38.56 -35.48 24.05
N LYS E 284 39.77 -35.17 24.52
CA LYS E 284 40.22 -35.66 25.84
C LYS E 284 40.51 -34.51 26.79
N THR E 285 40.92 -33.35 26.28
CA THR E 285 41.28 -32.17 27.12
C THR E 285 40.21 -31.08 26.96
N LEU E 286 40.29 -30.07 27.84
CA LEU E 286 39.52 -28.80 27.74
C LEU E 286 39.76 -28.18 26.36
N ASN E 287 41.03 -28.18 25.92
CA ASN E 287 41.43 -27.57 24.63
C ASN E 287 40.75 -28.30 23.48
N ASP E 288 40.53 -29.61 23.59
CA ASP E 288 39.91 -30.36 22.47
C ASP E 288 38.49 -29.80 22.26
N PHE E 289 37.73 -29.58 23.32
CA PHE E 289 36.34 -29.08 23.19
C PHE E 289 36.35 -27.64 22.67
N GLN E 290 37.33 -26.82 23.07
CA GLN E 290 37.40 -25.42 22.62
C GLN E 290 37.45 -25.42 21.09
N LYS E 291 38.26 -26.26 20.49
CA LYS E 291 38.40 -26.29 19.01
C LYS E 291 37.05 -26.72 18.45
N LEU E 292 36.50 -27.82 18.99
CA LEU E 292 35.27 -28.49 18.47
C LEU E 292 34.12 -27.49 18.55
N LEU E 293 33.93 -26.85 19.70
CA LEU E 293 32.79 -25.90 19.82
C LEU E 293 33.00 -24.71 18.89
N GLY E 294 34.23 -24.28 18.67
CA GLY E 294 34.51 -23.16 17.74
C GLY E 294 34.11 -23.56 16.33
N ASP E 295 34.37 -24.80 15.95
CA ASP E 295 33.96 -25.31 14.62
C ASP E 295 32.46 -25.17 14.49
N ILE E 296 31.73 -25.63 15.51
CA ILE E 296 30.25 -25.65 15.49
C ILE E 296 29.72 -24.22 15.42
N ASN E 297 30.37 -23.32 16.15
CA ASN E 297 29.97 -21.89 16.23
C ASN E 297 29.84 -21.31 14.82
N TRP E 298 30.82 -21.59 13.95
CA TRP E 298 30.93 -20.92 12.63
C TRP E 298 29.68 -21.23 11.80
N ILE E 299 29.14 -22.45 11.91
CA ILE E 299 28.06 -22.91 11.00
C ILE E 299 26.68 -22.72 11.67
N ARG E 300 26.64 -22.17 12.89
CA ARG E 300 25.39 -22.07 13.69
C ARG E 300 24.36 -21.19 12.99
N PRO E 301 24.69 -19.96 12.55
CA PRO E 301 23.71 -19.07 11.95
C PRO E 301 23.10 -19.65 10.68
N THR E 302 23.94 -20.26 9.86
CA THR E 302 23.52 -20.89 8.58
C THR E 302 22.81 -22.22 8.89
N LEU E 303 23.36 -23.07 9.77
CA LEU E 303 22.85 -24.46 9.84
C LEU E 303 21.99 -24.70 11.10
N GLY E 304 21.61 -23.63 11.79
CA GLY E 304 20.49 -23.61 12.76
C GLY E 304 20.71 -24.55 13.94
N ILE E 305 21.72 -24.31 14.75
CA ILE E 305 21.98 -25.14 15.95
C ILE E 305 21.51 -24.37 17.18
N PRO E 306 20.36 -24.72 17.82
CA PRO E 306 19.84 -23.89 18.91
C PRO E 306 20.66 -24.10 20.18
N THR E 307 20.66 -23.11 21.07
CA THR E 307 21.53 -23.11 22.27
C THR E 307 21.23 -24.35 23.11
N TYR E 308 19.97 -24.79 23.23
CA TYR E 308 19.64 -25.95 24.09
C TYR E 308 20.36 -27.20 23.59
N ALA E 309 20.53 -27.32 22.26
CA ALA E 309 21.14 -28.48 21.56
C ALA E 309 22.62 -28.67 21.89
N MET E 310 23.30 -27.63 22.36
CA MET E 310 24.74 -27.66 22.67
C MET E 310 24.96 -27.51 24.17
N SER E 311 23.89 -27.61 24.96
CA SER E 311 23.93 -27.43 26.43
C SER E 311 24.93 -28.41 27.04
N ASN E 312 24.93 -29.65 26.56
CA ASN E 312 25.83 -30.70 27.12
C ASN E 312 27.26 -30.32 26.79
N LEU E 313 27.52 -29.94 25.54
CA LEU E 313 28.89 -29.63 25.10
C LEU E 313 29.41 -28.40 25.88
N PHE E 314 28.64 -27.32 25.98
CA PHE E 314 29.15 -26.09 26.63
C PHE E 314 29.46 -26.38 28.10
N SER E 315 28.65 -27.20 28.76
CA SER E 315 28.83 -27.53 30.20
C SER E 315 30.18 -28.25 30.42
N ILE E 316 30.64 -29.06 29.46
CA ILE E 316 31.93 -29.81 29.60
C ILE E 316 33.09 -28.81 29.78
N LEU E 317 33.05 -27.68 29.08
CA LEU E 317 34.05 -26.58 29.14
C LEU E 317 34.28 -26.10 30.58
N ARG E 318 33.23 -26.08 31.40
CA ARG E 318 33.31 -25.69 32.83
C ARG E 318 34.36 -26.56 33.53
N GLY E 319 35.14 -25.97 34.43
CA GLY E 319 36.08 -26.73 35.27
C GLY E 319 37.45 -26.11 35.21
N ASP E 320 38.50 -26.92 35.36
CA ASP E 320 39.92 -26.46 35.42
C ASP E 320 40.19 -25.59 34.18
N SER E 321 40.74 -24.39 34.35
CA SER E 321 41.01 -23.43 33.24
C SER E 321 42.12 -24.00 32.34
N ASP E 322 43.00 -24.83 32.91
CA ASP E 322 44.21 -25.35 32.21
C ASP E 322 43.76 -26.10 30.95
N LEU E 323 44.33 -25.75 29.79
CA LEU E 323 43.88 -26.21 28.44
C LEU E 323 43.97 -27.73 28.35
N ASN E 324 44.92 -28.33 29.05
CA ASN E 324 45.25 -29.76 28.95
C ASN E 324 44.48 -30.53 30.02
N SER E 325 43.69 -29.87 30.87
CA SER E 325 42.86 -30.57 31.89
C SER E 325 41.96 -31.58 31.18
N LYS E 326 41.77 -32.76 31.76
CA LYS E 326 40.87 -33.82 31.19
C LYS E 326 39.44 -33.27 31.05
N ARG E 327 38.75 -33.59 29.95
CA ARG E 327 37.27 -33.38 29.83
C ARG E 327 36.63 -34.67 29.32
N ILE E 328 35.66 -35.21 30.06
CA ILE E 328 34.92 -36.46 29.76
C ILE E 328 33.94 -36.15 28.63
N LEU E 329 33.68 -37.07 27.71
CA LEU E 329 32.60 -36.87 26.73
C LEU E 329 31.37 -37.62 27.23
N THR E 330 30.37 -36.94 27.79
CA THR E 330 29.18 -37.58 28.41
C THR E 330 28.30 -38.10 27.28
N PRO E 331 27.51 -39.18 27.51
CA PRO E 331 26.68 -39.76 26.46
C PRO E 331 25.70 -38.75 25.84
N GLU E 332 25.11 -37.88 26.67
CA GLU E 332 24.20 -36.80 26.17
C GLU E 332 25.00 -35.92 25.19
N ALA E 333 26.21 -35.51 25.57
CA ALA E 333 27.09 -34.70 24.70
C ALA E 333 27.28 -35.43 23.37
N THR E 334 27.45 -36.76 23.42
CA THR E 334 27.59 -37.63 22.23
C THR E 334 26.37 -37.42 21.31
N LYS E 335 25.17 -37.47 21.88
CA LYS E 335 23.92 -37.37 21.07
C LYS E 335 23.89 -35.99 20.41
N GLU E 336 24.46 -34.96 21.04
CA GLU E 336 24.38 -33.57 20.51
C GLU E 336 25.31 -33.48 19.30
N ILE E 337 26.53 -34.00 19.39
CA ILE E 337 27.45 -34.07 18.21
C ILE E 337 26.71 -34.81 17.09
N LYS E 338 26.11 -35.96 17.42
CA LYS E 338 25.39 -36.73 16.38
C LYS E 338 24.53 -35.69 15.66
N LEU E 339 23.53 -35.13 16.36
CA LEU E 339 22.38 -34.40 15.76
C LEU E 339 22.87 -33.15 15.04
N VAL E 340 23.95 -32.55 15.53
CA VAL E 340 24.64 -31.40 14.87
C VAL E 340 25.09 -31.85 13.49
N GLU E 341 25.83 -32.96 13.44
CA GLU E 341 26.54 -33.46 12.23
C GLU E 341 25.53 -33.89 11.16
N GLU E 342 24.33 -34.30 11.57
CA GLU E 342 23.18 -34.61 10.67
C GLU E 342 22.60 -33.31 10.11
N LYS E 343 22.54 -32.24 10.92
CA LYS E 343 21.96 -30.95 10.46
C LYS E 343 22.93 -30.28 9.47
N ILE E 344 24.22 -30.28 9.80
CA ILE E 344 25.33 -29.85 8.89
C ILE E 344 25.09 -30.44 7.50
N GLN E 345 24.73 -31.73 7.39
CA GLN E 345 24.42 -32.34 6.08
C GLN E 345 23.17 -31.67 5.49
N SER E 346 22.05 -31.64 6.22
CA SER E 346 20.70 -31.37 5.64
C SER E 346 20.45 -29.86 5.47
N ALA E 347 21.05 -29.02 6.31
CA ALA E 347 20.72 -27.59 6.46
C ALA E 347 21.23 -26.77 5.25
N GLN E 348 20.62 -25.62 5.01
CA GLN E 348 21.18 -24.56 4.13
C GLN E 348 20.49 -23.24 4.45
N ILE E 349 20.88 -22.16 3.79
CA ILE E 349 20.04 -20.93 3.69
C ILE E 349 19.94 -20.59 2.21
N ASN E 350 19.25 -19.49 1.91
CA ASN E 350 18.77 -19.20 0.54
C ASN E 350 18.94 -17.71 0.27
N ARG E 351 19.50 -17.37 -0.89
CA ARG E 351 19.38 -15.99 -1.43
C ARG E 351 17.89 -15.72 -1.50
N ILE E 352 17.52 -14.44 -1.50
CA ILE E 352 16.14 -13.92 -1.32
C ILE E 352 15.83 -13.11 -2.58
N GLY E 353 14.55 -12.90 -2.88
CA GLY E 353 14.09 -11.90 -3.85
C GLY E 353 14.45 -10.51 -3.37
N PRO E 354 14.99 -9.64 -4.25
CA PRO E 354 15.36 -8.28 -3.87
C PRO E 354 14.09 -7.48 -3.58
N LEU E 355 12.95 -8.04 -4.02
CA LEU E 355 11.66 -7.32 -4.12
C LEU E 355 10.92 -7.38 -2.77
N ALA E 356 10.65 -8.58 -2.27
CA ALA E 356 9.79 -8.80 -1.09
C ALA E 356 10.54 -8.38 0.18
N PRO E 357 9.83 -8.07 1.28
CA PRO E 357 10.44 -7.92 2.60
C PRO E 357 10.57 -9.25 3.34
N LEU E 358 11.10 -9.18 4.57
CA LEU E 358 11.55 -10.34 5.39
C LEU E 358 10.67 -10.47 6.62
N GLN E 359 10.66 -11.64 7.25
CA GLN E 359 9.86 -11.93 8.46
C GLN E 359 10.82 -12.43 9.53
N LEU E 360 10.47 -12.20 10.79
CA LEU E 360 11.19 -12.79 11.94
C LEU E 360 10.25 -13.78 12.60
N LEU E 361 10.58 -15.08 12.62
CA LEU E 361 9.82 -16.04 13.48
C LEU E 361 10.57 -16.17 14.79
N ILE E 362 9.87 -16.10 15.92
CA ILE E 362 10.44 -16.40 17.26
C ILE E 362 9.79 -17.71 17.71
N PHE E 363 10.58 -18.71 18.06
CA PHE E 363 10.13 -20.05 18.50
C PHE E 363 10.42 -20.20 19.98
N ALA E 364 9.50 -20.81 20.72
CA ALA E 364 9.63 -20.97 22.18
C ALA E 364 10.52 -22.18 22.45
N THR E 365 11.77 -22.12 22.01
CA THR E 365 12.73 -23.23 22.13
C THR E 365 13.14 -23.37 23.59
N ALA E 366 13.70 -24.53 23.92
CA ALA E 366 14.18 -24.86 25.28
C ALA E 366 15.35 -23.93 25.61
N HIS E 367 15.61 -23.71 26.89
CA HIS E 367 16.69 -22.83 27.41
C HIS E 367 16.39 -21.35 27.10
N SER E 368 16.28 -20.98 25.83
CA SER E 368 16.11 -19.56 25.43
C SER E 368 15.48 -19.57 24.05
N PRO E 369 14.72 -18.53 23.66
CA PRO E 369 13.92 -18.62 22.44
C PRO E 369 14.83 -18.46 21.21
N THR E 370 14.36 -18.96 20.08
CA THR E 370 15.16 -18.96 18.83
C THR E 370 14.42 -18.10 17.81
N GLY E 371 15.15 -17.31 17.02
CA GLY E 371 14.55 -16.56 15.91
C GLY E 371 15.08 -17.05 14.58
N ILE E 372 14.29 -16.88 13.54
CA ILE E 372 14.69 -17.15 12.13
C ILE E 372 14.38 -15.91 11.30
N ILE E 373 15.39 -15.30 10.70
CA ILE E 373 15.20 -14.34 9.57
C ILE E 373 14.80 -15.18 8.37
N ILE E 374 13.85 -14.70 7.58
CA ILE E 374 13.10 -15.60 6.68
C ILE E 374 12.46 -14.72 5.62
N GLN E 375 12.08 -15.32 4.49
CA GLN E 375 11.31 -14.64 3.42
C GLN E 375 10.32 -15.65 2.87
N ASN E 376 9.07 -15.59 3.33
CA ASN E 376 8.09 -16.67 3.05
C ASN E 376 8.84 -17.90 3.57
N THR E 377 9.16 -18.89 2.73
CA THR E 377 9.66 -20.21 3.19
C THR E 377 11.19 -20.36 3.10
N ASP E 378 11.92 -19.40 2.50
CA ASP E 378 13.39 -19.40 2.36
C ASP E 378 14.07 -18.86 3.65
N LEU E 379 14.64 -19.75 4.47
CA LEU E 379 15.49 -19.41 5.63
C LEU E 379 16.64 -18.51 5.16
N VAL E 380 16.93 -17.44 5.90
CA VAL E 380 18.05 -16.51 5.56
C VAL E 380 19.14 -16.62 6.63
N GLU E 381 18.75 -16.78 7.89
CA GLU E 381 19.67 -16.74 9.06
C GLU E 381 18.91 -17.18 10.30
N TRP E 382 19.55 -17.91 11.21
CA TRP E 382 19.03 -18.18 12.56
C TRP E 382 19.70 -17.19 13.52
N SER E 383 18.96 -16.74 14.54
CA SER E 383 19.45 -15.81 15.58
C SER E 383 19.26 -16.46 16.95
N PHE E 384 20.32 -16.49 17.78
CA PHE E 384 20.39 -17.16 19.11
C PHE E 384 20.78 -16.18 20.23
N LEU E 385 20.48 -16.54 21.47
CA LEU E 385 21.05 -15.86 22.65
C LEU E 385 22.10 -16.75 23.32
N PRO E 386 22.93 -16.12 24.18
CA PRO E 386 23.95 -16.80 24.97
C PRO E 386 23.48 -18.09 25.65
N HIS E 387 24.43 -18.99 25.88
CA HIS E 387 24.23 -20.22 26.69
C HIS E 387 24.12 -19.86 28.17
N SER E 388 24.82 -18.82 28.61
CA SER E 388 24.91 -18.45 30.05
C SER E 388 24.51 -16.99 30.17
N THR E 389 23.98 -16.61 31.32
CA THR E 389 23.26 -15.32 31.56
C THR E 389 24.06 -14.44 32.53
N VAL E 390 23.70 -13.16 32.59
CA VAL E 390 24.40 -12.12 33.42
C VAL E 390 23.64 -11.97 34.74
N LYS E 391 22.31 -12.02 34.74
CA LYS E 391 21.50 -11.98 35.97
C LYS E 391 21.26 -13.41 36.44
N THR E 392 20.94 -13.59 37.72
CA THR E 392 20.66 -14.92 38.31
C THR E 392 19.44 -15.52 37.60
N PHE E 393 18.37 -14.72 37.47
CA PHE E 393 17.06 -15.13 36.90
C PHE E 393 16.76 -14.29 35.67
N THR E 394 16.86 -14.89 34.49
CA THR E 394 16.50 -14.30 33.19
C THR E 394 15.15 -14.88 32.77
N LEU E 395 14.15 -14.02 32.56
CA LEU E 395 12.74 -14.41 32.40
C LEU E 395 12.48 -14.60 30.91
N TYR E 396 11.64 -15.54 30.51
CA TYR E 396 11.55 -15.99 29.10
C TYR E 396 11.05 -14.84 28.23
N LEU E 397 10.14 -14.03 28.75
CA LEU E 397 9.58 -12.90 27.96
C LEU E 397 10.68 -11.87 27.72
N ASP E 398 11.45 -11.53 28.75
CA ASP E 398 12.56 -10.58 28.57
C ASP E 398 13.43 -11.15 27.42
N GLN E 399 13.70 -12.45 27.43
CA GLN E 399 14.58 -13.04 26.38
C GLN E 399 13.91 -12.83 25.02
N ILE E 400 12.63 -13.17 24.91
CA ILE E 400 11.93 -12.90 23.62
C ILE E 400 12.26 -11.45 23.21
N ALA E 401 12.08 -10.51 24.12
CA ALA E 401 12.18 -9.06 23.84
C ALA E 401 13.62 -8.71 23.43
N THR E 402 14.61 -9.30 24.09
CA THR E 402 16.04 -9.12 23.74
C THR E 402 16.29 -9.63 22.30
N LEU E 403 15.82 -10.83 22.01
CA LEU E 403 15.96 -11.53 20.70
C LEU E 403 15.38 -10.69 19.56
N ILE E 404 14.21 -10.14 19.83
CA ILE E 404 13.43 -9.38 18.82
C ILE E 404 14.19 -8.11 18.52
N GLY E 405 14.80 -7.48 19.52
CA GLY E 405 15.46 -6.19 19.26
C GLY E 405 16.80 -6.45 18.62
N GLN E 406 17.42 -7.59 18.94
CA GLN E 406 18.76 -7.92 18.36
C GLN E 406 18.55 -8.38 16.91
N THR E 407 17.44 -9.07 16.61
CA THR E 407 17.23 -9.60 15.23
C THR E 407 16.58 -8.55 14.32
N ARG E 408 15.81 -7.63 14.86
CA ARG E 408 15.30 -6.45 14.11
C ARG E 408 16.49 -5.66 13.59
N LEU E 409 17.52 -5.53 14.42
CA LEU E 409 18.75 -4.76 14.10
C LEU E 409 19.62 -5.57 13.12
N ARG E 410 19.73 -6.88 13.32
CA ARG E 410 20.33 -7.74 12.27
C ARG E 410 19.61 -7.52 10.94
N ILE E 411 18.28 -7.68 10.91
CA ILE E 411 17.48 -7.64 9.64
C ILE E 411 17.64 -6.27 8.97
N THR E 412 17.87 -5.25 9.79
CA THR E 412 17.99 -3.82 9.38
C THR E 412 19.36 -3.61 8.71
N LYS E 413 20.39 -4.25 9.28
CA LYS E 413 21.74 -4.34 8.68
C LYS E 413 21.68 -5.01 7.31
N LEU E 414 21.11 -6.21 7.22
CA LEU E 414 21.07 -7.00 5.95
C LEU E 414 20.34 -6.21 4.85
N CYS E 415 19.04 -5.97 4.99
CA CYS E 415 18.17 -5.53 3.85
C CYS E 415 17.92 -4.03 3.94
N GLY E 416 18.20 -3.41 5.07
CA GLY E 416 18.07 -1.95 5.16
C GLY E 416 16.68 -1.54 5.61
N ASN E 417 15.88 -2.49 6.09
CA ASN E 417 14.60 -2.20 6.77
C ASN E 417 14.22 -3.30 7.77
N ASP E 418 13.30 -2.95 8.67
CA ASP E 418 12.72 -3.87 9.68
C ASP E 418 11.94 -4.95 8.94
N PRO E 419 11.69 -6.09 9.58
CA PRO E 419 10.84 -7.10 8.98
C PRO E 419 9.41 -6.54 8.86
N ASP E 420 8.65 -6.99 7.89
CA ASP E 420 7.24 -6.56 7.79
C ASP E 420 6.47 -7.25 8.89
N LYS E 421 6.91 -8.41 9.36
CA LYS E 421 6.11 -9.26 10.30
C LYS E 421 7.00 -9.97 11.35
N ILE E 422 6.65 -9.81 12.64
CA ILE E 422 7.28 -10.61 13.71
C ILE E 422 6.26 -11.60 14.24
N VAL E 423 6.62 -12.88 14.28
CA VAL E 423 5.69 -13.95 14.73
C VAL E 423 6.19 -14.47 16.07
N VAL E 424 5.38 -14.37 17.12
CA VAL E 424 5.84 -14.57 18.52
C VAL E 424 4.96 -15.67 19.09
N PRO E 425 5.48 -16.50 20.01
CA PRO E 425 4.68 -17.52 20.69
C PRO E 425 3.93 -16.93 21.88
N LEU E 426 3.06 -15.95 21.65
CA LEU E 426 2.21 -15.30 22.67
C LEU E 426 0.81 -15.12 22.06
N THR E 427 -0.22 -15.22 22.88
CA THR E 427 -1.60 -14.79 22.51
C THR E 427 -1.65 -13.27 22.44
N LYS E 428 -2.68 -12.76 21.78
CA LYS E 428 -2.98 -11.32 21.66
C LYS E 428 -3.02 -10.72 23.07
N GLU E 429 -3.72 -11.36 24.01
CA GLU E 429 -3.85 -10.77 25.37
C GLU E 429 -2.43 -10.65 25.94
N GLN E 430 -1.56 -11.64 25.72
CA GLN E 430 -0.21 -11.63 26.34
C GLN E 430 0.69 -10.57 25.71
N VAL E 431 0.57 -10.33 24.40
CA VAL E 431 1.24 -9.18 23.74
C VAL E 431 0.66 -7.90 24.32
N ARG E 432 -0.59 -7.92 24.75
CA ARG E 432 -1.24 -6.67 25.22
C ARG E 432 -0.61 -6.28 26.55
N GLN E 433 -0.67 -7.17 27.52
CA GLN E 433 0.03 -7.04 28.83
C GLN E 433 1.49 -6.62 28.58
N ALA E 434 2.17 -7.26 27.64
CA ALA E 434 3.62 -7.06 27.46
C ALA E 434 3.91 -5.58 27.25
N PHE E 435 3.14 -4.95 26.38
CA PHE E 435 3.31 -3.53 26.02
C PHE E 435 3.04 -2.66 27.25
N ILE E 436 2.05 -3.07 28.06
CA ILE E 436 1.68 -2.32 29.30
C ILE E 436 2.77 -2.52 30.37
N ASN E 437 3.24 -3.75 30.63
CA ASN E 437 4.01 -4.13 31.84
C ASN E 437 5.49 -4.42 31.58
N SER E 438 5.93 -4.82 30.39
CA SER E 438 7.34 -5.27 30.23
C SER E 438 8.22 -4.23 29.53
N GLY E 439 9.16 -3.64 30.26
CA GLY E 439 10.00 -2.56 29.73
C GLY E 439 10.90 -3.06 28.61
N ALA E 440 11.29 -4.34 28.68
CA ALA E 440 12.16 -5.01 27.67
C ALA E 440 11.38 -5.08 26.35
N TRP E 441 10.13 -5.51 26.44
CA TRP E 441 9.26 -5.66 25.25
C TRP E 441 9.04 -4.27 24.66
N GLN E 442 8.78 -3.28 25.51
CA GLN E 442 8.50 -1.90 25.02
C GLN E 442 9.72 -1.41 24.24
N ILE E 443 10.92 -1.73 24.70
CA ILE E 443 12.16 -1.25 24.03
C ILE E 443 12.37 -2.09 22.77
N GLY E 444 12.29 -3.42 22.91
CA GLY E 444 12.37 -4.36 21.78
C GLY E 444 11.55 -3.86 20.60
N LEU E 445 10.31 -3.46 20.83
CA LEU E 445 9.36 -3.24 19.71
C LEU E 445 9.15 -1.75 19.48
N ALA E 446 9.91 -0.91 20.17
CA ALA E 446 9.73 0.55 20.06
C ALA E 446 9.73 0.89 18.55
N ASN E 447 8.74 1.66 18.09
CA ASN E 447 8.72 2.18 16.72
C ASN E 447 8.57 1.08 15.67
N PHE E 448 8.13 -0.12 16.05
CA PHE E 448 7.85 -1.21 15.07
C PHE E 448 6.49 -0.95 14.41
N VAL E 449 6.60 -0.75 13.10
CA VAL E 449 5.52 -0.30 12.17
C VAL E 449 4.80 -1.50 11.54
N GLY E 450 5.46 -2.66 11.52
CA GLY E 450 4.83 -3.86 10.91
C GLY E 450 3.77 -4.49 11.78
N ILE E 451 3.68 -5.82 11.69
CA ILE E 451 2.57 -6.66 12.20
C ILE E 451 3.19 -7.65 13.19
N ILE E 452 2.70 -7.69 14.44
CA ILE E 452 2.94 -8.80 15.39
C ILE E 452 1.80 -9.79 15.19
N ASP E 453 2.13 -11.07 15.18
CA ASP E 453 1.19 -12.19 14.93
C ASP E 453 1.73 -13.43 15.65
N ASN E 454 0.95 -14.49 15.74
CA ASN E 454 1.40 -15.77 16.36
C ASN E 454 1.05 -16.95 15.44
N HIS E 455 0.78 -16.70 14.16
CA HIS E 455 0.52 -17.78 13.18
C HIS E 455 1.80 -18.09 12.41
N TYR E 456 2.45 -19.21 12.75
CA TYR E 456 3.61 -19.75 11.98
C TYR E 456 3.10 -20.43 10.71
N PRO E 457 3.87 -20.46 9.60
CA PRO E 457 3.42 -21.13 8.38
C PRO E 457 3.38 -22.68 8.40
N LYS E 458 2.98 -23.29 7.26
CA LYS E 458 2.53 -24.71 7.15
C LYS E 458 3.73 -25.66 7.03
N THR E 459 4.91 -25.16 6.63
CA THR E 459 6.19 -25.93 6.53
C THR E 459 6.54 -26.59 7.87
N LYS E 460 7.13 -27.78 7.84
CA LYS E 460 7.42 -28.54 9.08
C LYS E 460 8.94 -28.69 9.21
N ILE E 461 9.71 -27.71 8.77
CA ILE E 461 11.19 -27.79 8.93
C ILE E 461 11.54 -27.19 10.30
N PHE E 462 10.53 -26.79 11.06
CA PHE E 462 10.73 -26.25 12.42
C PHE E 462 10.15 -27.24 13.41
N GLN E 463 9.63 -28.35 12.88
CA GLN E 463 9.06 -29.46 13.68
C GLN E 463 10.11 -29.97 14.68
N PHE E 464 11.39 -29.93 14.30
CA PHE E 464 12.53 -30.57 15.01
C PHE E 464 12.80 -29.86 16.35
N LEU E 465 12.45 -28.57 16.42
CA LEU E 465 12.73 -27.68 17.58
C LEU E 465 12.11 -28.25 18.86
N LYS E 466 12.88 -28.42 19.94
CA LYS E 466 12.33 -28.81 21.27
C LYS E 466 11.79 -27.56 21.96
N LEU E 467 10.55 -27.60 22.44
CA LEU E 467 9.88 -26.38 22.98
C LEU E 467 9.73 -26.45 24.49
N THR E 468 9.38 -25.31 25.09
CA THR E 468 8.95 -25.21 26.51
C THR E 468 7.52 -24.64 26.53
N THR E 469 6.79 -24.94 27.60
CA THR E 469 5.46 -24.37 27.93
C THR E 469 5.61 -23.18 28.91
N TRP E 470 6.80 -23.00 29.47
CA TRP E 470 7.06 -22.01 30.55
C TRP E 470 7.44 -20.66 29.95
N ILE E 471 6.54 -20.00 29.22
CA ILE E 471 6.87 -18.77 28.42
C ILE E 471 6.47 -17.53 29.23
N LEU E 472 5.22 -17.47 29.67
CA LEU E 472 4.76 -16.50 30.71
C LEU E 472 4.35 -17.24 31.97
N PRO E 473 4.44 -16.60 33.14
CA PRO E 473 4.08 -17.27 34.39
C PRO E 473 2.55 -17.34 34.42
N LYS E 474 2.02 -18.48 34.88
CA LYS E 474 0.56 -18.68 34.99
C LYS E 474 0.25 -19.16 36.41
N ILE E 475 1.19 -19.89 37.00
CA ILE E 475 1.12 -20.40 38.39
C ILE E 475 1.43 -19.26 39.36
N THR E 476 2.43 -18.43 39.05
CA THR E 476 2.82 -17.27 39.89
C THR E 476 1.91 -16.08 39.53
N ARG E 477 1.20 -15.51 40.51
CA ARG E 477 0.22 -14.42 40.25
C ARG E 477 0.84 -13.07 40.57
N CYS E 478 0.47 -12.05 39.79
CA CYS E 478 0.80 -10.63 40.06
C CYS E 478 0.04 -10.13 41.28
N GLU E 479 -1.07 -10.76 41.67
CA GLU E 479 -2.09 -10.13 42.56
C GLU E 479 -2.51 -11.15 43.60
N PRO E 480 -2.88 -10.74 44.82
CA PRO E 480 -3.25 -11.71 45.85
C PRO E 480 -4.44 -12.48 45.29
N LEU E 481 -4.54 -13.77 45.61
CA LEU E 481 -5.68 -14.65 45.27
C LEU E 481 -6.88 -14.30 46.15
N GLU E 482 -8.10 -14.58 45.67
CA GLU E 482 -9.36 -14.17 46.35
C GLU E 482 -9.78 -15.27 47.35
N ASN E 483 -10.11 -14.88 48.58
CA ASN E 483 -10.52 -15.82 49.65
C ASN E 483 -9.61 -17.06 49.57
N ALA E 484 -8.33 -16.82 49.78
CA ALA E 484 -7.24 -17.82 49.78
C ALA E 484 -6.67 -17.89 51.19
N LEU E 485 -6.17 -19.05 51.62
CA LEU E 485 -5.34 -19.09 52.87
C LEU E 485 -4.05 -18.27 52.65
N THR E 486 -3.71 -17.37 53.59
CA THR E 486 -2.42 -16.63 53.64
C THR E 486 -1.41 -17.28 54.62
N VAL E 487 -0.13 -17.34 54.21
CA VAL E 487 0.94 -18.20 54.81
C VAL E 487 2.17 -17.33 55.07
N PHE E 488 2.88 -17.52 56.18
CA PHE E 488 4.05 -16.68 56.53
C PHE E 488 5.23 -17.61 56.73
N THR E 489 6.36 -17.28 56.08
CA THR E 489 7.59 -18.09 56.13
C THR E 489 8.61 -17.29 56.92
N ASP E 490 9.61 -17.97 57.48
CA ASP E 490 10.81 -17.31 58.06
C ASP E 490 12.01 -18.24 57.92
N GLY E 491 13.20 -17.68 58.13
CA GLY E 491 14.46 -18.45 58.11
C GLY E 491 15.49 -17.77 58.98
N SER E 492 16.50 -18.50 59.45
CA SER E 492 17.53 -17.90 60.34
C SER E 492 18.92 -18.42 59.95
N SER E 493 19.98 -17.77 60.43
CA SER E 493 21.39 -18.25 60.21
C SER E 493 21.68 -19.50 61.05
N ASN E 494 20.83 -19.84 62.01
CA ASN E 494 20.91 -21.06 62.86
C ASN E 494 20.31 -22.29 62.15
N GLY E 495 19.89 -22.14 60.89
CA GLY E 495 19.46 -23.27 60.03
C GLY E 495 17.98 -23.56 60.15
N LYS E 496 17.29 -22.89 61.10
CA LYS E 496 15.85 -23.14 61.31
C LYS E 496 15.08 -22.38 60.22
N ALA E 497 14.06 -23.03 59.67
CA ALA E 497 13.10 -22.46 58.70
C ALA E 497 11.70 -22.82 59.21
N ALA E 498 10.66 -22.09 58.82
CA ALA E 498 9.33 -22.22 59.45
C ALA E 498 8.26 -21.63 58.55
N TYR E 499 7.02 -22.05 58.68
CA TYR E 499 5.85 -21.26 58.25
C TYR E 499 4.84 -21.22 59.39
N THR E 500 3.75 -20.48 59.15
CA THR E 500 2.66 -20.24 60.12
C THR E 500 1.48 -19.63 59.35
N GLY E 501 0.39 -19.29 60.07
CA GLY E 501 -0.95 -19.06 59.49
C GLY E 501 -1.91 -20.18 59.90
N PRO E 502 -2.52 -20.93 58.94
CA PRO E 502 -3.52 -21.93 59.28
C PRO E 502 -2.87 -23.08 60.06
N LYS E 503 -1.59 -23.32 59.85
CA LYS E 503 -0.87 -24.33 60.66
C LYS E 503 0.59 -23.89 60.71
N GLU E 504 1.32 -24.29 61.76
CA GLU E 504 2.76 -23.99 61.90
C GLU E 504 3.58 -25.26 61.59
N ARG E 505 4.84 -25.04 61.25
CA ARG E 505 5.84 -26.11 61.05
C ARG E 505 7.24 -25.51 61.08
N VAL E 506 8.15 -26.18 61.79
CA VAL E 506 9.59 -25.81 61.87
C VAL E 506 10.44 -26.94 61.27
N ILE E 507 11.37 -26.55 60.40
CA ILE E 507 12.37 -27.44 59.74
C ILE E 507 13.77 -27.03 60.22
N LYS E 508 14.57 -28.00 60.63
CA LYS E 508 16.04 -27.82 60.76
C LYS E 508 16.65 -28.05 59.39
N THR E 509 17.01 -26.98 58.67
CA THR E 509 17.67 -27.02 57.34
C THR E 509 19.16 -27.12 57.58
N PRO E 510 19.97 -27.50 56.57
CA PRO E 510 21.42 -27.55 56.71
C PRO E 510 22.13 -26.18 56.67
N TYR E 511 21.50 -25.18 56.06
CA TYR E 511 22.22 -23.97 55.60
C TYR E 511 22.49 -23.07 56.80
N GLN E 512 23.45 -22.17 56.66
CA GLN E 512 23.91 -21.29 57.75
C GLN E 512 23.53 -19.85 57.39
N SER E 513 22.47 -19.72 56.58
CA SER E 513 22.00 -18.48 55.91
C SER E 513 20.49 -18.34 56.11
N ALA E 514 20.04 -17.21 56.66
CA ALA E 514 18.59 -16.93 56.84
C ALA E 514 17.88 -17.18 55.50
N GLN E 515 18.35 -16.51 54.44
CA GLN E 515 17.69 -16.53 53.10
C GLN E 515 17.68 -17.96 52.52
N ARG E 516 18.77 -18.72 52.59
CA ARG E 516 18.72 -20.14 52.14
C ARG E 516 17.77 -20.93 53.06
N ALA E 517 17.75 -20.62 54.35
CA ALA E 517 16.86 -21.26 55.34
C ALA E 517 15.40 -21.02 54.91
N GLU E 518 15.08 -19.76 54.63
CA GLU E 518 13.72 -19.32 54.27
C GLU E 518 13.28 -19.87 52.91
N LEU E 519 14.18 -20.07 51.95
CA LEU E 519 13.82 -20.67 50.64
C LEU E 519 13.33 -22.11 50.84
N VAL E 520 13.94 -22.83 51.79
CA VAL E 520 13.47 -24.21 52.10
C VAL E 520 12.01 -24.10 52.57
N ALA E 521 11.66 -23.08 53.36
CA ALA E 521 10.35 -22.98 54.04
C ALA E 521 9.29 -22.71 52.97
N VAL E 522 9.60 -21.83 52.02
CA VAL E 522 8.69 -21.52 50.88
C VAL E 522 8.58 -22.79 50.01
N ILE E 523 9.67 -23.54 49.83
CA ILE E 523 9.59 -24.79 49.03
C ILE E 523 8.60 -25.73 49.73
N THR E 524 8.77 -25.94 51.02
CA THR E 524 7.84 -26.71 51.89
C THR E 524 6.42 -26.13 51.76
N VAL E 525 6.24 -24.81 51.79
CA VAL E 525 4.88 -24.20 51.78
C VAL E 525 4.23 -24.60 50.45
N LEU E 526 4.97 -24.51 49.35
CA LEU E 526 4.44 -24.82 48.00
C LEU E 526 4.13 -26.32 47.87
N GLN E 527 4.78 -27.17 48.66
CA GLN E 527 4.60 -28.65 48.66
C GLN E 527 3.43 -29.09 49.55
N ASP E 528 3.34 -28.55 50.76
CA ASP E 528 2.38 -28.93 51.85
C ASP E 528 0.95 -28.45 51.52
N PHE E 529 0.78 -27.26 50.96
CA PHE E 529 -0.56 -26.63 50.76
C PHE E 529 -1.00 -26.79 49.31
N ASP E 530 -1.68 -27.89 48.98
CA ASP E 530 -2.19 -28.15 47.61
C ASP E 530 -3.53 -27.42 47.42
N GLN E 531 -3.50 -26.09 47.44
CA GLN E 531 -4.64 -25.19 47.12
C GLN E 531 -4.13 -23.78 46.89
N PRO E 532 -4.92 -22.89 46.25
CA PRO E 532 -4.43 -21.54 45.99
C PRO E 532 -4.00 -20.89 47.31
N ILE E 533 -2.79 -20.33 47.39
CA ILE E 533 -2.34 -19.61 48.61
C ILE E 533 -1.67 -18.30 48.25
N ASN E 534 -1.66 -17.41 49.23
CA ASN E 534 -0.87 -16.16 49.28
C ASN E 534 0.20 -16.36 50.34
N ILE E 535 1.43 -15.92 50.06
CA ILE E 535 2.62 -16.14 50.94
C ILE E 535 3.24 -14.77 51.25
N ILE E 536 3.67 -14.60 52.49
CA ILE E 536 4.26 -13.32 52.95
C ILE E 536 5.62 -13.60 53.63
N SER E 537 6.65 -13.02 53.04
CA SER E 537 8.08 -13.15 53.40
C SER E 537 8.65 -11.78 53.77
N ASP E 538 9.59 -11.75 54.72
CA ASP E 538 10.25 -10.49 55.17
C ASP E 538 11.56 -10.34 54.40
N SER E 539 11.91 -11.31 53.56
CA SER E 539 13.18 -11.30 52.76
C SER E 539 12.85 -10.97 51.31
N ALA E 540 13.22 -9.78 50.87
CA ALA E 540 13.04 -9.38 49.47
C ALA E 540 13.77 -10.37 48.57
N TYR E 541 14.84 -11.00 49.06
CA TYR E 541 15.64 -11.93 48.24
C TYR E 541 14.73 -13.14 47.96
N VAL E 542 14.16 -13.73 48.99
CA VAL E 542 13.26 -14.90 48.86
C VAL E 542 12.12 -14.51 47.92
N VAL E 543 11.52 -13.33 48.11
CA VAL E 543 10.29 -12.99 47.35
C VAL E 543 10.69 -12.87 45.88
N GLN E 544 11.81 -12.21 45.58
CA GLN E 544 12.24 -11.99 44.19
C GLN E 544 12.62 -13.33 43.51
N ALA E 545 13.33 -14.21 44.21
CA ALA E 545 13.68 -15.54 43.66
C ALA E 545 12.35 -16.21 43.30
N THR E 546 11.45 -16.36 44.27
CA THR E 546 10.21 -17.17 44.09
C THR E 546 9.30 -16.57 43.03
N ARG E 547 9.28 -15.24 42.83
CA ARG E 547 8.29 -14.66 41.90
C ARG E 547 8.89 -14.75 40.48
N ASP E 548 10.17 -15.11 40.38
CA ASP E 548 10.97 -15.06 39.11
C ASP E 548 11.23 -16.49 38.57
N VAL E 549 11.43 -17.51 39.41
CA VAL E 549 11.84 -18.87 38.93
C VAL E 549 10.93 -19.33 37.78
N GLU E 550 9.62 -19.13 37.87
CA GLU E 550 8.68 -20.01 37.11
C GLU E 550 9.20 -20.15 35.67
N THR E 551 9.55 -19.03 34.99
CA THR E 551 9.84 -18.98 33.54
C THR E 551 11.31 -18.57 33.35
N ALA E 552 12.15 -18.88 34.34
CA ALA E 552 13.53 -18.40 34.49
C ALA E 552 14.51 -19.44 33.98
N LEU E 553 15.44 -19.00 33.14
CA LEU E 553 16.80 -19.56 32.99
C LEU E 553 17.61 -19.16 34.22
N ILE E 554 17.99 -20.16 35.02
CA ILE E 554 18.81 -19.90 36.23
C ILE E 554 20.29 -19.89 35.83
N LYS E 555 21.00 -18.80 36.11
CA LYS E 555 22.47 -18.68 35.98
C LYS E 555 23.12 -19.95 36.52
N TYR E 556 24.13 -20.48 35.83
CA TYR E 556 25.11 -21.41 36.44
C TYR E 556 26.12 -20.60 37.26
N SER E 557 25.80 -20.38 38.53
CA SER E 557 26.71 -19.76 39.54
C SER E 557 27.74 -20.81 39.96
N MET E 558 28.95 -20.37 40.31
CA MET E 558 30.00 -21.25 40.90
C MET E 558 29.41 -22.02 42.09
N ASP E 559 28.31 -21.52 42.69
CA ASP E 559 27.80 -21.94 44.02
C ASP E 559 26.73 -23.03 43.85
N ASP E 560 27.16 -24.26 43.61
CA ASP E 560 26.27 -25.34 43.15
C ASP E 560 25.22 -25.64 44.23
N GLN E 561 25.54 -25.50 45.51
CA GLN E 561 24.52 -25.51 46.60
C GLN E 561 23.34 -24.64 46.15
N LEU E 562 23.63 -23.35 45.89
CA LEU E 562 22.62 -22.32 45.56
C LEU E 562 21.89 -22.63 44.25
N ASN E 563 22.54 -23.33 43.32
CA ASN E 563 21.99 -23.71 42.00
C ASN E 563 21.06 -24.87 42.25
N GLN E 564 21.42 -25.69 43.26
CA GLN E 564 20.54 -26.85 43.53
C GLN E 564 19.31 -26.37 44.29
N LEU E 565 19.43 -25.34 45.11
CA LEU E 565 18.30 -24.76 45.86
C LEU E 565 17.29 -24.20 44.85
N PHE E 566 17.79 -23.29 44.02
CA PHE E 566 17.02 -22.53 43.02
C PHE E 566 16.43 -23.50 41.99
N ASN E 567 17.13 -24.59 41.66
N ASN E 567 17.06 -24.63 41.71
CA ASN E 567 16.57 -25.69 40.83
CA ASN E 567 16.47 -25.62 40.76
C ASN E 567 15.33 -26.23 41.55
C ASN E 567 15.35 -26.38 41.48
N LEU E 568 15.54 -26.73 42.77
CA LEU E 568 14.49 -27.41 43.57
C LEU E 568 13.29 -26.48 43.72
N LEU E 569 13.52 -25.20 44.01
CA LEU E 569 12.45 -24.17 44.07
C LEU E 569 11.71 -24.16 42.73
N GLN E 570 12.49 -24.12 41.63
CA GLN E 570 11.91 -24.08 40.26
C GLN E 570 11.04 -25.30 40.05
N GLN E 571 11.54 -26.49 40.43
N GLN E 571 11.55 -26.49 40.43
CA GLN E 571 10.78 -27.75 40.26
CA GLN E 571 10.81 -27.77 40.30
C GLN E 571 9.48 -27.62 41.08
C GLN E 571 9.51 -27.63 41.08
N THR E 572 9.61 -27.13 42.31
CA THR E 572 8.51 -27.12 43.30
C THR E 572 7.40 -26.21 42.75
N VAL E 573 7.78 -25.08 42.15
CA VAL E 573 6.81 -24.15 41.51
C VAL E 573 6.10 -24.91 40.38
N ARG E 574 6.86 -25.61 39.54
CA ARG E 574 6.34 -26.11 38.24
C ARG E 574 5.44 -27.34 38.48
N LYS E 575 5.69 -28.10 39.55
CA LYS E 575 4.84 -29.25 39.97
C LYS E 575 3.61 -28.79 40.78
N ARG E 576 3.29 -27.50 40.84
CA ARG E 576 2.08 -27.04 41.59
C ARG E 576 0.82 -27.45 40.81
N ASN E 577 -0.25 -27.76 41.54
CA ASN E 577 -1.60 -27.96 40.93
C ASN E 577 -2.44 -26.70 41.07
N PHE E 578 -2.10 -25.82 42.02
CA PHE E 578 -2.84 -24.55 42.25
C PHE E 578 -1.89 -23.35 42.27
N PRO E 579 -2.39 -22.17 41.82
CA PRO E 579 -1.54 -20.98 41.71
C PRO E 579 -1.07 -20.53 43.10
N PHE E 580 -0.30 -19.44 43.14
CA PHE E 580 0.23 -18.86 44.38
C PHE E 580 0.59 -17.41 44.11
N TYR E 581 0.56 -16.58 45.16
CA TYR E 581 1.06 -15.18 45.18
C TYR E 581 2.03 -15.05 46.35
N ILE E 582 3.14 -14.34 46.16
CA ILE E 582 4.08 -14.03 47.27
C ILE E 582 4.35 -12.53 47.26
N THR E 583 4.34 -11.93 48.44
CA THR E 583 4.73 -10.51 48.60
C THR E 583 5.75 -10.42 49.73
N HIS E 584 6.35 -9.25 49.82
CA HIS E 584 7.31 -8.90 50.88
C HIS E 584 6.60 -8.01 51.90
N ILE E 585 6.67 -8.38 53.17
CA ILE E 585 6.32 -7.48 54.29
C ILE E 585 7.63 -7.00 54.93
N ARG E 586 7.83 -5.69 55.07
CA ARG E 586 9.07 -5.12 55.68
C ARG E 586 9.24 -5.75 57.06
N ALA E 587 10.51 -5.97 57.43
CA ALA E 587 10.96 -7.03 58.35
C ALA E 587 10.43 -6.81 59.76
N HIS E 588 10.79 -5.73 60.44
CA HIS E 588 10.57 -5.71 61.92
C HIS E 588 9.77 -4.47 62.31
N THR E 589 8.67 -4.18 61.64
CA THR E 589 8.08 -2.82 61.69
C THR E 589 7.54 -2.61 63.11
N ASN E 590 7.08 -3.70 63.75
CA ASN E 590 6.23 -3.74 64.98
C ASN E 590 4.89 -3.06 64.75
N LEU E 591 4.44 -2.99 63.50
CA LEU E 591 3.15 -2.36 63.11
C LEU E 591 1.99 -3.20 63.64
N PRO E 592 0.83 -2.56 63.87
CA PRO E 592 -0.41 -3.28 64.14
C PRO E 592 -0.84 -4.25 63.02
N GLY E 593 -1.78 -5.14 63.34
CA GLY E 593 -2.56 -5.86 62.32
C GLY E 593 -2.25 -7.33 62.35
N PRO E 594 -2.95 -8.12 61.51
CA PRO E 594 -2.74 -9.58 61.41
C PRO E 594 -1.47 -10.01 60.66
N LEU E 595 -0.97 -9.18 59.74
CA LEU E 595 0.23 -9.51 58.95
C LEU E 595 1.45 -9.47 59.87
N THR E 596 1.61 -8.38 60.60
CA THR E 596 2.80 -8.23 61.48
C THR E 596 2.74 -9.32 62.55
N LYS E 597 1.53 -9.64 63.05
CA LYS E 597 1.36 -10.65 64.12
C LYS E 597 1.94 -11.98 63.62
N ALA E 598 1.51 -12.43 62.45
CA ALA E 598 1.90 -13.74 61.90
C ALA E 598 3.39 -13.70 61.52
N ASN E 599 3.84 -12.59 60.93
CA ASN E 599 5.27 -12.41 60.59
C ASN E 599 6.09 -12.55 61.86
N GLU E 600 5.60 -12.05 63.00
CA GLU E 600 6.39 -12.06 64.25
C GLU E 600 6.39 -13.50 64.78
N GLN E 601 5.32 -14.26 64.65
CA GLN E 601 5.34 -15.68 65.09
C GLN E 601 6.42 -16.41 64.24
N ALA E 602 6.49 -16.11 62.95
CA ALA E 602 7.39 -16.83 62.03
C ALA E 602 8.83 -16.54 62.50
N ASP E 603 9.06 -15.32 62.97
CA ASP E 603 10.39 -14.84 63.49
C ASP E 603 10.67 -15.48 64.86
N LEU E 604 9.67 -15.68 65.71
CA LEU E 604 9.87 -16.34 67.02
C LEU E 604 10.32 -17.78 66.76
N LEU E 605 9.59 -18.54 65.93
CA LEU E 605 9.88 -19.97 65.65
C LEU E 605 11.32 -20.18 65.15
N VAL E 606 12.04 -19.16 64.65
CA VAL E 606 13.39 -19.33 64.05
C VAL E 606 14.44 -18.52 64.84
N SER E 607 14.24 -18.36 66.15
CA SER E 607 15.20 -17.75 67.10
C SER E 607 16.02 -18.85 67.79
N SER E 608 17.17 -18.50 68.39
CA SER E 608 17.99 -19.39 69.25
C SER E 608 18.60 -20.50 68.37
N PRO F 42 40.84 34.14 14.03
CA PRO F 42 42.11 34.06 14.74
C PRO F 42 42.64 32.61 14.79
N LYS F 43 43.70 32.38 15.56
CA LYS F 43 44.17 31.00 15.87
C LYS F 43 43.17 30.38 16.85
N PRO F 44 42.42 29.31 16.50
CA PRO F 44 41.41 28.75 17.40
C PRO F 44 42.03 28.15 18.67
N ILE F 45 41.48 28.46 19.85
CA ILE F 45 42.06 27.93 21.11
C ILE F 45 41.50 26.53 21.34
N PRO F 46 42.36 25.55 21.71
CA PRO F 46 41.97 24.15 21.80
C PRO F 46 41.30 23.82 23.14
N LEU F 47 40.47 22.76 23.17
CA LEU F 47 39.81 22.21 24.39
C LEU F 47 40.86 21.56 25.29
N THR F 48 40.61 21.57 26.60
CA THR F 48 41.45 20.84 27.59
C THR F 48 40.80 19.49 27.87
N TRP F 49 41.58 18.43 27.75
CA TRP F 49 41.13 17.00 27.80
C TRP F 49 41.75 16.31 29.02
N LYS F 50 40.95 15.57 29.78
CA LYS F 50 41.39 14.74 30.92
C LYS F 50 42.40 13.71 30.42
N THR F 51 42.27 13.23 29.20
CA THR F 51 43.27 12.31 28.58
C THR F 51 43.27 12.50 27.06
N GLU F 52 44.30 11.95 26.41
CA GLU F 52 44.38 11.89 24.94
C GLU F 52 43.86 10.52 24.45
N LYS F 53 43.60 9.59 25.37
CA LYS F 53 43.26 8.17 25.05
C LYS F 53 41.93 8.16 24.31
N PRO F 54 41.84 7.76 23.02
CA PRO F 54 40.59 7.89 22.30
C PRO F 54 39.53 6.93 22.86
N VAL F 55 38.27 7.29 22.76
CA VAL F 55 37.15 6.36 23.10
C VAL F 55 36.29 6.17 21.85
N TRP F 56 35.97 4.91 21.55
CA TRP F 56 35.29 4.47 20.30
C TRP F 56 33.96 3.80 20.66
N VAL F 57 32.83 4.44 20.36
CA VAL F 57 31.48 3.84 20.55
C VAL F 57 30.94 3.48 19.17
N ASN F 58 30.68 2.20 18.90
CA ASN F 58 30.29 1.68 17.56
C ASN F 58 28.95 2.27 17.18
N GLN F 59 28.83 2.80 15.99
CA GLN F 59 27.53 3.09 15.37
C GLN F 59 26.75 1.81 15.09
N TRP F 60 25.43 1.85 15.24
CA TRP F 60 24.48 0.76 14.91
C TRP F 60 23.95 0.92 13.49
N PRO F 61 23.59 -0.20 12.84
CA PRO F 61 22.87 -0.14 11.56
C PRO F 61 21.61 0.74 11.59
N LEU F 62 21.31 1.35 10.45
CA LEU F 62 20.22 2.32 10.24
C LEU F 62 19.39 1.82 9.06
N PRO F 63 18.06 2.04 8.98
CA PRO F 63 17.34 1.75 7.74
C PRO F 63 17.75 2.64 6.57
N LYS F 64 17.38 2.19 5.34
CA LYS F 64 17.65 2.82 4.04
C LYS F 64 17.35 4.32 4.14
N GLN F 65 16.13 4.71 4.52
CA GLN F 65 15.71 6.14 4.49
C GLN F 65 16.62 6.96 5.41
N LYS F 66 17.03 6.40 6.54
CA LYS F 66 17.83 7.14 7.55
C LYS F 66 19.27 7.25 7.06
N LEU F 67 19.81 6.19 6.44
CA LEU F 67 21.16 6.24 5.79
C LEU F 67 21.19 7.32 4.70
N GLU F 68 20.17 7.37 3.84
CA GLU F 68 20.00 8.39 2.75
C GLU F 68 20.04 9.80 3.37
N ALA F 69 19.21 10.00 4.40
CA ALA F 69 19.04 11.29 5.10
C ALA F 69 20.40 11.67 5.71
N LEU F 70 21.06 10.72 6.36
CA LEU F 70 22.40 10.94 6.97
C LEU F 70 23.39 11.38 5.88
N HIS F 71 23.44 10.70 4.74
CA HIS F 71 24.34 11.04 3.59
C HIS F 71 24.01 12.46 3.12
N LEU F 72 22.73 12.75 2.91
CA LEU F 72 22.31 14.09 2.40
C LEU F 72 22.85 15.19 3.34
N LEU F 73 22.63 15.03 4.65
CA LEU F 73 22.98 16.04 5.69
C LEU F 73 24.50 16.17 5.75
N ALA F 74 25.19 15.04 5.76
CA ALA F 74 26.66 14.94 5.81
C ALA F 74 27.28 15.76 4.68
N ASN F 75 26.74 15.59 3.46
CA ASN F 75 27.21 16.26 2.22
C ASN F 75 26.97 17.76 2.32
N GLU F 76 25.81 18.17 2.84
CA GLU F 76 25.43 19.59 3.09
C GLU F 76 26.39 20.27 4.07
N GLN F 77 26.99 19.51 4.99
CA GLN F 77 27.88 20.12 6.00
C GLN F 77 29.27 20.10 5.40
N LEU F 78 29.58 19.07 4.62
CA LEU F 78 30.85 18.95 3.88
C LEU F 78 31.00 20.16 2.95
N GLU F 79 29.91 20.51 2.26
CA GLU F 79 29.84 21.67 1.33
C GLU F 79 30.17 22.96 2.11
N LYS F 80 29.68 23.07 3.35
CA LYS F 80 29.87 24.28 4.21
C LYS F 80 31.21 24.20 4.95
N GLY F 81 31.99 23.13 4.77
CA GLY F 81 33.29 22.96 5.44
C GLY F 81 33.13 22.78 6.95
N HIS F 82 31.99 22.25 7.38
CA HIS F 82 31.66 21.99 8.79
C HIS F 82 32.31 20.67 9.22
N ILE F 83 32.40 19.72 8.29
CA ILE F 83 33.01 18.38 8.51
C ILE F 83 34.03 18.14 7.40
N GLU F 84 34.95 17.20 7.64
CA GLU F 84 35.90 16.62 6.66
C GLU F 84 35.90 15.10 6.84
N PRO F 85 36.30 14.36 5.78
CA PRO F 85 36.59 12.92 5.88
C PRO F 85 37.48 12.59 7.09
N SER F 86 37.31 11.40 7.66
CA SER F 86 37.95 11.01 8.94
C SER F 86 38.59 9.62 8.85
N PHE F 87 39.64 9.42 9.62
CA PHE F 87 40.27 8.10 9.86
C PHE F 87 40.49 7.99 11.37
N SER F 88 39.67 8.70 12.15
CA SER F 88 39.89 8.98 13.60
C SER F 88 39.79 7.71 14.44
N PRO F 89 40.57 7.51 15.53
CA PRO F 89 40.27 6.43 16.47
C PRO F 89 39.18 6.77 17.51
N TRP F 90 38.54 7.94 17.39
CA TRP F 90 37.30 8.28 18.13
C TRP F 90 36.13 7.83 17.29
N ASN F 91 35.01 7.65 17.93
CA ASN F 91 33.70 7.57 17.25
C ASN F 91 32.60 7.82 18.27
N SER F 92 31.69 8.73 17.87
CA SER F 92 30.38 8.99 18.50
C SER F 92 29.27 8.45 17.60
N PRO F 93 28.26 7.75 18.15
CA PRO F 93 27.10 7.34 17.36
C PRO F 93 26.30 8.56 16.90
N VAL F 94 25.59 8.38 15.78
CA VAL F 94 24.69 9.41 15.17
C VAL F 94 23.37 8.71 14.89
N PHE F 95 22.30 9.50 14.80
CA PHE F 95 20.94 9.04 14.45
C PHE F 95 20.22 10.23 13.81
N VAL F 96 19.08 9.98 13.19
CA VAL F 96 18.33 11.03 12.47
C VAL F 96 16.88 10.97 12.95
N ILE F 97 16.27 12.14 13.11
CA ILE F 97 14.80 12.29 13.35
C ILE F 97 14.18 13.07 12.18
N GLN F 98 13.01 12.66 11.70
CA GLN F 98 12.25 13.48 10.72
C GLN F 98 11.49 14.55 11.49
N LYS F 99 11.70 15.83 11.15
CA LYS F 99 10.99 16.95 11.81
C LYS F 99 9.59 17.11 11.21
N LYS F 100 8.90 18.17 11.63
CA LYS F 100 7.51 18.40 11.18
C LYS F 100 7.52 18.68 9.68
N SER F 101 8.47 19.50 9.23
CA SER F 101 8.62 19.86 7.81
C SER F 101 8.73 18.59 6.95
N GLY F 102 9.22 17.48 7.52
CA GLY F 102 9.44 16.21 6.79
C GLY F 102 10.91 16.00 6.44
N LYS F 103 11.69 17.09 6.42
CA LYS F 103 13.16 17.02 6.33
C LYS F 103 13.73 16.63 7.72
N TRP F 104 15.03 16.38 7.75
CA TRP F 104 15.68 15.52 8.77
C TRP F 104 16.66 16.37 9.56
N ARG F 105 16.95 15.99 10.80
CA ARG F 105 18.00 16.57 11.66
C ARG F 105 18.95 15.42 12.03
N MET F 106 20.26 15.69 12.04
CA MET F 106 21.30 14.73 12.48
C MET F 106 21.57 15.00 13.95
N LEU F 107 21.30 14.02 14.82
CA LEU F 107 21.77 14.04 16.23
C LEU F 107 23.05 13.22 16.37
N THR F 108 23.95 13.64 17.26
CA THR F 108 25.16 12.89 17.66
C THR F 108 25.11 12.68 19.16
N ASP F 109 25.40 11.47 19.64
CA ASP F 109 25.52 11.17 21.10
C ASP F 109 26.98 11.34 21.53
N LEU F 110 27.29 12.49 22.13
CA LEU F 110 28.68 12.89 22.49
C LEU F 110 28.98 12.67 23.97
N ARG F 111 28.15 11.91 24.68
CA ARG F 111 28.34 11.61 26.13
C ARG F 111 29.80 11.20 26.37
N ALA F 112 30.33 10.24 25.62
CA ALA F 112 31.64 9.64 25.95
C ALA F 112 32.76 10.62 25.64
N VAL F 113 32.63 11.50 24.63
CA VAL F 113 33.67 12.54 24.32
C VAL F 113 33.63 13.69 25.35
N ASN F 114 32.42 14.11 25.72
CA ASN F 114 32.21 15.23 26.68
C ASN F 114 32.69 14.83 28.08
N ALA F 115 32.63 13.55 28.44
CA ALA F 115 33.08 13.06 29.76
C ALA F 115 34.60 13.16 29.86
N LEU F 116 35.30 13.33 28.73
CA LEU F 116 36.77 13.46 28.75
C LEU F 116 37.16 14.94 28.73
N ILE F 117 36.22 15.85 28.51
CA ILE F 117 36.59 17.30 28.55
C ILE F 117 36.96 17.64 29.99
N GLN F 118 38.07 18.33 30.22
CA GLN F 118 38.41 18.80 31.60
C GLN F 118 37.71 20.14 31.81
N PRO F 119 36.74 20.26 32.76
CA PRO F 119 36.09 21.54 32.99
C PRO F 119 37.08 22.49 33.68
N MET F 120 37.06 23.77 33.33
CA MET F 120 38.06 24.74 33.87
C MET F 120 37.30 25.98 34.32
N GLY F 121 37.75 26.64 35.40
CA GLY F 121 37.13 27.87 35.95
C GLY F 121 37.24 29.03 34.97
N PRO F 122 36.32 30.02 35.04
CA PRO F 122 36.19 31.04 33.99
C PRO F 122 37.52 31.73 33.62
N LEU F 123 37.79 31.87 32.31
CA LEU F 123 38.93 32.66 31.78
C LEU F 123 38.62 34.15 31.92
N GLN F 124 39.56 34.91 32.51
CA GLN F 124 39.39 36.35 32.88
C GLN F 124 38.40 36.45 34.05
N PRO F 125 38.66 35.75 35.18
CA PRO F 125 37.73 35.70 36.31
C PRO F 125 37.34 37.04 36.96
N GLY F 126 38.23 38.03 36.91
CA GLY F 126 37.96 39.41 37.35
C GLY F 126 37.09 40.15 36.35
N LEU F 127 35.77 39.95 36.43
CA LEU F 127 34.75 40.71 35.66
C LEU F 127 33.51 40.90 36.53
N PRO F 128 32.83 42.07 36.41
CA PRO F 128 31.73 42.41 37.32
C PRO F 128 30.42 41.62 37.15
N SER F 129 29.70 41.46 38.27
CA SER F 129 28.33 40.87 38.36
C SER F 129 27.28 41.83 37.80
N PRO F 130 26.10 41.32 37.37
CA PRO F 130 25.02 42.19 36.91
C PRO F 130 24.41 42.98 38.08
N ALA F 131 24.53 42.48 39.31
CA ALA F 131 24.06 43.19 40.51
C ALA F 131 24.68 44.60 40.55
N MET F 132 26.00 44.68 40.38
CA MET F 132 26.75 45.95 40.52
C MET F 132 26.70 46.75 39.20
N ILE F 133 25.53 47.33 38.93
CA ILE F 133 25.27 48.28 37.80
C ILE F 133 24.49 49.49 38.33
N PRO F 134 24.56 50.65 37.63
CA PRO F 134 23.55 51.70 37.78
C PRO F 134 22.21 51.32 37.14
N LYS F 135 21.14 51.50 37.92
CA LYS F 135 19.72 51.23 37.54
C LYS F 135 19.30 52.11 36.35
N ASP F 136 19.56 53.43 36.38
CA ASP F 136 19.10 54.34 35.31
C ASP F 136 19.76 53.95 33.98
N TRP F 137 21.05 53.56 33.98
CA TRP F 137 21.77 53.07 32.76
C TRP F 137 20.92 52.02 32.03
N PRO F 138 20.63 52.13 30.70
CA PRO F 138 19.68 51.24 30.01
C PRO F 138 20.37 50.00 29.42
N LEU F 139 19.77 48.82 29.56
CA LEU F 139 20.40 47.49 29.27
C LEU F 139 19.84 46.91 27.97
N ILE F 140 20.72 46.33 27.14
CA ILE F 140 20.42 45.37 26.02
C ILE F 140 20.56 43.92 26.52
N ILE F 141 19.56 43.08 26.24
CA ILE F 141 19.48 41.67 26.72
C ILE F 141 19.49 40.73 25.51
N ILE F 142 20.58 39.98 25.28
CA ILE F 142 20.65 38.95 24.20
C ILE F 142 20.50 37.53 24.78
N ASP F 143 19.56 36.77 24.20
CA ASP F 143 19.15 35.40 24.63
C ASP F 143 19.96 34.39 23.81
N LEU F 144 20.86 33.64 24.46
CA LEU F 144 21.81 32.74 23.75
C LEU F 144 21.06 31.56 23.13
N LYS F 145 19.86 31.24 23.65
CA LYS F 145 18.92 30.26 23.05
C LYS F 145 18.48 30.75 21.66
N ASP F 146 18.40 32.07 21.45
CA ASP F 146 17.93 32.66 20.17
C ASP F 146 19.04 32.60 19.12
N CYS F 147 20.32 32.66 19.52
CA CYS F 147 21.49 32.89 18.60
C CYS F 147 21.94 31.63 17.83
N PHE F 148 22.87 31.80 16.88
CA PHE F 148 23.44 30.67 16.13
C PHE F 148 24.92 30.53 16.53
N PHE F 149 25.44 29.30 16.57
CA PHE F 149 26.86 28.99 16.91
C PHE F 149 27.52 28.12 15.82
N THR F 150 28.64 28.59 15.27
CA THR F 150 29.46 27.91 14.23
C THR F 150 30.92 28.07 14.66
N ILE F 151 31.33 27.45 15.77
CA ILE F 151 32.62 27.77 16.45
C ILE F 151 33.72 26.90 15.86
N PRO F 152 34.68 27.49 15.13
CA PRO F 152 35.80 26.73 14.57
C PRO F 152 36.65 26.08 15.67
N LEU F 153 37.09 24.84 15.41
CA LEU F 153 37.91 24.00 16.32
C LEU F 153 39.38 24.04 15.88
N ALA F 154 40.29 23.81 16.82
CA ALA F 154 41.73 23.63 16.56
C ALA F 154 41.91 22.30 15.82
N GLU F 155 42.93 22.19 14.96
CA GLU F 155 43.11 20.98 14.09
C GLU F 155 43.13 19.73 14.98
N GLN F 156 43.75 19.81 16.16
CA GLN F 156 43.90 18.62 17.03
C GLN F 156 42.53 18.18 17.55
N ASP F 157 41.61 19.10 17.80
CA ASP F 157 40.27 18.80 18.39
C ASP F 157 39.38 18.07 17.38
N CYS F 158 39.50 18.28 16.07
CA CYS F 158 38.57 17.72 15.07
C CYS F 158 38.45 16.18 15.18
N GLU F 159 39.58 15.50 15.40
CA GLU F 159 39.70 14.03 15.57
C GLU F 159 38.66 13.49 16.57
N LYS F 160 38.51 14.15 17.70
CA LYS F 160 37.69 13.75 18.87
C LYS F 160 36.23 13.64 18.43
N PHE F 161 35.78 14.49 17.52
CA PHE F 161 34.38 14.49 17.06
C PHE F 161 34.22 13.74 15.73
N ALA F 162 34.36 12.41 15.72
CA ALA F 162 34.17 11.63 14.47
C ALA F 162 32.89 10.79 14.53
N PHE F 163 32.28 10.56 13.38
CA PHE F 163 31.12 9.65 13.30
C PHE F 163 31.12 8.87 12.00
N THR F 164 30.27 7.84 11.96
CA THR F 164 30.26 6.82 10.89
C THR F 164 28.87 6.78 10.26
N ILE F 165 28.80 6.77 8.94
CA ILE F 165 27.59 6.34 8.20
C ILE F 165 27.77 4.89 7.77
N PRO F 166 27.03 3.89 8.32
CA PRO F 166 27.18 2.49 7.92
C PRO F 166 26.69 2.20 6.51
N ALA F 167 27.10 1.06 5.98
CA ALA F 167 26.61 0.52 4.70
C ALA F 167 25.64 -0.63 4.97
N ILE F 168 24.54 -0.72 4.23
CA ILE F 168 23.63 -1.91 4.27
C ILE F 168 24.50 -3.15 4.00
N ASN F 169 24.40 -4.12 4.89
CA ASN F 169 24.95 -5.49 4.69
C ASN F 169 26.47 -5.40 4.66
N ASN F 170 27.08 -4.34 5.20
CA ASN F 170 28.56 -4.12 5.20
C ASN F 170 29.11 -4.36 3.78
N LYS F 171 28.32 -4.01 2.75
CA LYS F 171 28.63 -4.26 1.31
C LYS F 171 29.88 -3.45 0.91
N GLU F 172 30.04 -2.25 1.47
CA GLU F 172 31.23 -1.40 1.21
C GLU F 172 31.73 -0.82 2.53
N PRO F 173 32.97 -0.29 2.57
CA PRO F 173 33.47 0.39 3.77
C PRO F 173 32.53 1.54 4.17
N ALA F 174 32.38 1.79 5.47
CA ALA F 174 31.49 2.86 5.94
C ALA F 174 32.10 4.20 5.53
N THR F 175 31.28 5.24 5.37
CA THR F 175 31.73 6.64 5.17
C THR F 175 31.97 7.28 6.55
N ARG F 176 33.13 7.86 6.82
CA ARG F 176 33.47 8.37 8.18
C ARG F 176 33.84 9.85 8.07
N PHE F 177 33.51 10.65 9.08
CA PHE F 177 33.75 12.11 9.06
C PHE F 177 34.15 12.64 10.44
N GLN F 178 34.67 13.87 10.46
CA GLN F 178 35.07 14.62 11.68
C GLN F 178 34.44 16.01 11.56
N TRP F 179 34.15 16.67 12.68
CA TRP F 179 33.70 18.09 12.74
C TRP F 179 34.93 18.99 12.65
N LYS F 180 34.86 20.08 11.87
CA LYS F 180 35.86 21.20 11.85
C LYS F 180 35.40 22.30 12.79
N VAL F 181 34.11 22.26 13.18
CA VAL F 181 33.45 23.23 14.11
C VAL F 181 32.90 22.48 15.33
N LEU F 182 32.83 23.15 16.49
CA LEU F 182 32.34 22.51 17.75
C LEU F 182 30.91 22.04 17.53
N PRO F 183 30.62 20.74 17.72
CA PRO F 183 29.29 20.20 17.44
C PRO F 183 28.31 20.80 18.44
N GLN F 184 27.10 21.12 17.99
CA GLN F 184 26.16 22.05 18.68
C GLN F 184 25.93 21.59 20.14
N GLY F 185 25.76 20.27 20.34
CA GLY F 185 25.43 19.68 21.65
C GLY F 185 26.44 20.00 22.74
N MET F 186 27.73 20.16 22.40
CA MET F 186 28.82 20.40 23.39
C MET F 186 28.63 21.75 24.10
N LEU F 187 27.88 22.69 23.51
CA LEU F 187 27.58 24.00 24.15
C LEU F 187 26.82 23.77 25.46
N ASN F 188 26.07 22.67 25.56
CA ASN F 188 25.32 22.27 26.78
C ASN F 188 26.29 21.94 27.94
N SER F 189 27.60 21.74 27.68
CA SER F 189 28.65 21.80 28.74
C SER F 189 28.83 23.24 29.17
N PRO F 190 28.62 23.61 30.45
CA PRO F 190 28.68 25.01 30.86
C PRO F 190 30.08 25.61 30.70
N THR F 191 31.12 24.88 31.10
N THR F 191 31.11 24.90 31.12
CA THR F 191 32.51 25.39 31.10
CA THR F 191 32.51 25.41 31.12
C THR F 191 32.91 25.75 29.67
C THR F 191 32.92 25.75 29.68
N ILE F 192 32.68 24.85 28.72
CA ILE F 192 33.07 25.05 27.29
C ILE F 192 32.50 26.40 26.81
N CYS F 193 31.17 26.54 26.95
CA CYS F 193 30.40 27.74 26.53
C CYS F 193 30.93 29.00 27.25
N GLN F 194 31.16 28.90 28.56
CA GLN F 194 31.68 30.02 29.42
C GLN F 194 33.06 30.42 28.93
N THR F 195 33.93 29.43 28.71
CA THR F 195 35.34 29.65 28.33
C THR F 195 35.33 30.30 26.94
N PHE F 196 34.47 29.81 26.05
CA PHE F 196 34.42 30.28 24.64
C PHE F 196 33.99 31.74 24.58
N VAL F 197 32.85 32.08 25.19
CA VAL F 197 32.37 33.50 25.22
C VAL F 197 33.39 34.34 25.99
N GLY F 198 33.98 33.80 27.06
CA GLY F 198 35.00 34.52 27.87
C GLY F 198 36.11 35.09 26.99
N ARG F 199 36.70 34.19 26.19
CA ARG F 199 37.82 34.50 25.27
C ARG F 199 37.31 35.46 24.18
N ALA F 200 36.06 35.30 23.77
CA ALA F 200 35.42 36.06 22.67
C ALA F 200 35.05 37.48 23.10
N LEU F 201 34.89 37.82 24.37
CA LEU F 201 34.51 39.19 24.77
C LEU F 201 35.73 39.85 25.43
N GLN F 202 36.80 39.10 25.69
CA GLN F 202 38.04 39.74 26.22
C GLN F 202 38.35 41.00 25.38
N PRO F 203 38.33 40.93 24.03
CA PRO F 203 38.56 42.12 23.20
C PRO F 203 37.59 43.30 23.38
N VAL F 204 36.29 43.01 23.42
CA VAL F 204 35.22 44.02 23.64
C VAL F 204 35.34 44.58 25.06
N ARG F 205 35.87 43.81 26.01
CA ARG F 205 36.04 44.24 27.41
C ARG F 205 37.20 45.25 27.44
N GLU F 206 38.25 44.98 26.66
CA GLU F 206 39.50 45.80 26.59
C GLU F 206 39.18 47.24 26.13
N LYS F 207 38.61 47.37 24.94
CA LYS F 207 38.26 48.68 24.32
C LYS F 207 37.27 49.41 25.23
N PHE F 208 36.21 48.74 25.67
CA PHE F 208 35.03 49.40 26.25
C PHE F 208 35.08 49.25 27.77
N SER F 209 36.15 49.75 28.40
CA SER F 209 36.32 49.89 29.88
C SER F 209 35.09 50.56 30.53
N ASP F 210 34.44 51.49 29.82
CA ASP F 210 33.40 52.44 30.33
C ASP F 210 32.07 51.70 30.55
N CYS F 211 31.84 50.63 29.78
CA CYS F 211 30.53 49.95 29.68
C CYS F 211 30.57 48.61 30.42
N TYR F 212 29.40 48.01 30.63
CA TYR F 212 29.20 46.74 31.39
C TYR F 212 28.69 45.65 30.43
N ILE F 213 29.48 44.62 30.16
CA ILE F 213 29.11 43.48 29.25
C ILE F 213 29.27 42.18 30.04
N ILE F 214 28.17 41.44 30.31
CA ILE F 214 28.23 40.24 31.19
C ILE F 214 27.44 39.08 30.57
N HIS F 215 27.96 37.88 30.77
CA HIS F 215 27.34 36.57 30.45
C HIS F 215 26.65 36.06 31.71
N TYR F 216 25.34 36.11 31.76
CA TYR F 216 24.71 35.66 33.01
C TYR F 216 23.65 34.61 32.68
N ILE F 217 23.85 33.32 32.99
CA ILE F 217 22.81 32.25 32.83
C ILE F 217 22.12 32.22 31.44
N ASP F 218 22.87 31.99 30.36
CA ASP F 218 22.30 31.81 29.00
C ASP F 218 21.84 33.18 28.50
N ASP F 219 22.35 34.27 29.08
CA ASP F 219 22.10 35.63 28.55
C ASP F 219 23.43 36.34 28.43
N ILE F 220 23.43 37.23 27.43
CA ILE F 220 24.47 38.28 27.32
C ILE F 220 23.80 39.63 27.59
N LEU F 221 24.27 40.32 28.63
CA LEU F 221 23.78 41.67 29.02
C LEU F 221 24.83 42.71 28.59
N CYS F 222 24.39 43.84 28.06
CA CYS F 222 25.27 44.96 27.63
C CYS F 222 24.55 46.25 27.99
N ALA F 223 25.09 47.05 28.91
CA ALA F 223 24.50 48.27 29.53
C ALA F 223 25.55 49.38 29.51
N ALA F 224 25.14 50.65 29.41
CA ALA F 224 26.07 51.80 29.26
C ALA F 224 25.44 53.11 29.75
N GLU F 225 26.27 54.15 29.84
CA GLU F 225 25.95 55.48 30.42
C GLU F 225 24.80 56.11 29.63
N THR F 226 24.98 56.30 28.33
CA THR F 226 24.01 56.98 27.44
C THR F 226 23.72 56.08 26.23
N LYS F 227 22.51 56.16 25.65
CA LYS F 227 22.12 55.43 24.42
C LYS F 227 23.18 55.66 23.32
N ASP F 228 23.64 56.90 23.15
N ASP F 228 23.64 56.91 23.17
CA ASP F 228 24.72 57.26 22.18
CA ASP F 228 24.72 57.32 22.23
C ASP F 228 25.94 56.37 22.45
C ASP F 228 25.93 56.41 22.45
N LYS F 229 26.60 56.55 23.60
CA LYS F 229 27.78 55.74 24.01
C LYS F 229 27.51 54.25 23.76
N LEU F 230 26.31 53.79 24.14
CA LEU F 230 25.93 52.35 24.21
C LEU F 230 25.90 51.77 22.79
N ILE F 231 25.15 52.37 21.88
CA ILE F 231 24.76 51.68 20.62
C ILE F 231 26.01 51.44 19.76
N ASP F 232 27.01 52.32 19.81
CA ASP F 232 28.27 52.07 19.07
C ASP F 232 28.85 50.77 19.63
N CYS F 233 28.91 50.64 20.96
CA CYS F 233 29.53 49.48 21.68
C CYS F 233 28.92 48.18 21.13
N TYR F 234 27.59 48.09 21.19
CA TYR F 234 26.82 46.92 20.70
C TYR F 234 27.28 46.53 19.28
N THR F 235 27.07 47.43 18.33
CA THR F 235 27.28 47.16 16.87
C THR F 235 28.69 46.62 16.63
N PHE F 236 29.68 47.04 17.41
CA PHE F 236 31.07 46.52 17.34
C PHE F 236 31.06 45.06 17.79
N LEU F 237 30.46 44.84 18.97
CA LEU F 237 30.24 43.51 19.58
C LEU F 237 29.57 42.56 18.58
N GLN F 238 28.49 43.00 17.95
CA GLN F 238 27.74 42.08 17.05
C GLN F 238 28.69 41.61 15.94
N ALA F 239 29.50 42.50 15.41
CA ALA F 239 30.46 42.23 14.33
C ALA F 239 31.57 41.35 14.88
N GLU F 240 32.08 41.64 16.09
CA GLU F 240 33.21 40.90 16.72
C GLU F 240 32.82 39.44 16.99
N VAL F 241 31.63 39.20 17.55
CA VAL F 241 31.19 37.82 17.90
C VAL F 241 30.87 37.04 16.61
N ALA F 242 30.32 37.71 15.59
CA ALA F 242 30.10 37.10 14.27
C ALA F 242 31.43 36.54 13.75
N ASN F 243 32.57 37.16 14.07
CA ASN F 243 33.90 36.72 13.57
C ASN F 243 34.30 35.45 14.31
N ALA F 244 33.87 35.32 15.57
CA ALA F 244 34.12 34.16 16.47
C ALA F 244 33.12 33.04 16.20
N GLY F 245 32.12 33.28 15.35
CA GLY F 245 31.17 32.22 14.93
C GLY F 245 29.84 32.33 15.64
N LEU F 246 29.62 33.34 16.47
CA LEU F 246 28.32 33.53 17.17
C LEU F 246 27.40 34.38 16.30
N ALA F 247 26.34 33.81 15.72
CA ALA F 247 25.43 34.57 14.84
C ALA F 247 24.24 35.02 15.68
N ILE F 248 24.23 36.26 16.15
CA ILE F 248 23.02 36.86 16.80
C ILE F 248 21.96 37.03 15.71
N ALA F 249 20.69 36.92 16.08
CA ALA F 249 19.51 37.36 15.28
C ALA F 249 19.20 38.84 15.53
N SER F 250 18.27 39.42 14.77
CA SER F 250 17.87 40.86 14.81
C SER F 250 16.46 41.01 15.41
N ASP F 251 15.47 40.29 14.89
CA ASP F 251 14.08 40.31 15.40
C ASP F 251 14.03 39.66 16.79
N LYS F 252 15.03 38.83 17.11
CA LYS F 252 15.19 38.20 18.46
C LYS F 252 16.16 38.98 19.35
N ILE F 253 16.13 40.33 19.32
CA ILE F 253 16.81 41.22 20.33
C ILE F 253 15.75 41.81 21.29
N GLN F 254 16.15 42.23 22.51
CA GLN F 254 15.27 42.80 23.58
C GLN F 254 16.00 43.86 24.42
N THR F 255 15.31 44.96 24.75
CA THR F 255 15.85 46.15 25.46
C THR F 255 14.91 46.45 26.64
N SER F 256 15.47 46.75 27.82
CA SER F 256 14.71 47.12 29.05
C SER F 256 15.60 47.87 30.06
N THR F 257 15.03 48.30 31.18
CA THR F 257 15.80 48.86 32.32
C THR F 257 16.44 47.70 33.08
N PRO F 258 17.67 47.88 33.61
CA PRO F 258 18.26 46.91 34.55
C PRO F 258 17.30 46.50 35.68
N PHE F 259 16.70 47.48 36.36
CA PHE F 259 15.80 47.23 37.52
C PHE F 259 14.71 46.24 37.10
N HIS F 260 14.06 46.52 35.97
CA HIS F 260 12.90 45.72 35.51
C HIS F 260 13.41 44.29 35.26
N TYR F 261 14.50 44.16 34.50
CA TYR F 261 15.03 42.85 34.02
C TYR F 261 15.52 42.03 35.21
N LEU F 262 16.36 42.60 36.09
CA LEU F 262 16.97 41.80 37.18
C LEU F 262 15.88 41.22 38.08
N GLY F 263 14.88 42.03 38.45
CA GLY F 263 13.78 41.61 39.33
C GLY F 263 12.94 40.55 38.65
N MET F 264 12.68 40.72 37.35
CA MET F 264 11.80 39.79 36.61
C MET F 264 12.55 38.46 36.41
N GLN F 265 13.86 38.49 36.30
CA GLN F 265 14.70 37.27 36.22
C GLN F 265 14.31 36.37 37.40
N ILE F 266 14.40 36.89 38.63
CA ILE F 266 14.09 36.10 39.86
C ILE F 266 12.70 35.46 39.69
N GLU F 267 11.72 36.23 39.20
CA GLU F 267 10.32 35.77 39.03
C GLU F 267 10.21 34.75 37.91
N ASN F 268 11.06 34.84 36.89
CA ASN F 268 11.04 33.99 35.66
C ASN F 268 11.40 32.55 36.03
N ARG F 269 12.47 32.41 36.82
CA ARG F 269 13.23 31.16 37.07
C ARG F 269 12.93 30.64 38.49
N LYS F 270 11.86 31.11 39.13
CA LYS F 270 11.56 30.76 40.54
C LYS F 270 10.99 29.35 40.60
N ILE F 271 11.37 28.57 41.62
CA ILE F 271 10.76 27.26 41.97
C ILE F 271 9.25 27.45 42.14
N LYS F 272 8.44 26.51 41.62
CA LYS F 272 7.00 26.37 41.96
C LYS F 272 6.91 25.55 43.24
N PRO F 273 6.62 26.14 44.42
CA PRO F 273 6.63 25.35 45.65
C PRO F 273 5.39 24.44 45.65
N GLN F 274 5.51 23.16 46.03
CA GLN F 274 4.54 22.12 45.61
C GLN F 274 3.91 21.45 46.84
N LYS F 275 2.57 21.50 46.92
CA LYS F 275 1.76 20.88 48.00
C LYS F 275 1.58 19.41 47.63
N ILE F 276 2.68 18.74 47.34
CA ILE F 276 2.72 17.35 46.83
C ILE F 276 2.09 16.44 47.88
N GLU F 277 1.52 15.30 47.48
CA GLU F 277 0.70 14.42 48.37
C GLU F 277 0.99 12.95 48.02
N ILE F 278 0.76 12.04 48.95
CA ILE F 278 0.74 10.60 48.64
C ILE F 278 -0.54 10.33 47.85
N ARG F 279 -0.50 9.61 46.71
CA ARG F 279 -1.71 9.29 45.91
C ARG F 279 -2.58 8.30 46.69
N LYS F 280 -3.87 8.60 46.88
CA LYS F 280 -4.71 7.94 47.92
C LYS F 280 -5.84 7.12 47.29
N ASP F 281 -6.17 7.39 46.02
CA ASP F 281 -7.27 6.66 45.34
C ASP F 281 -6.82 5.21 45.17
N THR F 282 -5.51 4.95 45.09
CA THR F 282 -4.93 3.59 44.91
CA THR F 282 -4.91 3.59 44.91
C THR F 282 -4.95 2.77 46.20
N LEU F 283 -5.12 3.42 47.35
CA LEU F 283 -5.12 2.71 48.67
C LEU F 283 -6.52 2.14 48.96
N LYS F 284 -6.73 0.84 48.75
CA LYS F 284 -8.08 0.21 48.84
C LYS F 284 -8.03 -0.99 49.79
N THR F 285 -6.97 -1.79 49.70
CA THR F 285 -6.89 -3.11 50.36
C THR F 285 -5.82 -3.12 51.44
N LEU F 286 -5.87 -4.14 52.30
CA LEU F 286 -4.88 -4.39 53.37
C LEU F 286 -3.48 -4.30 52.74
N ASN F 287 -3.27 -5.03 51.67
CA ASN F 287 -1.94 -5.15 51.02
C ASN F 287 -1.44 -3.72 50.75
N ASP F 288 -2.28 -2.88 50.14
CA ASP F 288 -1.84 -1.49 49.79
C ASP F 288 -1.36 -0.79 51.07
N PHE F 289 -2.11 -0.85 52.15
CA PHE F 289 -1.81 -0.09 53.40
C PHE F 289 -0.55 -0.66 54.05
N GLN F 290 -0.38 -1.98 54.03
CA GLN F 290 0.76 -2.64 54.72
C GLN F 290 2.05 -2.11 54.07
N LYS F 291 2.07 -2.12 52.75
CA LYS F 291 3.24 -1.63 51.97
C LYS F 291 3.52 -0.16 52.35
N LEU F 292 2.50 0.69 52.21
CA LEU F 292 2.65 2.16 52.41
C LEU F 292 3.06 2.42 53.86
N LEU F 293 2.41 1.80 54.82
CA LEU F 293 2.63 2.09 56.25
C LEU F 293 4.02 1.58 56.68
N GLY F 294 4.50 0.48 56.12
CA GLY F 294 5.91 0.03 56.26
C GLY F 294 6.90 1.12 55.92
N ASP F 295 6.72 1.78 54.77
CA ASP F 295 7.70 2.76 54.26
C ASP F 295 7.56 4.05 55.09
N ILE F 296 6.34 4.39 55.52
CA ILE F 296 6.13 5.63 56.34
C ILE F 296 6.75 5.41 57.72
N ASN F 297 6.52 4.24 58.32
CA ASN F 297 7.04 3.94 59.68
C ASN F 297 8.57 3.94 59.62
N TRP F 298 9.16 3.53 58.51
CA TRP F 298 10.64 3.40 58.38
C TRP F 298 11.26 4.79 58.30
N ILE F 299 10.61 5.70 57.59
CA ILE F 299 11.13 7.08 57.38
C ILE F 299 10.77 7.97 58.57
N ARG F 300 9.86 7.53 59.44
CA ARG F 300 9.22 8.39 60.48
C ARG F 300 10.24 9.07 61.40
N PRO F 301 11.26 8.35 61.94
CA PRO F 301 12.28 9.01 62.77
C PRO F 301 13.05 10.16 62.10
N THR F 302 13.30 10.04 60.81
CA THR F 302 14.07 11.01 59.98
C THR F 302 13.30 12.30 59.82
N LEU F 303 11.97 12.19 59.74
CA LEU F 303 10.98 13.30 59.64
C LEU F 303 10.75 13.95 60.99
N GLY F 304 11.15 13.29 62.08
CA GLY F 304 11.01 13.83 63.43
C GLY F 304 9.58 13.82 63.89
N ILE F 305 8.78 12.86 63.44
CA ILE F 305 7.38 12.67 63.90
C ILE F 305 7.54 11.68 65.02
N PRO F 306 6.87 11.87 66.17
CA PRO F 306 7.02 10.97 67.31
C PRO F 306 6.27 9.67 67.02
N THR F 307 6.67 8.59 67.67
CA THR F 307 6.25 7.22 67.30
C THR F 307 4.75 7.05 67.59
N TYR F 308 4.23 7.78 68.60
CA TYR F 308 2.83 7.66 69.08
C TYR F 308 1.91 8.47 68.14
N ALA F 309 2.47 9.33 67.29
CA ALA F 309 1.68 10.37 66.57
C ALA F 309 1.00 9.82 65.31
N MET F 310 1.24 8.57 64.90
CA MET F 310 0.75 7.94 63.65
C MET F 310 -0.19 6.76 63.96
N SER F 311 -0.65 6.66 65.21
CA SER F 311 -1.45 5.54 65.77
C SER F 311 -2.73 5.36 64.97
N ASN F 312 -3.43 6.43 64.59
CA ASN F 312 -4.75 6.33 63.91
C ASN F 312 -4.53 5.76 62.51
N LEU F 313 -3.52 6.27 61.80
CA LEU F 313 -3.08 5.70 60.51
C LEU F 313 -2.74 4.23 60.66
N PHE F 314 -1.85 3.90 61.59
CA PHE F 314 -1.23 2.57 61.71
C PHE F 314 -2.31 1.55 62.10
N SER F 315 -3.36 1.98 62.79
CA SER F 315 -4.41 1.05 63.29
C SER F 315 -5.31 0.59 62.15
N ILE F 316 -5.31 1.26 61.00
CA ILE F 316 -6.11 0.90 59.80
C ILE F 316 -5.82 -0.56 59.42
N LEU F 317 -4.61 -1.05 59.69
CA LEU F 317 -4.13 -2.42 59.36
C LEU F 317 -4.97 -3.45 60.09
N ARG F 318 -5.50 -3.11 61.28
CA ARG F 318 -6.33 -4.05 62.09
C ARG F 318 -7.51 -4.50 61.22
N GLY F 319 -7.97 -5.74 61.40
CA GLY F 319 -9.23 -6.24 60.83
C GLY F 319 -9.04 -7.55 60.07
N ASP F 320 -9.75 -7.73 58.97
CA ASP F 320 -9.70 -8.96 58.15
C ASP F 320 -8.25 -9.16 57.66
N SER F 321 -7.72 -10.38 57.82
CA SER F 321 -6.39 -10.83 57.37
C SER F 321 -6.32 -10.96 55.86
N ASP F 322 -7.46 -11.04 55.17
CA ASP F 322 -7.47 -11.28 53.69
C ASP F 322 -6.77 -10.08 53.06
N LEU F 323 -5.82 -10.33 52.15
CA LEU F 323 -4.96 -9.28 51.57
C LEU F 323 -5.79 -8.35 50.68
N ASN F 324 -6.94 -8.82 50.21
CA ASN F 324 -7.85 -8.01 49.35
C ASN F 324 -8.94 -7.33 50.17
N SER F 325 -9.06 -7.62 51.46
CA SER F 325 -10.12 -7.00 52.30
C SER F 325 -9.94 -5.47 52.31
N LYS F 326 -11.06 -4.75 52.41
CA LYS F 326 -11.14 -3.26 52.34
C LYS F 326 -10.50 -2.65 53.59
N ARG F 327 -9.93 -1.46 53.43
CA ARG F 327 -9.35 -0.63 54.51
C ARG F 327 -9.68 0.81 54.15
N ILE F 328 -10.13 1.63 55.09
CA ILE F 328 -10.74 2.96 54.80
C ILE F 328 -10.08 3.95 55.76
N LEU F 329 -9.50 5.01 55.18
CA LEU F 329 -8.91 6.14 55.91
C LEU F 329 -10.00 6.81 56.76
N THR F 330 -9.82 6.91 58.08
CA THR F 330 -10.55 7.86 58.97
C THR F 330 -10.08 9.28 58.65
N PRO F 331 -10.86 10.34 58.98
CA PRO F 331 -10.35 11.71 58.93
C PRO F 331 -9.07 11.90 59.76
N GLU F 332 -8.97 11.22 60.90
CA GLU F 332 -7.83 11.34 61.84
C GLU F 332 -6.59 10.69 61.23
N ALA F 333 -6.75 9.48 60.65
CA ALA F 333 -5.68 8.81 59.87
C ALA F 333 -5.24 9.70 58.70
N THR F 334 -6.18 10.39 58.05
CA THR F 334 -5.84 11.27 56.90
C THR F 334 -4.95 12.42 57.40
N LYS F 335 -5.24 12.98 58.57
CA LYS F 335 -4.46 14.14 59.08
C LYS F 335 -3.08 13.62 59.44
N GLU F 336 -2.95 12.38 59.89
CA GLU F 336 -1.62 11.81 60.23
C GLU F 336 -0.82 11.63 58.93
N ILE F 337 -1.49 11.30 57.83
CA ILE F 337 -0.82 11.22 56.49
C ILE F 337 -0.30 12.62 56.12
N LYS F 338 -1.08 13.66 56.41
CA LYS F 338 -0.77 15.07 56.08
C LYS F 338 0.49 15.47 56.86
N LEU F 339 0.78 14.85 58.01
CA LEU F 339 2.03 15.14 58.77
C LEU F 339 3.22 14.81 57.87
N VAL F 340 3.20 13.61 57.29
CA VAL F 340 4.28 13.05 56.42
C VAL F 340 4.36 13.93 55.16
N GLU F 341 3.23 14.29 54.56
CA GLU F 341 3.19 15.14 53.34
C GLU F 341 3.81 16.50 53.64
N GLU F 342 3.47 17.08 54.79
CA GLU F 342 3.92 18.46 55.12
C GLU F 342 5.44 18.43 55.34
N LYS F 343 5.98 17.41 56.00
CA LYS F 343 7.45 17.26 56.19
C LYS F 343 8.12 17.10 54.82
N ILE F 344 7.56 16.31 53.90
CA ILE F 344 8.17 16.11 52.56
C ILE F 344 8.07 17.41 51.75
N GLN F 345 6.97 18.15 51.85
CA GLN F 345 6.82 19.48 51.20
C GLN F 345 7.88 20.43 51.74
N SER F 346 8.22 20.32 53.02
CA SER F 346 9.13 21.25 53.72
C SER F 346 10.58 20.99 53.28
N ALA F 347 10.89 19.79 52.77
CA ALA F 347 12.18 19.41 52.17
C ALA F 347 12.46 20.22 50.89
N GLN F 348 11.43 20.60 50.15
CA GLN F 348 11.65 21.42 48.93
C GLN F 348 12.33 22.73 49.30
N ILE F 349 13.44 23.07 48.68
CA ILE F 349 14.21 24.31 49.02
C ILE F 349 13.53 25.48 48.30
N ASN F 350 13.83 26.69 48.73
CA ASN F 350 13.12 27.91 48.29
C ASN F 350 13.79 28.43 47.03
N ARG F 351 15.12 28.51 47.04
CA ARG F 351 15.93 28.82 45.84
C ARG F 351 17.07 27.80 45.75
N ILE F 352 17.48 27.52 44.51
CA ILE F 352 18.69 26.70 44.20
C ILE F 352 19.94 27.54 44.53
N GLY F 353 21.02 26.88 45.00
CA GLY F 353 22.37 27.46 44.99
C GLY F 353 22.81 27.75 43.56
N PRO F 354 23.56 28.85 43.31
CA PRO F 354 23.75 29.35 41.96
C PRO F 354 24.93 28.72 41.19
N LEU F 355 25.92 28.16 41.90
CA LEU F 355 27.11 27.54 41.24
C LEU F 355 26.82 26.07 40.89
N ALA F 356 26.19 25.29 41.78
CA ALA F 356 26.24 23.81 41.80
C ALA F 356 25.23 23.23 40.82
N PRO F 357 25.58 22.17 40.03
CA PRO F 357 24.77 21.74 38.90
C PRO F 357 23.64 20.80 39.35
N LEU F 358 22.58 20.68 38.52
CA LEU F 358 21.27 20.07 38.90
C LEU F 358 21.21 18.65 38.32
N GLN F 359 20.50 17.73 38.99
CA GLN F 359 20.32 16.36 38.45
C GLN F 359 18.83 16.11 38.27
N LEU F 360 18.51 15.07 37.51
CA LEU F 360 17.09 14.63 37.35
C LEU F 360 16.98 13.18 37.78
N LEU F 361 16.09 12.88 38.72
CA LEU F 361 15.73 11.48 39.09
C LEU F 361 14.42 11.13 38.38
N ILE F 362 14.39 9.98 37.74
CA ILE F 362 13.11 9.50 37.13
C ILE F 362 12.68 8.24 37.86
N PHE F 363 11.47 8.17 38.39
CA PHE F 363 10.97 6.95 39.07
C PHE F 363 9.91 6.29 38.16
N ALA F 364 9.90 4.97 38.02
CA ALA F 364 8.88 4.32 37.19
C ALA F 364 7.66 4.00 38.05
N THR F 365 6.98 5.04 38.53
CA THR F 365 5.67 4.93 39.20
C THR F 365 4.65 4.31 38.24
N ALA F 366 3.62 3.64 38.76
CA ALA F 366 2.44 3.14 38.02
C ALA F 366 1.78 4.25 37.18
N HIS F 367 1.46 3.93 35.92
N HIS F 367 1.17 3.88 36.04
CA HIS F 367 0.53 4.68 35.02
CA HIS F 367 0.47 4.74 35.04
C HIS F 367 1.28 5.84 34.35
C HIS F 367 1.45 5.70 34.37
N SER F 368 1.97 6.68 35.12
CA SER F 368 2.76 7.83 34.60
C SER F 368 4.04 7.90 35.43
N PRO F 369 5.27 8.09 34.88
CA PRO F 369 6.46 8.15 35.71
C PRO F 369 6.53 9.49 36.45
N THR F 370 7.38 9.57 37.45
CA THR F 370 7.59 10.79 38.27
C THR F 370 9.01 11.26 37.99
N GLY F 371 9.22 12.56 37.88
CA GLY F 371 10.57 13.12 37.86
C GLY F 371 10.78 14.00 39.07
N ILE F 372 12.02 14.08 39.55
CA ILE F 372 12.40 15.01 40.65
C ILE F 372 13.68 15.74 40.25
N ILE F 373 13.63 17.06 40.17
CA ILE F 373 14.83 17.89 39.96
C ILE F 373 15.51 18.05 41.32
N ILE F 374 16.80 17.78 41.37
CA ILE F 374 17.61 17.86 42.61
C ILE F 374 18.92 18.59 42.34
N GLN F 375 19.44 19.26 43.35
CA GLN F 375 20.79 19.87 43.34
C GLN F 375 21.59 19.05 44.34
N ASN F 376 22.25 17.98 43.88
CA ASN F 376 23.02 17.14 44.82
C ASN F 376 21.96 16.70 45.81
N THR F 377 22.20 16.83 47.11
CA THR F 377 21.38 16.23 48.19
C THR F 377 20.01 16.93 48.33
N ASP F 378 19.81 18.07 47.67
CA ASP F 378 18.59 18.89 47.88
C ASP F 378 17.51 18.50 46.87
N LEU F 379 16.28 18.35 47.35
CA LEU F 379 15.05 18.31 46.52
C LEU F 379 14.69 19.73 46.07
N VAL F 380 14.54 19.94 44.76
CA VAL F 380 14.31 21.30 44.17
C VAL F 380 12.86 21.44 43.74
N GLU F 381 12.38 20.50 42.91
CA GLU F 381 11.00 20.56 42.32
C GLU F 381 10.61 19.17 41.80
N TRP F 382 9.33 18.89 41.67
CA TRP F 382 8.80 17.63 41.08
C TRP F 382 8.44 17.86 39.60
N SER F 383 8.51 16.82 38.75
CA SER F 383 8.02 16.97 37.37
C SER F 383 7.06 15.85 37.04
N PHE F 384 5.97 16.19 36.37
CA PHE F 384 4.87 15.24 36.04
C PHE F 384 4.43 15.47 34.60
N LEU F 385 4.05 14.44 33.85
CA LEU F 385 3.43 14.68 32.52
C LEU F 385 2.07 15.30 32.78
N PRO F 386 1.58 16.25 31.94
CA PRO F 386 0.29 16.89 32.21
C PRO F 386 -0.83 15.83 32.21
N HIS F 387 -1.62 15.69 33.28
CA HIS F 387 -2.58 14.57 33.44
C HIS F 387 -3.41 14.41 32.16
N SER F 388 -3.96 15.52 31.67
CA SER F 388 -4.87 15.54 30.50
C SER F 388 -4.31 14.67 29.37
N THR F 389 -2.99 14.68 29.15
CA THR F 389 -2.33 14.07 27.97
C THR F 389 -1.98 12.59 28.21
N VAL F 390 -2.13 12.07 29.44
CA VAL F 390 -1.51 10.77 29.86
C VAL F 390 -2.13 9.58 29.09
N LYS F 391 -3.47 9.50 28.89
CA LYS F 391 -4.18 8.31 28.32
C LYS F 391 -3.77 8.06 26.85
N THR F 392 -3.18 9.08 26.23
CA THR F 392 -2.77 9.18 24.81
C THR F 392 -1.44 8.44 24.58
N PHE F 393 -0.66 8.21 25.64
CA PHE F 393 0.63 7.47 25.56
C PHE F 393 0.47 6.08 26.20
N THR F 394 0.24 5.03 25.43
CA THR F 394 0.23 3.67 26.02
C THR F 394 1.61 3.02 25.76
N LEU F 395 2.63 3.81 25.44
CA LEU F 395 4.01 3.30 25.60
C LEU F 395 4.68 4.01 26.76
N TYR F 396 4.97 3.27 27.82
CA TYR F 396 5.52 3.82 29.08
C TYR F 396 6.93 4.38 28.82
N LEU F 397 7.70 3.71 27.98
CA LEU F 397 9.05 4.19 27.57
C LEU F 397 8.93 5.60 26.97
N ASP F 398 7.90 5.82 26.16
CA ASP F 398 7.67 7.11 25.46
C ASP F 398 7.38 8.18 26.52
N GLN F 399 6.69 7.80 27.60
CA GLN F 399 6.30 8.72 28.70
C GLN F 399 7.57 9.13 29.44
N ILE F 400 8.41 8.16 29.78
CA ILE F 400 9.74 8.42 30.38
C ILE F 400 10.45 9.44 29.49
N ALA F 401 10.44 9.24 28.17
CA ALA F 401 11.23 10.09 27.25
C ALA F 401 10.61 11.50 27.19
N THR F 402 9.28 11.58 27.13
CA THR F 402 8.58 12.88 27.02
C THR F 402 8.83 13.66 28.32
N LEU F 403 8.82 12.99 29.48
CA LEU F 403 9.05 13.62 30.80
C LEU F 403 10.48 14.17 30.87
N ILE F 404 11.44 13.38 30.38
CA ILE F 404 12.87 13.79 30.40
C ILE F 404 13.01 15.10 29.61
N GLY F 405 12.43 15.15 28.41
CA GLY F 405 12.47 16.35 27.55
C GLY F 405 11.88 17.55 28.24
N GLN F 406 10.71 17.37 28.86
CA GLN F 406 9.90 18.44 29.51
C GLN F 406 10.69 18.97 30.73
N THR F 407 11.24 18.06 31.53
CA THR F 407 12.00 18.41 32.76
C THR F 407 13.35 19.03 32.40
N ARG F 408 14.00 18.57 31.34
CA ARG F 408 15.23 19.20 30.82
C ARG F 408 14.99 20.70 30.58
N LEU F 409 13.85 21.02 29.97
CA LEU F 409 13.45 22.40 29.64
C LEU F 409 13.31 23.19 30.95
N ARG F 410 12.59 22.59 31.90
CA ARG F 410 12.31 23.19 33.22
C ARG F 410 13.64 23.45 33.94
N ILE F 411 14.55 22.49 33.93
CA ILE F 411 15.85 22.59 34.66
C ILE F 411 16.68 23.67 33.98
N THR F 412 16.55 23.80 32.66
CA THR F 412 17.26 24.86 31.90
C THR F 412 16.68 26.21 32.33
N LYS F 413 15.36 26.28 32.49
CA LYS F 413 14.72 27.52 33.02
C LYS F 413 15.26 27.82 34.43
N LEU F 414 15.30 26.82 35.30
CA LEU F 414 15.71 26.96 36.71
C LEU F 414 17.13 27.52 36.77
N CYS F 415 18.10 26.95 36.04
CA CYS F 415 19.56 27.16 36.29
C CYS F 415 20.31 27.62 35.04
N GLY F 416 19.70 27.59 33.86
CA GLY F 416 20.34 28.06 32.61
C GLY F 416 21.05 26.97 31.83
N ASN F 417 21.09 25.72 32.34
CA ASN F 417 21.80 24.57 31.72
C ASN F 417 20.98 23.27 31.85
N ASP F 418 21.30 22.30 31.02
CA ASP F 418 20.83 20.89 31.13
C ASP F 418 21.29 20.36 32.48
N PRO F 419 20.65 19.29 33.01
CA PRO F 419 21.21 18.60 34.17
C PRO F 419 22.57 18.00 33.78
N ASP F 420 23.50 17.85 34.73
CA ASP F 420 24.78 17.16 34.46
C ASP F 420 24.53 15.65 34.49
N LYS F 421 23.42 15.19 35.06
CA LYS F 421 23.12 13.74 35.19
C LYS F 421 21.60 13.46 35.20
N ILE F 422 21.15 12.47 34.42
CA ILE F 422 19.75 11.96 34.44
C ILE F 422 19.77 10.51 34.92
N VAL F 423 19.03 10.20 35.98
CA VAL F 423 19.06 8.86 36.63
C VAL F 423 17.74 8.16 36.30
N VAL F 424 17.82 7.06 35.56
CA VAL F 424 16.64 6.44 34.91
C VAL F 424 16.57 4.98 35.32
N PRO F 425 15.37 4.35 35.28
CA PRO F 425 15.21 2.97 35.72
C PRO F 425 15.52 1.98 34.58
N LEU F 426 16.70 2.11 33.95
CA LEU F 426 17.12 1.32 32.77
C LEU F 426 18.62 1.01 32.89
N THR F 427 19.05 -0.20 32.49
CA THR F 427 20.48 -0.61 32.46
C THR F 427 21.18 0.11 31.30
N LYS F 428 22.52 0.09 31.29
CA LYS F 428 23.33 0.61 30.15
C LYS F 428 22.83 0.01 28.83
N GLU F 429 22.58 -1.30 28.83
CA GLU F 429 22.20 -2.03 27.59
C GLU F 429 20.81 -1.54 27.16
N GLN F 430 19.88 -1.36 28.12
CA GLN F 430 18.50 -0.91 27.80
C GLN F 430 18.55 0.51 27.24
N VAL F 431 19.43 1.37 27.75
CA VAL F 431 19.54 2.76 27.21
C VAL F 431 20.09 2.68 25.79
N ARG F 432 21.05 1.79 25.56
CA ARG F 432 21.65 1.68 24.21
C ARG F 432 20.58 1.16 23.24
N GLN F 433 19.79 0.15 23.62
CA GLN F 433 18.70 -0.33 22.74
C GLN F 433 17.66 0.79 22.52
N ALA F 434 17.42 1.65 23.50
CA ALA F 434 16.39 2.70 23.38
C ALA F 434 16.80 3.72 22.33
N PHE F 435 18.08 4.11 22.36
CA PHE F 435 18.67 5.08 21.40
C PHE F 435 18.52 4.54 19.98
N ILE F 436 18.58 3.21 19.85
CA ILE F 436 18.49 2.51 18.54
C ILE F 436 17.06 2.52 18.02
N ASN F 437 16.10 2.11 18.86
CA ASN F 437 14.71 1.76 18.44
C ASN F 437 13.72 2.91 18.64
N SER F 438 13.83 3.67 19.73
CA SER F 438 12.71 4.54 20.22
C SER F 438 12.92 5.98 19.80
N GLY F 439 12.01 6.48 18.98
CA GLY F 439 12.06 7.84 18.42
C GLY F 439 11.80 8.88 19.50
N ALA F 440 10.84 8.58 20.38
CA ALA F 440 10.53 9.36 21.60
C ALA F 440 11.81 9.57 22.42
N TRP F 441 12.58 8.51 22.69
CA TRP F 441 13.82 8.58 23.49
C TRP F 441 14.82 9.51 22.81
N GLN F 442 14.97 9.35 21.50
CA GLN F 442 15.96 10.10 20.67
C GLN F 442 15.62 11.59 20.77
N ILE F 443 14.35 11.93 20.63
CA ILE F 443 13.87 13.34 20.67
C ILE F 443 14.07 13.89 22.08
N GLY F 444 13.71 13.09 23.08
CA GLY F 444 13.77 13.51 24.48
C GLY F 444 15.21 13.73 24.94
N LEU F 445 16.18 12.97 24.43
CA LEU F 445 17.58 13.08 24.94
C LEU F 445 18.52 13.62 23.87
N ALA F 446 17.94 14.26 22.85
CA ALA F 446 18.66 15.09 21.84
C ALA F 446 19.64 16.01 22.56
N ASN F 447 20.91 16.00 22.14
CA ASN F 447 21.98 16.95 22.52
C ASN F 447 22.24 16.86 24.02
N PHE F 448 21.89 15.73 24.66
CA PHE F 448 22.36 15.42 26.04
C PHE F 448 23.80 14.91 26.05
N VAL F 449 24.67 15.56 26.81
CA VAL F 449 26.12 15.20 26.88
C VAL F 449 26.49 14.85 28.32
N GLY F 450 25.56 14.93 29.26
CA GLY F 450 25.82 14.56 30.66
C GLY F 450 25.84 13.05 30.85
N ILE F 451 25.84 12.60 32.09
CA ILE F 451 25.79 11.16 32.49
C ILE F 451 24.33 10.70 32.45
N ILE F 452 24.05 9.57 31.82
CA ILE F 452 22.78 8.83 32.06
C ILE F 452 23.14 7.53 32.75
N ASP F 453 22.52 7.24 33.89
CA ASP F 453 22.80 5.98 34.60
C ASP F 453 21.59 5.70 35.48
N ASN F 454 21.73 4.64 36.28
CA ASN F 454 20.64 3.98 37.04
C ASN F 454 21.05 3.86 38.51
N HIS F 455 21.93 4.75 38.97
CA HIS F 455 22.39 4.83 40.38
C HIS F 455 21.55 5.88 41.12
N TYR F 456 20.56 5.45 41.92
CA TYR F 456 19.63 6.35 42.63
C TYR F 456 20.26 6.73 43.96
N PRO F 457 19.90 7.91 44.52
CA PRO F 457 20.49 8.40 45.78
C PRO F 457 20.53 7.39 46.95
N LYS F 458 21.50 7.52 47.87
CA LYS F 458 21.65 6.65 49.07
C LYS F 458 20.93 7.30 50.26
N THR F 459 20.41 8.53 50.10
CA THR F 459 19.66 9.35 51.09
C THR F 459 18.40 8.62 51.52
N LYS F 460 18.11 8.55 52.82
CA LYS F 460 16.86 7.91 53.32
C LYS F 460 15.61 8.61 52.72
N ILE F 461 15.56 9.93 52.67
CA ILE F 461 14.35 10.61 52.12
C ILE F 461 14.14 10.17 50.66
N PHE F 462 15.19 10.20 49.85
CA PHE F 462 15.11 9.88 48.40
C PHE F 462 14.77 8.40 48.19
N GLN F 463 15.30 7.52 49.04
CA GLN F 463 14.89 6.09 49.06
C GLN F 463 13.40 5.98 49.35
N PHE F 464 12.89 6.81 50.27
CA PHE F 464 11.46 6.73 50.70
C PHE F 464 10.55 7.18 49.56
N LEU F 465 10.98 8.21 48.83
CA LEU F 465 10.18 8.76 47.71
C LEU F 465 10.11 7.74 46.56
N LYS F 466 11.20 7.00 46.34
CA LYS F 466 11.29 5.96 45.28
C LYS F 466 10.37 4.80 45.61
N LEU F 467 10.09 4.52 46.88
CA LEU F 467 9.24 3.37 47.29
C LEU F 467 7.76 3.75 47.23
N THR F 468 7.41 5.01 47.07
CA THR F 468 6.03 5.46 47.36
C THR F 468 5.55 6.30 46.19
N THR F 469 4.24 6.43 46.03
CA THR F 469 3.64 7.05 44.82
C THR F 469 3.08 8.41 45.23
N TRP F 470 3.45 9.46 44.52
CA TRP F 470 2.98 10.83 44.87
C TRP F 470 2.23 11.45 43.70
N ILE F 471 1.28 12.31 44.01
CA ILE F 471 0.49 13.10 43.03
C ILE F 471 0.55 14.58 43.43
N LEU F 472 0.34 15.46 42.44
CA LEU F 472 0.19 16.91 42.62
C LEU F 472 -1.24 17.25 42.21
N PRO F 473 -2.14 17.68 43.11
CA PRO F 473 -3.47 18.09 42.69
C PRO F 473 -3.45 19.57 42.28
MG MG I . -38.73 -9.86 -56.06
N1 DCP J . -32.16 -12.20 -51.93
C2 DCP J . -30.95 -12.89 -51.88
N3 DCP J . -30.97 -14.19 -51.48
C4 DCP J . -32.12 -14.79 -51.14
C5 DCP J . -33.35 -14.11 -51.26
C6 DCP J . -33.33 -12.82 -51.66
O2 DCP J . -29.89 -12.30 -52.20
N4 DCP J . -32.06 -16.05 -50.77
C1' DCP J . -32.13 -10.78 -52.37
C2' DCP J . -31.81 -10.61 -53.86
C3' DCP J . -33.20 -10.45 -54.48
C4' DCP J . -33.96 -9.72 -53.37
O4' DCP J . -33.41 -10.24 -52.14
O3' DCP J . -33.13 -9.66 -55.67
C5' DCP J . -35.44 -9.96 -53.36
O5' DCP J . -35.64 -11.40 -53.30
PA DCP J . -36.85 -12.00 -54.16
O1A DCP J . -37.89 -10.94 -54.39
O2A DCP J . -37.24 -13.32 -53.59
O3A DCP J . -36.09 -12.19 -55.57
PB DCP J . -36.10 -11.24 -56.86
O1B DCP J . -35.75 -9.82 -56.55
O2B DCP J . -35.31 -11.98 -57.90
O3B DCP J . -37.65 -11.22 -57.18
PG DCP J . -38.64 -12.04 -58.15
O1G DCP J . -38.18 -11.73 -59.50
O2G DCP J . -40.02 -11.47 -57.83
O3G DCP J . -38.49 -13.52 -57.85
C1 DIO K . -46.58 -0.22 -7.40
C2 DIO K . -45.09 1.54 -7.70
C1' DIO K . -47.45 0.63 -6.57
C2' DIO K . -45.89 2.37 -6.72
O1 DIO K . -45.90 0.58 -8.37
O1' DIO K . -46.67 1.55 -5.83
C1 DIO L . -39.37 -12.47 7.43
C2 DIO L . -40.89 -14.20 6.91
C1' DIO L . -38.39 -13.49 7.91
C2' DIO L . -39.94 -15.20 7.56
O1 DIO L . -40.19 -13.03 6.41
O1' DIO L . -39.05 -14.59 8.53
C1 DIO M . -22.94 -32.92 3.84
C2 DIO M . -23.43 -31.74 1.88
C1' DIO M . -24.40 -33.13 4.09
C2' DIO M . -24.90 -31.92 2.15
O1 DIO M . -22.67 -32.81 2.45
O1' DIO M . -25.16 -32.04 3.55
C1 DIO N . -37.38 -18.04 -8.53
C2 DIO N . -35.63 -18.59 -9.98
C1' DIO N . -36.74 -16.72 -8.27
C2' DIO N . -34.96 -17.29 -9.67
O1 DIO N . -37.06 -18.48 -9.85
O1' DIO N . -35.32 -16.81 -8.37
C1 DIO O . -49.72 7.04 -39.69
C2 DIO O . -48.38 6.21 -37.97
C1' DIO O . -48.52 7.15 -40.56
C2' DIO O . -47.17 6.37 -38.84
O1 DIO O . -49.55 5.97 -38.77
O1' DIO O . -47.35 7.41 -39.80
C1 EDO P . -39.21 7.09 -4.97
O1 EDO P . -37.95 7.67 -4.68
C2 EDO P . -39.80 7.60 -6.24
O2 EDO P . -40.90 6.84 -6.71
K K Q . -19.99 -15.86 -5.77
K K R . -32.77 5.57 -47.95
K K S . -29.65 -21.19 -15.41
MG MG T . -15.25 -17.10 9.02
C1 DIO U . -31.86 17.22 -21.93
C2 DIO U . -32.82 15.24 -22.67
C1' DIO U . -31.32 16.53 -20.72
C2' DIO U . -32.39 14.53 -21.39
O1 DIO U . -31.94 16.31 -23.02
O1' DIO U . -32.19 15.46 -20.31
C1 DIO V . -26.38 4.31 -9.05
C2 DIO V . -25.82 3.14 -10.95
C1' DIO V . -25.28 3.64 -8.29
C2' DIO V . -24.74 2.44 -10.22
O1 DIO V . -26.01 4.44 -10.41
O1' DIO V . -25.02 2.36 -8.83
C1 DIO W . -26.38 3.15 -4.12
C2 DIO W . -24.29 3.10 -3.16
C1' DIO W . -26.83 4.16 -3.12
C2' DIO W . -24.69 4.11 -2.16
O1 DIO W . -25.00 3.31 -4.36
O1' DIO W . -26.09 4.05 -1.90
C1 DIO X . -9.08 -8.37 23.96
C2 DIO X . -11.31 -8.20 24.56
C1' DIO X . -9.16 -9.85 24.18
C2' DIO X . -11.39 -9.67 24.76
O1 DIO X . -10.35 -7.87 23.58
O1' DIO X . -10.13 -10.17 25.18
C1 PG6 Y . -2.10 -1.28 -14.81
O1 PG6 Y . -3.00 -0.49 -14.04
C2 PG6 Y . -3.39 -1.06 -12.79
C3 PG6 Y . -4.89 -0.95 -12.60
O2 PG6 Y . -5.23 0.32 -12.04
C4 PG6 Y . -5.72 1.23 -13.02
C5 PG6 Y . -6.06 2.55 -12.38
O3 PG6 Y . -5.83 3.61 -13.31
C6 PG6 Y . -4.74 4.46 -12.97
C7 PG6 Y . -4.69 5.61 -13.92
O4 PG6 Y . -3.76 5.35 -14.96
C8 PG6 Y . -4.30 5.51 -16.28
C9 PG6 Y . -4.00 4.30 -17.14
O5 PG6 Y . -4.83 4.32 -18.31
C10 PG6 Y . -4.68 3.15 -19.13
C11 PG6 Y . -5.24 1.92 -18.45
O6 PG6 Y . -5.93 1.06 -19.35
C12 PG6 Y . -7.06 0.37 -18.78
C1 DIO Z . -17.81 18.52 -20.16
C2 DIO Z . -20.11 18.20 -20.36
C1' DIO Z . -17.85 18.11 -18.73
C2' DIO Z . -20.19 17.89 -18.88
O1 DIO Z . -18.83 17.85 -20.89
O1' DIO Z . -19.10 18.47 -18.13
C1 DIO AA . 2.54 8.91 -11.42
C2 DIO AA . 3.50 7.54 -13.09
C1' DIO AA . 3.03 7.95 -10.39
C2' DIO AA . 3.91 6.56 -12.02
O1 DIO AA . 3.37 8.87 -12.58
O1' DIO AA . 3.00 6.63 -10.91
C1 DIO BA . -17.20 2.80 1.03
C2 DIO BA . -18.47 0.90 1.45
C1' DIO BA . -17.98 3.07 -0.19
C2' DIO BA . -19.17 1.06 0.16
O1 DIO BA . -18.05 2.16 1.98
O1' DIO BA . -18.40 1.83 -0.77
C1 DIO CA . 1.61 8.15 4.16
C2 DIO CA . 2.75 6.34 3.25
C1' DIO CA . 1.28 8.62 2.80
C2' DIO CA . 2.47 6.85 1.90
O1 DIO CA . 1.74 6.74 4.16
O1' DIO CA . 2.34 8.25 1.93
C1 DIO DA . -18.78 20.71 -35.13
C2 DIO DA . -16.74 21.40 -36.01
C1' DIO DA . -19.53 21.55 -36.11
C2' DIO DA . -17.46 22.44 -36.87
O1 DIO DA . -17.55 20.26 -35.71
O1' DIO DA . -18.80 22.75 -36.42
C1 DIO EA . -5.96 17.72 -36.77
C2 DIO EA . -4.15 17.22 -38.14
C1' DIO EA . -6.86 17.02 -37.71
C2' DIO EA . -5.09 16.63 -39.14
O1 DIO EA . -4.66 17.15 -36.81
O1' DIO EA . -6.39 17.22 -39.03
C1 DIO FA . -16.22 20.75 -25.79
C2 DIO FA . -13.99 20.14 -26.03
C1' DIO FA . -16.23 21.23 -27.20
C2' DIO FA . -13.97 20.73 -27.42
O1 DIO FA . -15.29 19.68 -25.66
O1' DIO FA . -14.95 21.75 -27.55
C1 EDO GA . -22.38 24.09 -35.50
O1 EDO GA . -21.92 24.68 -36.71
C2 EDO GA . -23.46 24.87 -34.84
O2 EDO GA . -22.94 25.85 -33.94
K K HA . -19.96 -4.62 -38.49
K K IA . -8.24 22.67 -26.02
K K JA . -29.63 -5.47 -43.56
K K KA . -26.16 -25.64 -28.10
MG MG LA . 10.52 -12.74 -3.54
C1 DIO MA . 17.03 -29.13 53.17
C2 DIO MA . 18.06 -29.21 51.05
C1' DIO MA . 15.71 -29.20 52.52
C2' DIO MA . 16.71 -29.18 50.43
O1 DIO MA . 18.02 -29.77 52.37
O1' DIO MA . 15.77 -28.53 51.27
MG MG NA . 44.10 -10.55 -3.69
C1 DIO OA . -0.83 -12.06 18.58
C2 DIO OA . 0.00 -9.91 18.96
C1' DIO OA . -1.88 -11.49 17.69
C2' DIO OA . -1.07 -9.32 18.07
O1 DIO OA . 0.34 -11.25 18.54
O1' DIO OA . -2.23 -10.15 18.08
C1 DIO PA . 5.47 -0.52 32.93
C2 DIO PA . 7.71 -0.59 32.41
C1' DIO PA . 5.82 -0.23 34.34
C2' DIO PA . 8.08 -0.38 33.83
O1 DIO PA . 6.47 0.02 32.09
O1' DIO PA . 7.03 -0.87 34.68
PA TTP QA . 44.92 -11.91 -0.72
O1A TTP QA . 44.15 -11.89 -2.00
O2A TTP QA . 45.05 -13.19 0.05
O3A TTP QA . 46.41 -11.39 -1.04
PB TTP QA . 46.99 -10.42 -2.18
O1B TTP QA . 48.01 -9.50 -1.59
O2B TTP QA . 45.85 -9.86 -2.99
O3B TTP QA . 47.76 -11.45 -3.12
PG TTP QA . 47.01 -12.45 -4.09
O1G TTP QA . 45.52 -12.06 -4.07
O2G TTP QA . 47.62 -12.33 -5.46
O3G TTP QA . 47.32 -13.76 -3.42
O5' TTP QA . 44.30 -10.82 0.28
C5' TTP QA . 44.18 -9.42 -0.07
C4' TTP QA . 44.79 -8.60 1.03
O4' TTP QA . 44.49 -9.19 2.31
C3' TTP QA . 46.30 -8.52 1.06
O3' TTP QA . 46.81 -7.61 0.07
C2' TTP QA . 46.53 -8.02 2.47
C1' TTP QA . 45.39 -8.63 3.26
N1 TTP QA . 45.82 -9.70 4.19
C2 TTP QA . 46.63 -9.32 5.24
O2 TTP QA . 46.95 -8.16 5.45
N3 TTP QA . 47.06 -10.37 6.03
C4 TTP QA . 46.77 -11.71 5.87
O4 TTP QA . 47.24 -12.54 6.66
C5 TTP QA . 45.95 -12.03 4.73
C5M TTP QA . 45.60 -13.47 4.51
C6 TTP QA . 45.51 -11.02 3.95
C1 EDO RA . 67.79 -9.17 -2.83
O1 EDO RA . 68.47 -9.83 -1.78
C2 EDO RA . 66.53 -9.88 -3.19
O2 EDO RA . 65.97 -9.40 -4.40
C1 EDO SA . 1.95 -31.82 45.47
O1 EDO SA . 2.17 -30.55 46.05
C2 EDO SA . 2.35 -31.85 44.03
O2 EDO SA . 1.86 -33.00 43.36
C1 EDO TA . 2.32 -20.28 20.82
O1 EDO TA . 2.41 -20.25 22.24
C2 EDO TA . 1.12 -19.61 20.24
O2 EDO TA . 0.18 -19.13 21.23
C1 DIO UA . 5.46 -12.99 38.22
C2 DIO UA . 6.18 -10.98 39.16
C1' DIO UA . 4.07 -12.57 38.40
C2' DIO UA . 4.77 -10.69 39.55
O1 DIO UA . 6.25 -11.83 38.02
O1' DIO UA . 3.97 -11.87 39.63
C1 DIO VA . 8.81 -2.86 6.57
C2 DIO VA . 8.67 -4.15 4.63
C1' DIO VA . 9.88 -2.05 5.95
C2' DIO VA . 9.75 -3.34 4.02
O1 DIO VA . 7.94 -3.39 5.58
O1' DIO VA . 10.63 -2.85 5.03
C1 DIO WA . 27.09 -14.27 6.44
C2 DIO WA . 25.53 -15.37 7.73
C1' DIO WA . 28.07 -15.35 6.67
C2' DIO WA . 26.50 -16.44 8.07
O1 DIO WA . 25.79 -14.82 6.44
O1' DIO WA . 27.85 -15.98 7.94
C1 DIO XA . 24.63 -14.31 17.25
C2 DIO XA . 23.91 -14.96 15.13
C1' DIO XA . 23.96 -15.50 17.84
C2' DIO XA . 23.17 -16.11 15.76
O1 DIO XA . 25.04 -14.59 15.92
O1' DIO XA . 22.79 -15.79 17.10
C1 DIO YA . 19.77 -29.00 16.16
C2 DIO YA . 18.38 -30.62 17.10
C1' DIO YA . 20.81 -30.04 15.92
C2' DIO YA . 19.40 -31.66 16.79
O1 DIO YA . 18.46 -29.57 16.14
O1' DIO YA . 20.69 -31.09 16.88
C1 DIO ZA . 18.29 -4.11 -5.70
C2 DIO ZA . 20.27 -5.25 -5.18
C1' DIO ZA . 19.07 -3.18 -6.57
C2' DIO ZA . 21.04 -4.29 -6.01
O1 DIO ZA . 18.92 -5.38 -5.62
O1' DIO ZA . 20.38 -3.02 -6.05
C1 EDO AB . 0.33 -29.45 36.93
O1 EDO AB . 0.89 -28.18 36.62
C2 EDO AB . 1.10 -30.59 36.36
O2 EDO AB . 2.20 -31.02 37.15
C1 DIO BB . 53.03 2.98 -6.54
C2 DIO BB . 55.29 2.53 -6.56
C1' DIO BB . 52.76 1.79 -7.36
C2' DIO BB . 55.05 1.37 -7.45
O1 DIO BB . 54.17 2.75 -5.73
O1' DIO BB . 53.87 1.56 -8.22
C1 DIO CB . 11.45 -28.35 31.26
C2 DIO CB . 11.62 -27.05 29.35
C1' DIO CB . 10.32 -29.08 30.68
C2' DIO CB . 10.50 -27.78 28.75
O1 DIO CB . 12.33 -27.91 30.24
O1' DIO CB . 9.61 -28.23 29.76
C1 DIO DB . -1.71 -12.57 37.01
C2 DIO DB . -3.21 -11.88 38.70
C1' DIO DB . -2.60 -11.99 35.99
C2' DIO DB . -4.19 -11.47 37.63
O1 DIO DB . -1.85 -11.84 38.24
O1' DIO DB . -3.96 -12.16 36.39
C1 DIO EB . -1.99 -23.45 38.06
C2 DIO EB . -1.09 -25.59 37.74
C1' DIO EB . -2.16 -23.30 36.57
C2' DIO EB . -1.35 -25.48 36.27
O1 DIO EB . -2.08 -24.84 38.45
O1' DIO EB . -1.21 -24.12 35.86
CL CL FB . 22.87 -22.79 32.26
K K GB . 37.51 -4.29 8.95
K K HB . 17.50 -12.90 43.61
C1 DIO IB . 12.15 0.49 30.96
C2 DIO IB . 10.45 1.20 32.33
C1' DIO IB . 11.56 1.21 29.80
C2' DIO IB . 9.72 1.73 31.09
O1 DIO IB . 11.86 1.21 32.16
O1' DIO IB . 10.16 1.12 29.88
C1 PG6 JB . 27.74 10.15 47.04
O1 PG6 JB . 27.21 9.93 45.73
C2 PG6 JB . 26.05 9.10 45.65
C3 PG6 JB . 25.61 8.95 44.20
O2 PG6 JB . 24.22 8.65 44.12
C4 PG6 JB . 23.65 8.95 42.85
C5 PG6 JB . 22.58 10.00 42.98
O3 PG6 JB . 22.86 11.13 42.14
C6 PG6 JB . 23.78 12.06 42.73
C7 PG6 JB . 23.91 13.30 41.87
O4 PG6 JB . 25.22 13.86 42.02
C8 PG6 JB . 25.82 14.27 40.79
C9 PG6 JB . 27.17 13.58 40.62
O5 PG6 JB . 27.39 13.28 39.24
C10 PG6 JB . 28.54 12.47 38.99
C11 PG6 JB . 28.27 11.01 39.32
O6 PG6 JB . 27.94 10.27 38.16
C12 PG6 JB . 27.34 8.99 38.38
C1 DIO KB . 15.92 20.29 25.31
C2 DIO KB . 14.96 19.29 23.43
C1' DIO KB . 15.05 19.50 26.19
C2' DIO KB . 14.00 18.53 24.32
O1 DIO KB . 16.20 19.56 24.11
O1' DIO KB . 13.80 19.22 25.56
C1 DIO LB . 22.97 21.87 47.48
C2 DIO LB . 25.18 21.27 47.00
C1' DIO LB . 23.24 21.66 48.92
C2' DIO LB . 25.42 20.99 48.45
O1 DIO LB . 24.16 22.26 46.80
O1' DIO LB . 24.20 20.63 49.10
C1 DIO MB . -9.62 -12.27 60.25
C2 DIO MB . -10.54 -13.59 58.55
C1' DIO MB . -10.83 -12.50 61.10
C2' DIO MB . -11.81 -13.74 59.37
O1 DIO MB . -9.38 -13.36 59.37
O1' DIO MB . -11.99 -12.64 60.28
C1 DIO NB . 16.23 17.31 52.59
C2 DIO NB . 17.41 15.63 51.47
C1' DIO NB . 15.47 17.61 51.34
C2' DIO NB . 16.70 16.01 50.20
O1 DIO NB . 16.63 15.96 52.62
O1' DIO NB . 16.31 17.39 50.23
C1 EDO OB . 8.74 2.62 66.52
O1 EDO OB . 8.83 2.13 67.84
C2 EDO OB . 8.97 1.59 65.47
O2 EDO OB . 9.44 2.18 64.27
CL CL PB . -5.04 11.77 46.19
K K QB . 37.86 0.13 18.28
K K RB . 23.81 27.69 24.64
MG MG SB . 28.47 12.76 29.30
#